data_7U37
#
_entry.id   7U37
#
_entity_poly.entity_id   1
_entity_poly.type   'polypeptide(L)'
_entity_poly.pdbx_seq_one_letter_code
;GMILNELKAAIESKNGATRQELARRFALSEDGIDAMLAVWIKKGVLSRQQYINAEDEVVRVRYVMNQVGSLAVNVTM
;
_entity_poly.pdbx_strand_id   A
#
# COMPACT_ATOMS: atom_id res chain seq x y z
N GLY A 1 -7.34 13.36 3.67
CA GLY A 1 -6.14 12.95 2.96
C GLY A 1 -6.02 13.61 1.61
N MET A 2 -5.07 13.15 0.81
CA MET A 2 -4.85 13.71 -0.52
C MET A 2 -4.39 12.63 -1.50
N ILE A 3 -3.35 11.91 -1.13
CA ILE A 3 -2.81 10.84 -1.98
C ILE A 3 -3.15 9.47 -1.40
N LEU A 4 -3.35 9.41 -0.10
CA LEU A 4 -3.68 8.16 0.58
C LEU A 4 -4.92 7.52 -0.05
N ASN A 5 -5.92 8.34 -0.34
CA ASN A 5 -7.16 7.85 -0.95
C ASN A 5 -6.96 7.60 -2.45
N GLU A 6 -6.30 8.52 -3.12
CA GLU A 6 -6.05 8.40 -4.55
C GLU A 6 -5.31 7.10 -4.86
N LEU A 7 -4.31 6.79 -4.05
CA LEU A 7 -3.51 5.58 -4.24
C LEU A 7 -4.28 4.35 -3.75
N LYS A 8 -5.04 4.51 -2.67
CA LYS A 8 -5.83 3.42 -2.11
C LYS A 8 -6.74 2.82 -3.16
N ALA A 9 -7.38 3.68 -3.95
CA ALA A 9 -8.29 3.22 -5.01
C ALA A 9 -7.51 2.77 -6.24
N ALA A 10 -6.56 3.61 -6.68
CA ALA A 10 -5.76 3.29 -7.85
C ALA A 10 -5.11 1.93 -7.72
N ILE A 11 -4.65 1.61 -6.51
CA ILE A 11 -4.01 0.32 -6.26
C ILE A 11 -5.04 -0.77 -6.05
N GLU A 12 -6.13 -0.44 -5.36
CA GLU A 12 -7.19 -1.40 -5.10
C GLU A 12 -7.75 -1.98 -6.40
N SER A 13 -7.64 -1.20 -7.47
CA SER A 13 -8.14 -1.64 -8.77
C SER A 13 -6.97 -1.96 -9.71
N LYS A 14 -6.18 -0.94 -10.03
CA LYS A 14 -5.04 -1.11 -10.92
C LYS A 14 -3.79 -1.51 -10.13
N ASN A 15 -2.69 -1.71 -10.83
CA ASN A 15 -1.43 -2.09 -10.20
C ASN A 15 -1.07 -1.12 -9.08
N GLY A 16 -0.03 -1.46 -8.32
CA GLY A 16 0.39 -0.61 -7.23
C GLY A 16 1.91 -0.49 -7.14
N ALA A 17 2.39 0.21 -6.12
CA ALA A 17 3.82 0.40 -5.92
C ALA A 17 4.18 0.38 -4.45
N THR A 18 5.48 0.44 -4.16
CA THR A 18 5.96 0.43 -2.79
C THR A 18 6.04 1.83 -2.22
N ARG A 19 6.62 1.96 -1.02
CA ARG A 19 6.76 3.25 -0.37
C ARG A 19 7.66 4.17 -1.18
N GLN A 20 8.49 3.58 -2.03
CA GLN A 20 9.41 4.35 -2.87
C GLN A 20 8.64 5.15 -3.92
N GLU A 21 7.91 4.44 -4.78
CA GLU A 21 7.14 5.09 -5.83
C GLU A 21 6.08 6.01 -5.24
N LEU A 22 5.56 5.64 -4.08
CA LEU A 22 4.54 6.44 -3.40
C LEU A 22 5.08 7.81 -3.03
N ALA A 23 6.19 7.82 -2.29
CA ALA A 23 6.82 9.07 -1.88
C ALA A 23 7.29 9.88 -3.08
N ARG A 24 7.61 9.18 -4.17
CA ARG A 24 8.08 9.84 -5.38
C ARG A 24 6.98 10.71 -5.99
N ARG A 25 5.85 10.09 -6.29
CA ARG A 25 4.72 10.81 -6.87
C ARG A 25 4.25 11.93 -5.95
N PHE A 26 4.29 11.68 -4.65
CA PHE A 26 3.88 12.68 -3.66
C PHE A 26 4.96 13.74 -3.47
N ALA A 27 6.17 13.43 -3.90
CA ALA A 27 7.28 14.36 -3.77
C ALA A 27 7.61 14.64 -2.31
N LEU A 28 7.71 13.57 -1.52
CA LEU A 28 8.01 13.71 -0.10
C LEU A 28 8.86 12.55 0.40
N SER A 29 9.32 12.65 1.64
CA SER A 29 10.15 11.60 2.23
C SER A 29 9.37 10.29 2.35
N GLU A 30 10.07 9.18 2.11
CA GLU A 30 9.45 7.86 2.19
C GLU A 30 8.97 7.57 3.61
N ASP A 31 9.64 8.17 4.59
CA ASP A 31 9.29 7.98 6.00
C ASP A 31 7.99 8.69 6.33
N GLY A 32 7.75 9.82 5.67
CA GLY A 32 6.54 10.58 5.92
C GLY A 32 5.32 9.95 5.29
N ILE A 33 5.47 9.49 4.06
CA ILE A 33 4.37 8.87 3.34
C ILE A 33 4.01 7.52 3.96
N ASP A 34 5.01 6.81 4.44
CA ASP A 34 4.80 5.51 5.06
C ASP A 34 4.11 5.65 6.41
N ALA A 35 4.56 6.62 7.20
CA ALA A 35 3.98 6.87 8.52
C ALA A 35 2.53 7.34 8.39
N MET A 36 2.31 8.32 7.52
CA MET A 36 0.96 8.86 7.32
C MET A 36 0.03 7.79 6.77
N LEU A 37 0.57 6.89 5.96
CA LEU A 37 -0.23 5.81 5.37
C LEU A 37 -0.55 4.74 6.41
N ALA A 38 0.48 4.33 7.16
CA ALA A 38 0.30 3.31 8.19
C ALA A 38 -0.81 3.70 9.16
N VAL A 39 -0.84 4.97 9.53
CA VAL A 39 -1.85 5.48 10.46
C VAL A 39 -3.18 5.67 9.76
N TRP A 40 -3.13 6.02 8.48
CA TRP A 40 -4.35 6.24 7.70
C TRP A 40 -5.07 4.91 7.44
N ILE A 41 -4.30 3.85 7.28
CA ILE A 41 -4.87 2.52 7.04
C ILE A 41 -5.34 1.88 8.33
N LYS A 42 -4.40 1.61 9.23
CA LYS A 42 -4.72 0.99 10.51
C LYS A 42 -4.31 1.90 11.67
N LYS A 43 -3.01 1.98 11.91
CA LYS A 43 -2.48 2.82 12.98
C LYS A 43 -0.96 2.97 12.86
N GLY A 44 -0.29 1.88 12.48
CA GLY A 44 1.14 1.91 12.32
C GLY A 44 1.74 0.53 12.12
N VAL A 45 1.39 -0.10 11.01
CA VAL A 45 1.89 -1.43 10.70
C VAL A 45 2.55 -1.47 9.32
N LEU A 46 3.03 -0.31 8.86
CA LEU A 46 3.68 -0.20 7.56
C LEU A 46 2.75 -0.70 6.45
N SER A 47 1.44 -0.63 6.70
CA SER A 47 0.46 -1.06 5.73
C SER A 47 0.63 -2.54 5.40
N ARG A 48 -0.07 -3.01 4.38
CA ARG A 48 0.00 -4.40 3.97
C ARG A 48 0.76 -4.55 2.65
N GLN A 49 2.00 -5.03 2.73
CA GLN A 49 2.82 -5.20 1.55
C GLN A 49 2.82 -6.65 1.09
N GLN A 50 2.74 -6.86 -0.22
CA GLN A 50 2.71 -8.20 -0.79
C GLN A 50 3.40 -8.23 -2.14
N TYR A 51 3.90 -9.40 -2.53
CA TYR A 51 4.58 -9.57 -3.80
C TYR A 51 3.86 -10.59 -4.68
N ILE A 52 4.22 -10.62 -5.96
CA ILE A 52 3.62 -11.54 -6.91
C ILE A 52 4.59 -11.93 -8.01
N ASN A 53 4.75 -13.23 -8.23
CA ASN A 53 5.66 -13.73 -9.26
C ASN A 53 5.28 -15.15 -9.67
N ALA A 54 5.52 -16.10 -8.78
CA ALA A 54 5.19 -17.50 -9.05
C ALA A 54 3.69 -17.70 -9.17
N GLU A 55 2.93 -16.86 -8.50
CA GLU A 55 1.47 -16.95 -8.53
C GLU A 55 0.93 -16.61 -9.91
N ASP A 56 1.66 -15.74 -10.62
CA ASP A 56 1.26 -15.34 -11.96
C ASP A 56 2.14 -15.99 -13.02
N GLU A 57 3.37 -15.50 -13.14
CA GLU A 57 4.31 -16.04 -14.11
C GLU A 57 5.66 -15.35 -14.00
N VAL A 58 5.70 -14.07 -14.36
CA VAL A 58 6.93 -13.29 -14.30
C VAL A 58 6.63 -11.81 -14.06
N VAL A 59 5.72 -11.54 -13.12
CA VAL A 59 5.35 -10.17 -12.79
C VAL A 59 6.42 -9.51 -11.93
N ARG A 60 6.69 -10.11 -10.78
CA ARG A 60 7.70 -9.57 -9.86
C ARG A 60 7.38 -8.11 -9.51
N VAL A 61 6.35 -7.92 -8.70
CA VAL A 61 5.95 -6.58 -8.29
C VAL A 61 5.55 -6.56 -6.81
N ARG A 62 5.85 -5.45 -6.15
CA ARG A 62 5.53 -5.30 -4.73
C ARG A 62 4.90 -3.94 -4.46
N TYR A 63 3.89 -3.91 -3.60
CA TYR A 63 3.20 -2.67 -3.26
C TYR A 63 2.46 -2.81 -1.94
N VAL A 64 2.10 -1.68 -1.35
CA VAL A 64 1.38 -1.66 -0.09
C VAL A 64 -0.04 -1.14 -0.26
N MET A 65 -1.01 -1.90 0.24
CA MET A 65 -2.41 -1.52 0.14
C MET A 65 -3.01 -1.30 1.52
N ASN A 66 -4.16 -0.62 1.56
CA ASN A 66 -4.84 -0.34 2.83
C ASN A 66 -5.62 -1.56 3.30
N GLN A 67 -6.02 -2.42 2.35
CA GLN A 67 -6.77 -3.62 2.68
C GLN A 67 -7.99 -3.29 3.53
N VAL A 68 -9.10 -2.99 2.86
CA VAL A 68 -10.35 -2.66 3.55
C VAL A 68 -11.24 -3.89 3.71
N GLY A 69 -11.06 -4.85 2.81
CA GLY A 69 -11.86 -6.06 2.86
C GLY A 69 -11.27 -7.11 3.78
N SER A 70 -11.08 -8.32 3.26
CA SER A 70 -10.51 -9.41 4.04
C SER A 70 -9.70 -10.34 3.16
N LEU A 71 -8.40 -10.42 3.41
CA LEU A 71 -7.50 -11.27 2.65
C LEU A 71 -7.26 -12.59 3.36
N ALA A 72 -7.11 -12.52 4.69
CA ALA A 72 -6.88 -13.70 5.50
C ALA A 72 -8.01 -14.71 5.35
N VAL A 73 -7.72 -15.85 4.71
CA VAL A 73 -8.72 -16.88 4.49
C VAL A 73 -8.19 -18.24 4.95
N ASN A 74 -9.07 -19.04 5.56
CA ASN A 74 -8.70 -20.36 6.05
C ASN A 74 -9.64 -21.42 5.49
N VAL A 75 -9.24 -22.05 4.38
CA VAL A 75 -10.04 -23.09 3.76
C VAL A 75 -9.99 -24.39 4.55
N THR A 76 -11.03 -24.63 5.35
CA THR A 76 -11.10 -25.84 6.17
C THR A 76 -12.04 -26.86 5.55
N MET A 77 -11.57 -27.53 4.51
CA MET A 77 -12.38 -28.54 3.82
C MET A 77 -11.63 -29.87 3.76
N GLY A 1 -5.29 17.52 -4.89
CA GLY A 1 -3.98 16.97 -4.62
C GLY A 1 -4.03 15.85 -3.60
N MET A 2 -4.84 14.84 -3.88
CA MET A 2 -4.97 13.69 -2.97
C MET A 2 -4.14 12.52 -3.46
N ILE A 3 -3.21 12.08 -2.63
CA ILE A 3 -2.34 10.96 -2.98
C ILE A 3 -2.68 9.73 -2.14
N LEU A 4 -3.16 9.96 -0.92
CA LEU A 4 -3.53 8.87 -0.02
C LEU A 4 -4.76 8.14 -0.54
N ASN A 5 -5.80 8.89 -0.87
CA ASN A 5 -7.04 8.31 -1.37
C ASN A 5 -6.89 7.86 -2.82
N GLU A 6 -6.14 8.64 -3.60
CA GLU A 6 -5.91 8.32 -5.00
C GLU A 6 -5.27 6.94 -5.15
N LEU A 7 -4.23 6.70 -4.35
CA LEU A 7 -3.52 5.42 -4.39
C LEU A 7 -4.30 4.34 -3.65
N LYS A 8 -5.07 4.76 -2.64
CA LYS A 8 -5.86 3.83 -1.84
C LYS A 8 -6.86 3.07 -2.73
N ALA A 9 -7.61 3.82 -3.54
CA ALA A 9 -8.58 3.22 -4.44
C ALA A 9 -7.91 2.63 -5.67
N ALA A 10 -6.88 3.32 -6.16
CA ALA A 10 -6.16 2.86 -7.34
C ALA A 10 -5.51 1.50 -7.10
N ILE A 11 -4.82 1.37 -5.97
CA ILE A 11 -4.15 0.12 -5.62
C ILE A 11 -5.18 -0.95 -5.24
N GLU A 12 -6.07 -0.60 -4.32
CA GLU A 12 -7.10 -1.54 -3.87
C GLU A 12 -7.88 -2.11 -5.05
N SER A 13 -7.99 -1.32 -6.11
CA SER A 13 -8.71 -1.75 -7.31
C SER A 13 -7.86 -2.72 -8.13
N LYS A 14 -6.74 -2.23 -8.64
CA LYS A 14 -5.85 -3.05 -9.44
C LYS A 14 -4.39 -2.82 -9.05
N ASN A 15 -3.48 -3.50 -9.73
CA ASN A 15 -2.05 -3.36 -9.46
C ASN A 15 -1.63 -1.90 -9.51
N GLY A 16 -1.16 -1.38 -8.38
CA GLY A 16 -0.73 0.00 -8.30
C GLY A 16 0.77 0.13 -8.13
N ALA A 17 1.23 1.35 -7.85
CA ALA A 17 2.65 1.60 -7.67
C ALA A 17 3.13 1.07 -6.32
N THR A 18 4.43 1.22 -6.05
CA THR A 18 5.01 0.75 -4.80
C THR A 18 5.34 1.92 -3.88
N ARG A 19 6.03 1.62 -2.78
CA ARG A 19 6.40 2.65 -1.81
C ARG A 19 7.34 3.67 -2.44
N GLN A 20 8.01 3.26 -3.52
CA GLN A 20 8.94 4.15 -4.21
C GLN A 20 8.20 5.22 -5.00
N GLU A 21 7.27 4.78 -5.84
CA GLU A 21 6.49 5.70 -6.66
C GLU A 21 5.68 6.65 -5.79
N LEU A 22 5.17 6.13 -4.67
CA LEU A 22 4.38 6.94 -3.75
C LEU A 22 5.22 8.06 -3.13
N ALA A 23 6.32 7.68 -2.49
CA ALA A 23 7.21 8.64 -1.86
C ALA A 23 7.76 9.63 -2.89
N ARG A 24 7.81 9.20 -4.15
CA ARG A 24 8.32 10.05 -5.22
C ARG A 24 7.37 11.21 -5.50
N ARG A 25 6.10 10.89 -5.72
CA ARG A 25 5.09 11.90 -5.99
C ARG A 25 4.98 12.88 -4.83
N PHE A 26 5.02 12.36 -3.61
CA PHE A 26 4.92 13.19 -2.42
C PHE A 26 6.24 13.89 -2.13
N ALA A 27 7.31 13.38 -2.73
CA ALA A 27 8.64 13.96 -2.55
C ALA A 27 9.09 13.85 -1.10
N LEU A 28 8.96 12.66 -0.54
CA LEU A 28 9.35 12.41 0.84
C LEU A 28 9.90 11.00 1.02
N SER A 29 10.44 10.71 2.20
CA SER A 29 10.99 9.40 2.50
C SER A 29 9.93 8.33 2.39
N GLU A 30 10.31 7.15 1.88
CA GLU A 30 9.39 6.05 1.73
C GLU A 30 8.80 5.64 3.08
N ASP A 31 9.57 5.85 4.14
CA ASP A 31 9.12 5.50 5.48
C ASP A 31 8.06 6.48 5.97
N GLY A 32 8.18 7.74 5.54
CA GLY A 32 7.22 8.75 5.94
C GLY A 32 5.89 8.61 5.24
N ILE A 33 5.94 8.41 3.92
CA ILE A 33 4.72 8.26 3.14
C ILE A 33 4.00 6.96 3.49
N ASP A 34 4.77 5.92 3.77
CA ASP A 34 4.21 4.62 4.12
C ASP A 34 3.51 4.68 5.47
N ALA A 35 4.21 5.20 6.47
CA ALA A 35 3.66 5.30 7.82
C ALA A 35 2.47 6.27 7.84
N MET A 36 2.64 7.42 7.19
CA MET A 36 1.58 8.42 7.15
C MET A 36 0.29 7.82 6.60
N LEU A 37 0.41 7.06 5.51
CA LEU A 37 -0.75 6.42 4.89
C LEU A 37 -1.31 5.32 5.78
N ALA A 38 -0.44 4.71 6.56
CA ALA A 38 -0.85 3.63 7.47
C ALA A 38 -1.61 4.18 8.67
N VAL A 39 -1.18 5.34 9.15
CA VAL A 39 -1.82 5.97 10.30
C VAL A 39 -3.11 6.69 9.88
N TRP A 40 -3.18 7.06 8.60
CA TRP A 40 -4.35 7.76 8.09
C TRP A 40 -5.51 6.80 7.89
N ILE A 41 -5.27 5.74 7.12
CA ILE A 41 -6.31 4.74 6.85
C ILE A 41 -6.39 3.73 7.99
N LYS A 42 -5.26 3.46 8.62
CA LYS A 42 -5.21 2.51 9.73
C LYS A 42 -4.63 3.17 10.98
N LYS A 43 -4.59 2.41 12.07
CA LYS A 43 -4.07 2.91 13.33
C LYS A 43 -2.55 3.14 13.24
N GLY A 44 -1.90 2.40 12.36
CA GLY A 44 -0.47 2.54 12.19
C GLY A 44 0.24 1.20 12.09
N VAL A 45 0.09 0.54 10.94
CA VAL A 45 0.72 -0.76 10.72
C VAL A 45 1.51 -0.77 9.42
N LEU A 46 1.96 0.41 8.99
CA LEU A 46 2.73 0.54 7.77
C LEU A 46 1.97 -0.05 6.58
N SER A 47 0.64 -0.04 6.67
CA SER A 47 -0.20 -0.57 5.61
C SER A 47 0.18 -2.00 5.28
N ARG A 48 -0.38 -2.53 4.19
CA ARG A 48 -0.10 -3.89 3.76
C ARG A 48 0.64 -3.89 2.43
N GLN A 49 1.94 -4.20 2.49
CA GLN A 49 2.76 -4.24 1.29
C GLN A 49 3.08 -5.68 0.89
N GLN A 50 2.53 -6.11 -0.24
CA GLN A 50 2.74 -7.46 -0.73
C GLN A 50 3.63 -7.46 -1.98
N TYR A 51 4.54 -8.42 -2.05
CA TYR A 51 5.45 -8.52 -3.18
C TYR A 51 5.17 -9.78 -3.99
N ILE A 52 5.46 -9.72 -5.29
CA ILE A 52 5.24 -10.85 -6.18
C ILE A 52 6.41 -11.03 -7.15
N ASN A 53 6.77 -12.28 -7.39
CA ASN A 53 7.87 -12.60 -8.29
C ASN A 53 9.16 -11.92 -7.83
N ALA A 54 9.31 -11.77 -6.52
CA ALA A 54 10.49 -11.14 -5.95
C ALA A 54 11.62 -12.16 -5.77
N GLU A 55 11.28 -13.32 -5.24
CA GLU A 55 12.26 -14.38 -5.02
C GLU A 55 12.93 -14.78 -6.33
N ASP A 56 12.18 -14.71 -7.42
CA ASP A 56 12.70 -15.07 -8.73
C ASP A 56 13.77 -14.08 -9.18
N GLU A 57 13.68 -12.85 -8.68
CA GLU A 57 14.64 -11.81 -9.02
C GLU A 57 14.60 -11.51 -10.52
N VAL A 58 13.41 -11.53 -11.09
CA VAL A 58 13.22 -11.26 -12.52
C VAL A 58 12.37 -10.01 -12.74
N VAL A 59 11.43 -9.78 -11.83
CA VAL A 59 10.56 -8.62 -11.93
C VAL A 59 10.46 -7.89 -10.59
N ARG A 60 10.13 -8.63 -9.54
CA ARG A 60 10.02 -8.05 -8.21
C ARG A 60 9.08 -6.85 -8.22
N VAL A 61 7.78 -7.11 -8.14
CA VAL A 61 6.78 -6.05 -8.14
C VAL A 61 5.84 -6.18 -6.95
N ARG A 62 5.84 -5.16 -6.08
CA ARG A 62 4.99 -5.16 -4.90
C ARG A 62 4.01 -3.99 -4.93
N TYR A 63 3.13 -3.93 -3.94
CA TYR A 63 2.14 -2.86 -3.86
C TYR A 63 1.62 -2.72 -2.44
N VAL A 64 1.29 -1.49 -2.05
CA VAL A 64 0.78 -1.22 -0.72
C VAL A 64 -0.71 -0.90 -0.76
N MET A 65 -1.46 -1.47 0.19
CA MET A 65 -2.90 -1.24 0.26
C MET A 65 -3.26 -0.37 1.47
N ASN A 66 -4.10 0.63 1.23
CA ASN A 66 -4.52 1.53 2.30
C ASN A 66 -5.99 1.34 2.63
N GLN A 67 -6.43 0.08 2.63
CA GLN A 67 -7.82 -0.24 2.93
C GLN A 67 -8.25 0.38 4.25
N VAL A 68 -9.45 0.97 4.27
CA VAL A 68 -9.98 1.59 5.47
C VAL A 68 -10.91 0.65 6.22
N GLY A 69 -10.63 0.43 7.50
CA GLY A 69 -11.45 -0.45 8.30
C GLY A 69 -10.82 -0.79 9.63
N SER A 70 -9.56 -1.23 9.59
CA SER A 70 -8.84 -1.60 10.80
C SER A 70 -9.59 -2.66 11.59
N LEU A 71 -10.36 -3.48 10.88
CA LEU A 71 -11.14 -4.54 11.51
C LEU A 71 -10.85 -5.89 10.86
N ALA A 72 -10.14 -6.75 11.58
CA ALA A 72 -9.80 -8.08 11.09
C ALA A 72 -10.98 -9.03 11.21
N VAL A 73 -11.78 -8.84 12.25
CA VAL A 73 -12.95 -9.69 12.49
C VAL A 73 -14.16 -9.20 11.70
N ASN A 74 -14.92 -10.13 11.14
CA ASN A 74 -16.09 -9.79 10.36
C ASN A 74 -17.12 -10.92 10.40
N VAL A 75 -18.24 -10.68 11.08
CA VAL A 75 -19.29 -11.67 11.19
C VAL A 75 -18.78 -12.94 11.86
N THR A 76 -18.67 -12.90 13.19
CA THR A 76 -18.20 -14.05 13.95
C THR A 76 -18.67 -13.97 15.40
N MET A 77 -18.57 -15.10 16.11
CA MET A 77 -18.98 -15.15 17.50
C MET A 77 -18.75 -16.55 18.08
N GLY A 1 -3.18 18.31 -0.52
CA GLY A 1 -4.10 17.30 -0.99
C GLY A 1 -3.91 15.96 -0.29
N MET A 2 -4.55 14.93 -0.82
CA MET A 2 -4.44 13.59 -0.24
C MET A 2 -4.13 12.55 -1.31
N ILE A 3 -3.06 11.81 -1.10
CA ILE A 3 -2.65 10.77 -2.06
C ILE A 3 -3.14 9.39 -1.61
N LEU A 4 -3.28 9.22 -0.30
CA LEU A 4 -3.75 7.95 0.24
C LEU A 4 -5.06 7.51 -0.41
N ASN A 5 -5.87 8.49 -0.79
CA ASN A 5 -7.15 8.21 -1.43
C ASN A 5 -6.95 7.58 -2.82
N GLU A 6 -6.25 8.31 -3.68
CA GLU A 6 -5.98 7.84 -5.03
C GLU A 6 -5.23 6.51 -5.00
N LEU A 7 -4.19 6.44 -4.18
CA LEU A 7 -3.38 5.23 -4.05
C LEU A 7 -4.24 4.05 -3.62
N LYS A 8 -5.20 4.32 -2.72
CA LYS A 8 -6.09 3.28 -2.22
C LYS A 8 -6.94 2.70 -3.35
N ALA A 9 -7.43 3.57 -4.22
CA ALA A 9 -8.26 3.16 -5.34
C ALA A 9 -7.45 2.33 -6.34
N ALA A 10 -6.17 2.65 -6.45
CA ALA A 10 -5.29 1.94 -7.37
C ALA A 10 -4.86 0.60 -6.79
N ILE A 11 -4.22 0.64 -5.61
CA ILE A 11 -3.76 -0.57 -4.95
C ILE A 11 -4.89 -1.58 -4.79
N GLU A 12 -6.11 -1.07 -4.65
CA GLU A 12 -7.28 -1.93 -4.48
C GLU A 12 -7.69 -2.55 -5.82
N SER A 13 -7.91 -1.69 -6.81
CA SER A 13 -8.31 -2.16 -8.14
C SER A 13 -7.33 -3.19 -8.68
N LYS A 14 -6.09 -2.77 -8.85
CA LYS A 14 -5.05 -3.65 -9.36
C LYS A 14 -3.73 -3.42 -8.64
N ASN A 15 -2.66 -4.04 -9.14
CA ASN A 15 -1.34 -3.90 -8.53
C ASN A 15 -0.97 -2.42 -8.37
N GLY A 16 -0.83 -2.00 -7.12
CA GLY A 16 -0.49 -0.61 -6.85
C GLY A 16 1.02 -0.38 -6.82
N ALA A 17 1.42 0.80 -6.36
CA ALA A 17 2.83 1.15 -6.29
C ALA A 17 3.40 0.83 -4.90
N THR A 18 4.71 1.01 -4.75
CA THR A 18 5.37 0.74 -3.48
C THR A 18 5.60 2.03 -2.70
N ARG A 19 6.34 1.93 -1.60
CA ARG A 19 6.63 3.09 -0.77
C ARG A 19 7.45 4.13 -1.53
N GLN A 20 8.12 3.67 -2.59
CA GLN A 20 8.95 4.56 -3.41
C GLN A 20 8.08 5.49 -4.25
N GLU A 21 7.16 4.90 -5.00
CA GLU A 21 6.26 5.67 -5.85
C GLU A 21 5.35 6.56 -5.02
N LEU A 22 5.03 6.09 -3.81
CA LEU A 22 4.16 6.85 -2.91
C LEU A 22 4.82 8.15 -2.47
N ALA A 23 6.00 8.02 -1.86
CA ALA A 23 6.74 9.18 -1.39
C ALA A 23 7.09 10.12 -2.55
N ARG A 24 7.26 9.54 -3.74
CA ARG A 24 7.59 10.33 -4.91
C ARG A 24 6.44 11.25 -5.30
N ARG A 25 5.27 10.66 -5.52
CA ARG A 25 4.08 11.43 -5.90
C ARG A 25 3.82 12.55 -4.90
N PHE A 26 3.96 12.24 -3.62
CA PHE A 26 3.74 13.22 -2.57
C PHE A 26 4.93 14.16 -2.44
N ALA A 27 6.06 13.75 -2.99
CA ALA A 27 7.27 14.56 -2.94
C ALA A 27 7.75 14.74 -1.51
N LEU A 28 7.82 13.65 -0.77
CA LEU A 28 8.26 13.69 0.62
C LEU A 28 9.09 12.44 0.97
N SER A 29 9.70 12.46 2.15
CA SER A 29 10.52 11.34 2.59
C SER A 29 9.68 10.07 2.70
N GLU A 30 10.27 8.94 2.35
CA GLU A 30 9.58 7.66 2.41
C GLU A 30 9.22 7.29 3.84
N ASP A 31 10.02 7.79 4.78
CA ASP A 31 9.78 7.52 6.20
C ASP A 31 8.54 8.26 6.69
N GLY A 32 8.27 9.43 6.11
CA GLY A 32 7.12 10.21 6.50
C GLY A 32 5.82 9.68 5.92
N ILE A 33 5.85 9.34 4.64
CA ILE A 33 4.68 8.82 3.96
C ILE A 33 4.28 7.45 4.52
N ASP A 34 5.29 6.66 4.89
CA ASP A 34 5.04 5.33 5.45
C ASP A 34 4.50 5.42 6.87
N ALA A 35 5.14 6.26 7.68
CA ALA A 35 4.74 6.45 9.06
C ALA A 35 3.32 7.00 9.16
N MET A 36 3.01 7.96 8.28
CA MET A 36 1.69 8.57 8.25
C MET A 36 0.62 7.55 7.89
N LEU A 37 0.80 6.86 6.77
CA LEU A 37 -0.16 5.86 6.32
C LEU A 37 -0.19 4.68 7.29
N ALA A 38 0.91 4.46 8.00
CA ALA A 38 1.00 3.38 8.96
C ALA A 38 0.00 3.57 10.10
N VAL A 39 0.08 4.72 10.77
CA VAL A 39 -0.81 5.03 11.87
C VAL A 39 -2.21 5.40 11.37
N TRP A 40 -2.27 5.92 10.15
CA TRP A 40 -3.54 6.32 9.56
C TRP A 40 -4.44 5.09 9.35
N ILE A 41 -3.91 4.09 8.65
CA ILE A 41 -4.67 2.87 8.38
C ILE A 41 -4.65 1.94 9.58
N LYS A 42 -3.45 1.54 9.99
CA LYS A 42 -3.29 0.64 11.13
C LYS A 42 -2.69 1.37 12.32
N LYS A 43 -2.31 0.62 13.34
CA LYS A 43 -1.71 1.19 14.54
C LYS A 43 -0.37 0.53 14.85
N GLY A 44 0.41 0.25 13.82
CA GLY A 44 1.70 -0.37 14.01
C GLY A 44 1.94 -1.51 13.03
N VAL A 45 1.50 -1.33 11.79
CA VAL A 45 1.66 -2.35 10.77
C VAL A 45 2.60 -1.88 9.66
N LEU A 46 2.71 -0.56 9.51
CA LEU A 46 3.57 0.02 8.50
C LEU A 46 3.10 -0.35 7.10
N SER A 47 1.79 -0.23 6.87
CA SER A 47 1.20 -0.56 5.57
C SER A 47 1.39 -2.04 5.25
N ARG A 48 0.78 -2.48 4.15
CA ARG A 48 0.87 -3.87 3.75
C ARG A 48 1.48 -3.98 2.35
N GLN A 49 2.74 -4.41 2.29
CA GLN A 49 3.44 -4.55 1.01
C GLN A 49 3.44 -6.01 0.57
N GLN A 50 2.73 -6.29 -0.51
CA GLN A 50 2.64 -7.64 -1.05
C GLN A 50 3.35 -7.74 -2.40
N TYR A 51 3.99 -8.88 -2.65
CA TYR A 51 4.70 -9.10 -3.90
C TYR A 51 4.08 -10.24 -4.70
N ILE A 52 4.22 -10.18 -6.02
CA ILE A 52 3.67 -11.21 -6.89
C ILE A 52 4.75 -11.82 -7.77
N ASN A 53 5.14 -13.05 -7.45
CA ASN A 53 6.17 -13.75 -8.21
C ASN A 53 6.40 -15.15 -7.67
N ALA A 54 6.32 -15.28 -6.34
CA ALA A 54 6.51 -16.57 -5.68
C ALA A 54 7.93 -17.09 -5.90
N GLU A 55 8.90 -16.19 -5.78
CA GLU A 55 10.30 -16.55 -5.96
C GLU A 55 10.55 -17.04 -7.38
N ASP A 56 9.99 -16.34 -8.36
CA ASP A 56 10.15 -16.71 -9.76
C ASP A 56 11.41 -16.07 -10.34
N GLU A 57 11.75 -14.89 -9.84
CA GLU A 57 12.93 -14.17 -10.32
C GLU A 57 12.78 -13.80 -11.78
N VAL A 58 11.59 -13.34 -12.16
CA VAL A 58 11.32 -12.95 -13.55
C VAL A 58 10.93 -11.48 -13.63
N VAL A 59 10.18 -11.00 -12.64
CA VAL A 59 9.75 -9.61 -12.61
C VAL A 59 9.61 -9.11 -11.17
N ARG A 60 8.86 -9.85 -10.36
CA ARG A 60 8.66 -9.48 -8.97
C ARG A 60 8.01 -8.10 -8.86
N VAL A 61 6.68 -8.09 -8.78
CA VAL A 61 5.94 -6.84 -8.68
C VAL A 61 5.37 -6.66 -7.27
N ARG A 62 5.87 -5.65 -6.56
CA ARG A 62 5.42 -5.36 -5.21
C ARG A 62 4.48 -4.15 -5.19
N TYR A 63 3.66 -4.07 -4.16
CA TYR A 63 2.72 -2.97 -4.02
C TYR A 63 2.28 -2.80 -2.56
N VAL A 64 2.14 -1.56 -2.13
CA VAL A 64 1.72 -1.26 -0.77
C VAL A 64 0.28 -0.75 -0.73
N MET A 65 -0.53 -1.38 0.12
CA MET A 65 -1.94 -0.99 0.25
C MET A 65 -2.23 -0.47 1.66
N ASN A 66 -3.34 0.22 1.81
CA ASN A 66 -3.74 0.76 3.11
C ASN A 66 -4.17 -0.35 4.06
N GLN A 67 -5.37 -0.88 3.82
CA GLN A 67 -5.90 -1.96 4.65
C GLN A 67 -6.03 -3.25 3.87
N VAL A 68 -6.56 -4.28 4.50
CA VAL A 68 -6.74 -5.57 3.86
C VAL A 68 -7.65 -5.46 2.64
N GLY A 69 -7.38 -6.28 1.63
CA GLY A 69 -8.19 -6.26 0.42
C GLY A 69 -9.58 -6.81 0.64
N SER A 70 -10.44 -6.66 -0.37
CA SER A 70 -11.82 -7.15 -0.28
C SER A 70 -11.90 -8.64 -0.62
N LEU A 71 -10.98 -9.08 -1.47
CA LEU A 71 -10.95 -10.47 -1.89
C LEU A 71 -9.98 -11.28 -1.02
N ALA A 72 -10.00 -11.00 0.28
CA ALA A 72 -9.14 -11.71 1.22
C ALA A 72 -9.88 -12.01 2.52
N VAL A 73 -9.97 -13.30 2.85
CA VAL A 73 -10.65 -13.73 4.07
C VAL A 73 -9.65 -14.18 5.13
N ASN A 74 -10.02 -14.00 6.40
CA ASN A 74 -9.16 -14.40 7.51
C ASN A 74 -8.98 -15.91 7.55
N VAL A 75 -7.89 -16.35 8.16
CA VAL A 75 -7.60 -17.78 8.27
C VAL A 75 -8.07 -18.33 9.61
N THR A 76 -8.41 -19.62 9.63
CA THR A 76 -8.87 -20.27 10.85
C THR A 76 -7.76 -20.35 11.88
N MET A 77 -8.14 -20.29 13.16
CA MET A 77 -7.18 -20.36 14.25
C MET A 77 -7.75 -21.13 15.43
N GLY A 1 -5.99 17.93 0.37
CA GLY A 1 -6.11 16.88 -0.62
C GLY A 1 -6.16 15.50 0.01
N MET A 2 -6.32 14.48 -0.83
CA MET A 2 -6.38 13.10 -0.36
C MET A 2 -5.40 12.22 -1.11
N ILE A 3 -4.55 11.52 -0.38
CA ILE A 3 -3.56 10.63 -0.99
C ILE A 3 -3.80 9.19 -0.60
N LEU A 4 -4.41 8.98 0.56
CA LEU A 4 -4.70 7.64 1.05
C LEU A 4 -5.88 7.03 0.31
N ASN A 5 -6.90 7.85 0.06
CA ASN A 5 -8.09 7.39 -0.63
C ASN A 5 -7.80 7.19 -2.12
N GLU A 6 -6.99 8.08 -2.68
CA GLU A 6 -6.64 8.01 -4.10
C GLU A 6 -5.80 6.76 -4.38
N LEU A 7 -4.77 6.54 -3.56
CA LEU A 7 -3.90 5.39 -3.73
C LEU A 7 -4.61 4.10 -3.34
N LYS A 8 -5.59 4.21 -2.46
CA LYS A 8 -6.36 3.07 -2.01
C LYS A 8 -7.16 2.45 -3.16
N ALA A 9 -7.98 3.28 -3.79
CA ALA A 9 -8.81 2.82 -4.91
C ALA A 9 -7.95 2.58 -6.15
N ALA A 10 -6.83 3.27 -6.23
CA ALA A 10 -5.91 3.13 -7.36
C ALA A 10 -5.16 1.81 -7.30
N ILE A 11 -4.47 1.58 -6.19
CA ILE A 11 -3.70 0.36 -5.99
C ILE A 11 -4.61 -0.86 -5.96
N GLU A 12 -5.83 -0.67 -5.46
CA GLU A 12 -6.80 -1.75 -5.38
C GLU A 12 -7.42 -2.04 -6.75
N SER A 13 -8.12 -1.05 -7.29
CA SER A 13 -8.77 -1.20 -8.60
C SER A 13 -7.73 -1.37 -9.70
N LYS A 14 -6.92 -0.35 -9.90
CA LYS A 14 -5.88 -0.37 -10.93
C LYS A 14 -4.60 -0.98 -10.38
N ASN A 15 -3.54 -0.95 -11.19
CA ASN A 15 -2.25 -1.50 -10.78
C ASN A 15 -1.82 -0.94 -9.43
N GLY A 16 -0.94 -1.66 -8.75
CA GLY A 16 -0.46 -1.22 -7.44
C GLY A 16 0.77 -0.35 -7.55
N ALA A 17 1.14 0.29 -6.44
CA ALA A 17 2.31 1.16 -6.41
C ALA A 17 3.21 0.84 -5.23
N THR A 18 4.50 0.69 -5.49
CA THR A 18 5.46 0.38 -4.43
C THR A 18 5.73 1.60 -3.55
N ARG A 19 6.70 1.48 -2.66
CA ARG A 19 7.06 2.57 -1.76
C ARG A 19 7.61 3.76 -2.54
N GLN A 20 8.09 3.50 -3.75
CA GLN A 20 8.64 4.54 -4.60
C GLN A 20 7.52 5.41 -5.20
N GLU A 21 6.49 4.76 -5.71
CA GLU A 21 5.36 5.46 -6.31
C GLU A 21 4.60 6.27 -5.26
N LEU A 22 4.47 5.69 -4.07
CA LEU A 22 3.77 6.35 -2.98
C LEU A 22 4.50 7.60 -2.53
N ALA A 23 5.76 7.45 -2.13
CA ALA A 23 6.57 8.56 -1.69
C ALA A 23 6.76 9.58 -2.81
N ARG A 24 6.65 9.12 -4.05
CA ARG A 24 6.82 9.99 -5.21
C ARG A 24 5.62 10.92 -5.35
N ARG A 25 4.43 10.34 -5.33
CA ARG A 25 3.19 11.12 -5.47
C ARG A 25 3.09 12.16 -4.36
N PHE A 26 3.45 11.76 -3.15
CA PHE A 26 3.39 12.67 -2.00
C PHE A 26 4.63 13.56 -1.95
N ALA A 27 5.67 13.17 -2.67
CA ALA A 27 6.90 13.93 -2.70
C ALA A 27 7.56 13.99 -1.33
N LEU A 28 7.68 12.83 -0.69
CA LEU A 28 8.29 12.75 0.64
C LEU A 28 9.03 11.42 0.80
N SER A 29 9.73 11.29 1.92
CA SER A 29 10.50 10.08 2.21
C SER A 29 9.57 8.87 2.33
N GLU A 30 10.03 7.73 1.83
CA GLU A 30 9.26 6.50 1.88
C GLU A 30 8.81 6.19 3.31
N ASP A 31 9.65 6.58 4.27
CA ASP A 31 9.34 6.34 5.68
C ASP A 31 8.25 7.28 6.17
N GLY A 32 8.28 8.52 5.68
CA GLY A 32 7.28 9.50 6.07
C GLY A 32 5.93 9.23 5.45
N ILE A 33 5.92 8.87 4.18
CA ILE A 33 4.68 8.59 3.46
C ILE A 33 4.05 7.29 3.97
N ASP A 34 4.89 6.32 4.32
CA ASP A 34 4.40 5.04 4.81
C ASP A 34 3.87 5.17 6.24
N ALA A 35 4.49 6.05 7.02
CA ALA A 35 4.08 6.27 8.40
C ALA A 35 2.77 7.05 8.46
N MET A 36 2.76 8.23 7.85
CA MET A 36 1.58 9.08 7.83
C MET A 36 0.38 8.32 7.25
N LEU A 37 0.60 7.66 6.12
CA LEU A 37 -0.46 6.90 5.46
C LEU A 37 -1.02 5.84 6.39
N ALA A 38 -0.12 5.04 6.98
CA ALA A 38 -0.53 3.97 7.89
C ALA A 38 -1.34 4.53 9.06
N VAL A 39 -1.06 5.78 9.43
CA VAL A 39 -1.76 6.43 10.53
C VAL A 39 -3.14 6.90 10.09
N TRP A 40 -3.28 7.21 8.81
CA TRP A 40 -4.56 7.68 8.27
C TRP A 40 -5.46 6.51 7.93
N ILE A 41 -4.87 5.46 7.35
CA ILE A 41 -5.62 4.27 6.98
C ILE A 41 -5.82 3.34 8.17
N LYS A 42 -4.85 3.35 9.08
CA LYS A 42 -4.91 2.51 10.28
C LYS A 42 -4.36 3.25 11.49
N LYS A 43 -4.30 2.55 12.62
CA LYS A 43 -3.79 3.13 13.85
C LYS A 43 -2.38 2.64 14.14
N GLY A 44 -2.05 1.46 13.63
CA GLY A 44 -0.73 0.91 13.84
C GLY A 44 -0.53 -0.41 13.12
N VAL A 45 -0.70 -0.39 11.80
CA VAL A 45 -0.54 -1.59 10.99
C VAL A 45 0.62 -1.44 10.01
N LEU A 46 0.99 -0.20 9.72
CA LEU A 46 2.08 0.08 8.80
C LEU A 46 1.76 -0.45 7.40
N SER A 47 0.54 -0.19 6.94
CA SER A 47 0.10 -0.63 5.62
C SER A 47 0.37 -2.12 5.43
N ARG A 48 0.21 -2.59 4.20
CA ARG A 48 0.43 -4.00 3.89
C ARG A 48 1.35 -4.14 2.67
N GLN A 49 2.59 -4.53 2.93
CA GLN A 49 3.57 -4.71 1.86
C GLN A 49 3.71 -6.18 1.50
N GLN A 50 3.40 -6.52 0.25
CA GLN A 50 3.49 -7.89 -0.22
C GLN A 50 4.52 -8.01 -1.35
N TYR A 51 5.31 -9.08 -1.30
CA TYR A 51 6.34 -9.32 -2.31
C TYR A 51 6.13 -10.66 -3.01
N ILE A 52 6.23 -10.64 -4.33
CA ILE A 52 6.05 -11.86 -5.12
C ILE A 52 7.14 -12.00 -6.18
N ASN A 53 8.03 -12.96 -5.99
CA ASN A 53 9.11 -13.20 -6.94
C ASN A 53 8.92 -14.51 -7.68
N ALA A 54 8.20 -15.44 -7.05
CA ALA A 54 7.93 -16.74 -7.65
C ALA A 54 6.98 -17.56 -6.79
N GLU A 55 5.88 -16.96 -6.39
CA GLU A 55 4.89 -17.63 -5.56
C GLU A 55 3.70 -18.09 -6.39
N ASP A 56 3.93 -18.31 -7.67
CA ASP A 56 2.88 -18.76 -8.58
C ASP A 56 1.76 -17.71 -8.66
N GLU A 57 2.14 -16.45 -8.72
CA GLU A 57 1.17 -15.36 -8.79
C GLU A 57 1.15 -14.75 -10.20
N VAL A 58 2.25 -14.11 -10.57
CA VAL A 58 2.35 -13.48 -11.88
C VAL A 58 3.73 -13.70 -12.49
N VAL A 59 4.73 -13.03 -11.92
CA VAL A 59 6.11 -13.15 -12.40
C VAL A 59 7.06 -12.33 -11.55
N ARG A 60 6.61 -11.15 -11.13
CA ARG A 60 7.42 -10.26 -10.31
C ARG A 60 6.66 -8.99 -9.94
N VAL A 61 5.95 -9.04 -8.82
CA VAL A 61 5.18 -7.89 -8.37
C VAL A 61 5.28 -7.73 -6.85
N ARG A 62 5.62 -6.52 -6.41
CA ARG A 62 5.76 -6.23 -4.99
C ARG A 62 5.46 -4.77 -4.70
N TYR A 63 4.44 -4.52 -3.89
CA TYR A 63 4.05 -3.16 -3.54
C TYR A 63 3.27 -3.14 -2.22
N VAL A 64 2.91 -1.94 -1.78
CA VAL A 64 2.16 -1.79 -0.53
C VAL A 64 0.77 -1.25 -0.80
N MET A 65 -0.24 -1.94 -0.26
CA MET A 65 -1.63 -1.53 -0.45
C MET A 65 -2.27 -1.17 0.89
N ASN A 66 -3.39 -0.46 0.84
CA ASN A 66 -4.10 -0.05 2.05
C ASN A 66 -4.99 -1.18 2.57
N GLN A 67 -5.84 -0.85 3.53
CA GLN A 67 -6.75 -1.83 4.12
C GLN A 67 -7.54 -2.56 3.02
N VAL A 68 -8.35 -1.80 2.29
CA VAL A 68 -9.15 -2.36 1.22
C VAL A 68 -10.12 -3.41 1.76
N GLY A 69 -11.25 -2.94 2.29
CA GLY A 69 -12.24 -3.86 2.83
C GLY A 69 -13.46 -3.97 1.95
N SER A 70 -13.67 -5.16 1.39
CA SER A 70 -14.82 -5.39 0.50
C SER A 70 -15.81 -6.35 1.15
N LEU A 71 -16.95 -5.83 1.56
CA LEU A 71 -17.99 -6.64 2.20
C LEU A 71 -19.15 -6.88 1.25
N ALA A 72 -19.46 -5.87 0.44
CA ALA A 72 -20.56 -5.97 -0.52
C ALA A 72 -20.04 -5.82 -1.96
N VAL A 73 -19.77 -6.95 -2.60
CA VAL A 73 -19.28 -6.94 -3.97
C VAL A 73 -20.29 -7.55 -4.93
N ASN A 74 -21.12 -8.45 -4.41
CA ASN A 74 -22.14 -9.11 -5.21
C ASN A 74 -23.29 -9.60 -4.34
N VAL A 75 -24.50 -9.15 -4.66
CA VAL A 75 -25.69 -9.54 -3.91
C VAL A 75 -26.38 -10.73 -4.56
N THR A 76 -26.89 -11.64 -3.73
CA THR A 76 -27.57 -12.83 -4.22
C THR A 76 -28.95 -12.48 -4.78
N MET A 77 -28.98 -12.07 -6.04
CA MET A 77 -30.23 -11.71 -6.70
C MET A 77 -31.15 -12.92 -6.84
N GLY A 1 -3.27 15.86 0.18
CA GLY A 1 -4.61 16.04 0.73
C GLY A 1 -5.38 14.74 0.80
N MET A 2 -5.33 13.98 -0.30
CA MET A 2 -6.04 12.70 -0.36
C MET A 2 -5.25 11.67 -1.15
N ILE A 3 -3.92 11.68 -0.94
CA ILE A 3 -3.05 10.73 -1.63
C ILE A 3 -3.42 9.30 -1.32
N LEU A 4 -3.87 9.06 -0.09
CA LEU A 4 -4.25 7.72 0.35
C LEU A 4 -5.51 7.26 -0.39
N ASN A 5 -6.37 8.21 -0.74
CA ASN A 5 -7.60 7.89 -1.45
C ASN A 5 -7.31 7.44 -2.87
N GLU A 6 -6.70 8.32 -3.65
CA GLU A 6 -6.36 8.01 -5.04
C GLU A 6 -5.58 6.71 -5.13
N LEU A 7 -4.69 6.49 -4.18
CA LEU A 7 -3.87 5.27 -4.15
C LEU A 7 -4.72 4.07 -3.76
N LYS A 8 -5.52 4.21 -2.70
CA LYS A 8 -6.37 3.14 -2.23
C LYS A 8 -7.23 2.58 -3.37
N ALA A 9 -7.57 3.45 -4.31
CA ALA A 9 -8.39 3.06 -5.46
C ALA A 9 -7.56 2.30 -6.49
N ALA A 10 -6.50 2.95 -6.98
CA ALA A 10 -5.63 2.35 -7.98
C ALA A 10 -5.11 0.99 -7.49
N ILE A 11 -4.74 0.93 -6.22
CA ILE A 11 -4.24 -0.31 -5.63
C ILE A 11 -5.32 -1.37 -5.55
N GLU A 12 -6.40 -1.07 -4.85
CA GLU A 12 -7.51 -1.99 -4.70
C GLU A 12 -8.05 -2.43 -6.07
N SER A 13 -7.85 -1.57 -7.06
CA SER A 13 -8.31 -1.87 -8.41
C SER A 13 -7.48 -2.97 -9.05
N LYS A 14 -6.19 -2.70 -9.23
CA LYS A 14 -5.28 -3.68 -9.83
C LYS A 14 -3.86 -3.12 -9.90
N ASN A 15 -2.92 -3.84 -9.28
CA ASN A 15 -1.53 -3.41 -9.27
C ASN A 15 -1.36 -2.07 -8.55
N GLY A 16 -0.84 -2.14 -7.33
CA GLY A 16 -0.64 -0.93 -6.55
C GLY A 16 0.59 -0.15 -6.99
N ALA A 17 0.98 0.83 -6.19
CA ALA A 17 2.14 1.65 -6.49
C ALA A 17 3.23 1.48 -5.44
N THR A 18 4.46 1.24 -5.90
CA THR A 18 5.59 1.06 -4.99
C THR A 18 5.76 2.26 -4.06
N ARG A 19 6.34 2.02 -2.89
CA ARG A 19 6.55 3.09 -1.92
C ARG A 19 7.57 4.10 -2.45
N GLN A 20 8.41 3.65 -3.38
CA GLN A 20 9.43 4.52 -3.95
C GLN A 20 8.80 5.56 -4.88
N GLU A 21 7.98 5.11 -5.81
CA GLU A 21 7.31 6.00 -6.75
C GLU A 21 6.37 6.96 -6.02
N LEU A 22 5.71 6.44 -4.98
CA LEU A 22 4.77 7.24 -4.20
C LEU A 22 5.49 8.40 -3.52
N ALA A 23 6.54 8.09 -2.77
CA ALA A 23 7.31 9.11 -2.08
C ALA A 23 7.93 10.10 -3.07
N ARG A 24 8.22 9.62 -4.26
CA ARG A 24 8.82 10.46 -5.29
C ARG A 24 7.87 11.59 -5.70
N ARG A 25 6.66 11.22 -6.13
CA ARG A 25 5.67 12.19 -6.55
C ARG A 25 5.35 13.16 -5.41
N PHE A 26 5.32 12.64 -4.20
CA PHE A 26 5.03 13.47 -3.02
C PHE A 26 6.25 14.29 -2.62
N ALA A 27 7.41 13.88 -3.10
CA ALA A 27 8.66 14.58 -2.80
C ALA A 27 8.98 14.51 -1.31
N LEU A 28 8.89 13.31 -0.76
CA LEU A 28 9.17 13.10 0.67
C LEU A 28 9.82 11.74 0.89
N SER A 29 10.23 11.49 2.13
CA SER A 29 10.87 10.23 2.49
C SER A 29 9.88 9.07 2.34
N GLU A 30 10.38 7.92 1.88
CA GLU A 30 9.56 6.74 1.69
C GLU A 30 8.98 6.27 3.02
N ASP A 31 9.69 6.54 4.11
CA ASP A 31 9.24 6.15 5.43
C ASP A 31 8.05 6.98 5.88
N GLY A 32 8.06 8.26 5.51
CA GLY A 32 6.98 9.16 5.88
C GLY A 32 5.70 8.86 5.12
N ILE A 33 5.83 8.66 3.81
CA ILE A 33 4.69 8.37 2.97
C ILE A 33 4.06 7.02 3.33
N ASP A 34 4.90 6.06 3.68
CA ASP A 34 4.43 4.73 4.05
C ASP A 34 3.76 4.76 5.41
N ALA A 35 4.45 5.31 6.40
CA ALA A 35 3.91 5.40 7.75
C ALA A 35 2.63 6.24 7.79
N MET A 36 2.65 7.36 7.06
CA MET A 36 1.50 8.24 7.01
C MET A 36 0.27 7.51 6.46
N LEU A 37 0.44 6.88 5.31
CA LEU A 37 -0.65 6.14 4.67
C LEU A 37 -1.19 5.06 5.60
N ALA A 38 -0.29 4.47 6.39
CA ALA A 38 -0.69 3.43 7.32
C ALA A 38 -1.45 3.99 8.50
N VAL A 39 -1.06 5.19 8.94
CA VAL A 39 -1.71 5.84 10.07
C VAL A 39 -3.08 6.39 9.68
N TRP A 40 -3.24 6.66 8.38
CA TRP A 40 -4.51 7.18 7.88
C TRP A 40 -5.52 6.05 7.68
N ILE A 41 -5.05 4.91 7.18
CA ILE A 41 -5.91 3.77 6.95
C ILE A 41 -6.12 2.96 8.23
N LYS A 42 -5.10 2.96 9.09
CA LYS A 42 -5.17 2.24 10.35
C LYS A 42 -4.37 2.96 11.43
N LYS A 43 -4.30 2.35 12.61
CA LYS A 43 -3.57 2.93 13.73
C LYS A 43 -2.11 3.17 13.36
N GLY A 44 -1.61 2.39 12.40
CA GLY A 44 -0.23 2.54 11.98
C GLY A 44 0.49 1.20 11.86
N VAL A 45 -0.06 0.31 11.06
CA VAL A 45 0.53 -1.01 10.86
C VAL A 45 1.30 -1.09 9.54
N LEU A 46 1.75 0.06 9.06
CA LEU A 46 2.50 0.13 7.81
C LEU A 46 1.69 -0.48 6.67
N SER A 47 0.37 -0.44 6.79
CA SER A 47 -0.51 -0.99 5.77
C SER A 47 -0.13 -2.43 5.43
N ARG A 48 -0.73 -2.96 4.37
CA ARG A 48 -0.45 -4.33 3.95
C ARG A 48 0.39 -4.33 2.68
N GLN A 49 1.66 -4.72 2.81
CA GLN A 49 2.57 -4.77 1.67
C GLN A 49 2.70 -6.20 1.14
N GLN A 50 2.60 -6.36 -0.18
CA GLN A 50 2.72 -7.67 -0.79
C GLN A 50 3.84 -7.69 -1.82
N TYR A 51 4.56 -8.80 -1.88
CA TYR A 51 5.67 -8.95 -2.81
C TYR A 51 5.27 -9.81 -4.01
N ILE A 52 5.42 -9.26 -5.21
CA ILE A 52 5.07 -9.99 -6.43
C ILE A 52 6.21 -9.92 -7.44
N ASN A 53 6.70 -11.08 -7.85
CA ASN A 53 7.80 -11.15 -8.81
C ASN A 53 8.17 -12.60 -9.10
N ALA A 54 8.09 -13.44 -8.08
CA ALA A 54 8.42 -14.86 -8.22
C ALA A 54 9.89 -15.04 -8.58
N GLU A 55 10.69 -14.00 -8.33
CA GLU A 55 12.12 -14.05 -8.63
C GLU A 55 12.36 -14.23 -10.12
N ASP A 56 11.67 -13.43 -10.92
CA ASP A 56 11.81 -13.49 -12.37
C ASP A 56 13.24 -13.17 -12.80
N GLU A 57 13.80 -12.12 -12.20
CA GLU A 57 15.17 -11.71 -12.51
C GLU A 57 15.57 -10.50 -11.67
N VAL A 58 14.94 -9.37 -11.93
CA VAL A 58 15.24 -8.13 -11.19
C VAL A 58 14.02 -7.22 -11.17
N VAL A 59 12.86 -7.78 -10.87
CA VAL A 59 11.63 -7.00 -10.80
C VAL A 59 11.39 -6.45 -9.39
N ARG A 60 11.09 -7.36 -8.46
CA ARG A 60 10.85 -6.97 -7.07
C ARG A 60 9.80 -5.85 -7.00
N VAL A 61 8.54 -6.23 -7.02
CA VAL A 61 7.44 -5.27 -6.95
C VAL A 61 6.69 -5.37 -5.63
N ARG A 62 6.79 -4.32 -4.81
CA ARG A 62 6.11 -4.30 -3.52
C ARG A 62 5.17 -3.10 -3.42
N TYR A 63 3.89 -3.39 -3.20
CA TYR A 63 2.89 -2.33 -3.09
C TYR A 63 2.09 -2.48 -1.80
N VAL A 64 1.71 -1.34 -1.22
CA VAL A 64 0.94 -1.33 0.02
C VAL A 64 -0.50 -0.93 -0.22
N MET A 65 -1.44 -1.73 0.26
CA MET A 65 -2.85 -1.46 0.10
C MET A 65 -3.54 -1.24 1.45
N ASN A 66 -4.72 -0.64 1.42
CA ASN A 66 -5.47 -0.37 2.65
C ASN A 66 -6.11 -1.65 3.19
N GLN A 67 -6.83 -1.53 4.30
CA GLN A 67 -7.49 -2.67 4.90
C GLN A 67 -8.44 -3.34 3.92
N VAL A 68 -9.03 -2.55 3.04
CA VAL A 68 -9.96 -3.06 2.04
C VAL A 68 -9.22 -3.71 0.88
N GLY A 69 -9.21 -5.04 0.85
CA GLY A 69 -8.53 -5.76 -0.21
C GLY A 69 -8.71 -7.26 -0.10
N SER A 70 -7.60 -7.99 -0.13
CA SER A 70 -7.64 -9.45 -0.05
C SER A 70 -6.61 -9.97 0.95
N LEU A 71 -6.97 -11.03 1.66
CA LEU A 71 -6.07 -11.62 2.65
C LEU A 71 -5.40 -12.87 2.10
N ALA A 72 -4.12 -13.04 2.41
CA ALA A 72 -3.37 -14.20 1.95
C ALA A 72 -3.91 -15.49 2.56
N VAL A 73 -3.49 -16.62 2.01
CA VAL A 73 -3.93 -17.92 2.49
C VAL A 73 -2.98 -18.47 3.55
N ASN A 74 -1.72 -18.05 3.48
CA ASN A 74 -0.70 -18.49 4.41
C ASN A 74 -0.57 -20.02 4.38
N VAL A 75 0.23 -20.55 5.30
CA VAL A 75 0.45 -22.00 5.38
C VAL A 75 0.33 -22.49 6.81
N THR A 76 0.40 -23.81 6.98
CA THR A 76 0.30 -24.42 8.30
C THR A 76 1.65 -24.43 9.00
N MET A 77 2.59 -25.19 8.45
CA MET A 77 3.93 -25.28 9.02
C MET A 77 4.66 -23.95 8.94
N GLY A 1 -4.17 16.93 1.85
CA GLY A 1 -4.57 15.54 2.07
C GLY A 1 -5.07 14.87 0.81
N MET A 2 -5.90 13.84 0.98
CA MET A 2 -6.46 13.12 -0.16
C MET A 2 -5.35 12.44 -0.96
N ILE A 3 -4.46 11.74 -0.25
CA ILE A 3 -3.35 11.04 -0.91
C ILE A 3 -3.53 9.53 -0.81
N LEU A 4 -4.07 9.08 0.32
CA LEU A 4 -4.29 7.65 0.53
C LEU A 4 -5.45 7.14 -0.31
N ASN A 5 -6.48 7.99 -0.45
CA ASN A 5 -7.66 7.63 -1.24
C ASN A 5 -7.29 7.46 -2.71
N GLU A 6 -6.55 8.42 -3.24
CA GLU A 6 -6.14 8.39 -4.64
C GLU A 6 -5.25 7.17 -4.91
N LEU A 7 -4.26 6.97 -4.05
CA LEU A 7 -3.33 5.86 -4.20
C LEU A 7 -4.06 4.52 -4.03
N LYS A 8 -4.71 4.36 -2.88
CA LYS A 8 -5.45 3.14 -2.59
C LYS A 8 -6.41 2.79 -3.73
N ALA A 9 -6.91 3.83 -4.40
CA ALA A 9 -7.83 3.65 -5.51
C ALA A 9 -7.13 3.04 -6.72
N ALA A 10 -5.98 3.61 -7.07
CA ALA A 10 -5.22 3.12 -8.21
C ALA A 10 -4.58 1.76 -7.91
N ILE A 11 -4.27 1.53 -6.64
CA ILE A 11 -3.66 0.27 -6.23
C ILE A 11 -4.69 -0.84 -6.12
N GLU A 12 -5.81 -0.53 -5.48
CA GLU A 12 -6.89 -1.50 -5.31
C GLU A 12 -7.55 -1.82 -6.65
N SER A 13 -7.52 -0.85 -7.55
CA SER A 13 -8.12 -1.01 -8.87
C SER A 13 -7.11 -1.61 -9.86
N LYS A 14 -6.05 -0.87 -10.13
CA LYS A 14 -5.02 -1.32 -11.05
C LYS A 14 -3.71 -1.60 -10.30
N ASN A 15 -2.64 -1.85 -11.06
CA ASN A 15 -1.34 -2.13 -10.47
C ASN A 15 -0.95 -1.05 -9.46
N GLY A 16 -0.46 -1.48 -8.31
CA GLY A 16 -0.05 -0.54 -7.27
C GLY A 16 1.46 -0.37 -7.20
N ALA A 17 1.91 0.48 -6.28
CA ALA A 17 3.33 0.73 -6.11
C ALA A 17 3.72 0.66 -4.64
N THR A 18 5.02 0.56 -4.38
CA THR A 18 5.53 0.46 -3.02
C THR A 18 5.72 1.86 -2.42
N ARG A 19 6.33 1.90 -1.24
CA ARG A 19 6.57 3.17 -0.56
C ARG A 19 7.52 4.05 -1.37
N GLN A 20 8.29 3.42 -2.25
CA GLN A 20 9.25 4.15 -3.09
C GLN A 20 8.53 4.98 -4.13
N GLU A 21 7.76 4.31 -5.00
CA GLU A 21 7.02 4.99 -6.05
C GLU A 21 6.02 5.98 -5.46
N LEU A 22 5.52 5.67 -4.27
CA LEU A 22 4.56 6.54 -3.59
C LEU A 22 5.20 7.87 -3.21
N ALA A 23 6.27 7.80 -2.42
CA ALA A 23 6.98 9.00 -2.00
C ALA A 23 7.52 9.78 -3.18
N ARG A 24 7.76 9.07 -4.29
CA ARG A 24 8.28 9.71 -5.50
C ARG A 24 7.25 10.67 -6.09
N ARG A 25 6.06 10.15 -6.38
CA ARG A 25 5.00 10.96 -6.96
C ARG A 25 4.59 12.08 -6.00
N PHE A 26 4.59 11.79 -4.71
CA PHE A 26 4.23 12.76 -3.70
C PHE A 26 5.37 13.74 -3.45
N ALA A 27 6.56 13.36 -3.87
CA ALA A 27 7.74 14.21 -3.69
C ALA A 27 8.06 14.41 -2.22
N LEU A 28 8.07 13.32 -1.47
CA LEU A 28 8.37 13.39 -0.04
C LEU A 28 9.13 12.15 0.43
N SER A 29 9.55 12.15 1.67
CA SER A 29 10.30 11.03 2.24
C SER A 29 9.43 9.78 2.29
N GLU A 30 10.05 8.62 2.09
CA GLU A 30 9.33 7.35 2.11
C GLU A 30 8.85 7.02 3.52
N ASP A 31 9.56 7.53 4.52
CA ASP A 31 9.21 7.29 5.92
C ASP A 31 7.96 8.08 6.29
N GLY A 32 7.80 9.26 5.69
CA GLY A 32 6.64 10.08 5.98
C GLY A 32 5.38 9.59 5.29
N ILE A 33 5.49 9.30 4.00
CA ILE A 33 4.35 8.82 3.23
C ILE A 33 3.88 7.46 3.73
N ASP A 34 4.83 6.62 4.14
CA ASP A 34 4.51 5.31 4.65
C ASP A 34 3.86 5.39 6.02
N ALA A 35 4.43 6.20 6.90
CA ALA A 35 3.90 6.38 8.24
C ALA A 35 2.48 6.90 8.21
N MET A 36 2.24 7.95 7.43
CA MET A 36 0.91 8.54 7.30
C MET A 36 -0.10 7.51 6.80
N LEU A 37 0.26 6.82 5.71
CA LEU A 37 -0.61 5.81 5.13
C LEU A 37 -0.80 4.64 6.09
N ALA A 38 0.19 4.40 6.94
CA ALA A 38 0.13 3.32 7.91
C ALA A 38 -0.81 3.65 9.06
N VAL A 39 -0.66 4.86 9.59
CA VAL A 39 -1.50 5.32 10.70
C VAL A 39 -2.94 5.49 10.26
N TRP A 40 -3.13 5.73 8.97
CA TRP A 40 -4.47 5.92 8.42
C TRP A 40 -5.17 4.58 8.23
N ILE A 41 -4.52 3.66 7.52
CA ILE A 41 -5.09 2.35 7.28
C ILE A 41 -5.24 1.56 8.57
N LYS A 42 -4.31 1.76 9.49
CA LYS A 42 -4.34 1.06 10.77
C LYS A 42 -3.59 1.87 11.84
N LYS A 43 -3.49 1.30 13.04
CA LYS A 43 -2.81 1.96 14.14
C LYS A 43 -1.37 2.31 13.76
N GLY A 44 -0.81 1.55 12.82
CA GLY A 44 0.54 1.80 12.38
C GLY A 44 1.31 0.51 12.12
N VAL A 45 1.02 -0.12 10.99
CA VAL A 45 1.69 -1.37 10.63
C VAL A 45 2.43 -1.23 9.31
N LEU A 46 2.79 0.00 8.96
CA LEU A 46 3.51 0.25 7.71
C LEU A 46 2.68 -0.17 6.51
N SER A 47 1.38 0.11 6.57
CA SER A 47 0.47 -0.24 5.48
C SER A 47 0.53 -1.74 5.19
N ARG A 48 -0.09 -2.15 4.09
CA ARG A 48 -0.11 -3.55 3.70
C ARG A 48 0.69 -3.78 2.42
N GLN A 49 1.88 -4.35 2.57
CA GLN A 49 2.73 -4.61 1.42
C GLN A 49 2.62 -6.07 0.98
N GLN A 50 2.06 -6.28 -0.20
CA GLN A 50 1.89 -7.64 -0.74
C GLN A 50 2.90 -7.91 -1.84
N TYR A 51 3.56 -9.05 -1.76
CA TYR A 51 4.56 -9.44 -2.76
C TYR A 51 4.21 -10.78 -3.39
N ILE A 52 4.09 -10.79 -4.73
CA ILE A 52 3.77 -12.01 -5.45
C ILE A 52 4.66 -12.17 -6.68
N ASN A 53 5.39 -13.27 -6.73
CA ASN A 53 6.28 -13.54 -7.86
C ASN A 53 7.00 -14.88 -7.67
N ALA A 54 7.32 -15.20 -6.42
CA ALA A 54 8.01 -16.44 -6.11
C ALA A 54 9.40 -16.47 -6.72
N GLU A 55 9.97 -15.29 -6.93
CA GLU A 55 11.30 -15.19 -7.52
C GLU A 55 11.35 -15.85 -8.89
N ASP A 56 10.26 -15.72 -9.65
CA ASP A 56 10.18 -16.31 -10.98
C ASP A 56 10.85 -15.42 -12.01
N GLU A 57 10.97 -14.14 -11.69
CA GLU A 57 11.59 -13.18 -12.60
C GLU A 57 10.80 -13.06 -13.90
N VAL A 58 9.48 -12.94 -13.77
CA VAL A 58 8.61 -12.82 -14.94
C VAL A 58 7.99 -11.43 -15.01
N VAL A 59 7.89 -10.77 -13.86
CA VAL A 59 7.31 -9.43 -13.80
C VAL A 59 7.59 -8.78 -12.46
N ARG A 60 7.51 -9.57 -11.39
CA ARG A 60 7.76 -9.08 -10.04
C ARG A 60 6.72 -8.04 -9.66
N VAL A 61 5.79 -8.43 -8.80
CA VAL A 61 4.73 -7.53 -8.34
C VAL A 61 4.82 -7.28 -6.85
N ARG A 62 4.93 -6.02 -6.46
CA ARG A 62 5.03 -5.65 -5.05
C ARG A 62 4.64 -4.19 -4.84
N TYR A 63 3.68 -3.96 -3.95
CA TYR A 63 3.22 -2.61 -3.67
C TYR A 63 2.53 -2.55 -2.31
N VAL A 64 2.18 -1.34 -1.88
CA VAL A 64 1.52 -1.14 -0.60
C VAL A 64 0.12 -0.55 -0.78
N MET A 65 -0.83 -1.05 -0.01
CA MET A 65 -2.20 -0.57 -0.08
C MET A 65 -2.64 0.07 1.23
N ASN A 66 -3.72 0.85 1.18
CA ASN A 66 -4.22 1.53 2.37
C ASN A 66 -5.71 1.24 2.56
N GLN A 67 -6.32 1.92 3.52
CA GLN A 67 -7.74 1.74 3.80
C GLN A 67 -8.20 2.67 4.92
N VAL A 68 -9.42 2.45 5.41
CA VAL A 68 -9.97 3.26 6.49
C VAL A 68 -10.58 2.40 7.57
N GLY A 69 -10.28 2.71 8.82
CA GLY A 69 -10.82 1.94 9.94
C GLY A 69 -11.40 2.83 11.02
N SER A 70 -12.26 3.76 10.62
CA SER A 70 -12.90 4.67 11.57
C SER A 70 -14.41 4.48 11.59
N LEU A 71 -15.07 5.12 12.55
CA LEU A 71 -16.51 5.04 12.67
C LEU A 71 -17.21 5.48 11.39
N ALA A 72 -17.81 4.54 10.69
CA ALA A 72 -18.51 4.84 9.44
C ALA A 72 -19.81 4.03 9.33
N VAL A 73 -20.84 4.65 8.78
CA VAL A 73 -22.13 4.00 8.62
C VAL A 73 -22.79 4.40 7.30
N ASN A 74 -23.57 3.48 6.74
CA ASN A 74 -24.25 3.74 5.47
C ASN A 74 -23.26 4.02 4.36
N VAL A 75 -23.77 4.44 3.20
CA VAL A 75 -22.91 4.75 2.06
C VAL A 75 -23.17 6.17 1.55
N THR A 76 -22.46 7.13 2.13
CA THR A 76 -22.61 8.53 1.74
C THR A 76 -21.25 9.19 1.53
N MET A 77 -20.34 8.95 2.46
CA MET A 77 -19.00 9.53 2.38
C MET A 77 -17.98 8.47 1.99
N GLY A 1 -0.91 16.90 -3.59
CA GLY A 1 -2.24 17.02 -3.01
C GLY A 1 -2.96 15.68 -2.96
N MET A 2 -3.43 15.21 -4.11
CA MET A 2 -4.14 13.94 -4.19
C MET A 2 -3.17 12.78 -4.38
N ILE A 3 -2.65 12.26 -3.28
CA ILE A 3 -1.70 11.15 -3.35
C ILE A 3 -2.25 9.92 -2.62
N LEU A 4 -3.04 10.16 -1.58
CA LEU A 4 -3.64 9.08 -0.80
C LEU A 4 -4.79 8.43 -1.56
N ASN A 5 -5.79 9.24 -1.93
CA ASN A 5 -6.95 8.75 -2.65
C ASN A 5 -6.54 8.18 -4.01
N GLU A 6 -5.49 8.76 -4.59
CA GLU A 6 -5.00 8.30 -5.89
C GLU A 6 -4.39 6.90 -5.78
N LEU A 7 -3.38 6.77 -4.94
CA LEU A 7 -2.72 5.48 -4.76
C LEU A 7 -3.68 4.45 -4.18
N LYS A 8 -4.52 4.89 -3.25
CA LYS A 8 -5.49 4.00 -2.62
C LYS A 8 -6.46 3.42 -3.66
N ALA A 9 -6.90 4.27 -4.58
CA ALA A 9 -7.82 3.84 -5.63
C ALA A 9 -7.14 2.87 -6.59
N ALA A 10 -5.85 3.10 -6.83
CA ALA A 10 -5.08 2.24 -7.73
C ALA A 10 -4.80 0.89 -7.10
N ILE A 11 -4.15 0.90 -5.96
CA ILE A 11 -3.82 -0.32 -5.24
C ILE A 11 -5.07 -1.15 -4.95
N GLU A 12 -6.20 -0.46 -4.78
CA GLU A 12 -7.46 -1.12 -4.50
C GLU A 12 -8.13 -1.60 -5.80
N SER A 13 -7.87 -0.88 -6.88
CA SER A 13 -8.44 -1.22 -8.18
C SER A 13 -7.77 -2.45 -8.77
N LYS A 14 -6.48 -2.33 -9.06
CA LYS A 14 -5.71 -3.44 -9.62
C LYS A 14 -4.22 -3.14 -9.59
N ASN A 15 -3.51 -3.77 -8.64
CA ASN A 15 -2.07 -3.57 -8.50
C ASN A 15 -1.76 -2.13 -8.14
N GLY A 16 -0.56 -1.90 -7.62
CA GLY A 16 -0.16 -0.56 -7.23
C GLY A 16 1.36 -0.43 -7.11
N ALA A 17 1.79 0.69 -6.54
CA ALA A 17 3.22 0.94 -6.37
C ALA A 17 3.65 0.71 -4.92
N THR A 18 4.96 0.61 -4.71
CA THR A 18 5.50 0.38 -3.37
C THR A 18 5.69 1.70 -2.64
N ARG A 19 6.33 1.63 -1.46
CA ARG A 19 6.56 2.82 -0.65
C ARG A 19 7.50 3.78 -1.37
N GLN A 20 8.26 3.26 -2.33
CA GLN A 20 9.19 4.09 -3.09
C GLN A 20 8.45 5.00 -4.06
N GLU A 21 7.68 4.40 -4.96
CA GLU A 21 6.91 5.15 -5.94
C GLU A 21 5.92 6.09 -5.25
N LEU A 22 5.44 5.68 -4.09
CA LEU A 22 4.48 6.47 -3.34
C LEU A 22 5.12 7.78 -2.86
N ALA A 23 6.21 7.66 -2.11
CA ALA A 23 6.91 8.83 -1.60
C ALA A 23 7.34 9.75 -2.74
N ARG A 24 7.66 9.17 -3.89
CA ARG A 24 8.08 9.94 -5.05
C ARG A 24 6.96 10.86 -5.53
N ARG A 25 5.81 10.27 -5.83
CA ARG A 25 4.65 11.03 -6.30
C ARG A 25 4.33 12.17 -5.34
N PHE A 26 4.40 11.89 -4.05
CA PHE A 26 4.11 12.90 -3.04
C PHE A 26 5.29 13.86 -2.86
N ALA A 27 6.45 13.44 -3.35
CA ALA A 27 7.65 14.26 -3.26
C ALA A 27 8.05 14.48 -1.80
N LEU A 28 8.10 13.41 -1.03
CA LEU A 28 8.47 13.48 0.38
C LEU A 28 9.21 12.23 0.81
N SER A 29 9.71 12.24 2.04
CA SER A 29 10.46 11.11 2.58
C SER A 29 9.57 9.87 2.65
N GLU A 30 10.17 8.71 2.36
CA GLU A 30 9.44 7.45 2.39
C GLU A 30 8.92 7.15 3.79
N ASP A 31 9.63 7.66 4.80
CA ASP A 31 9.25 7.45 6.19
C ASP A 31 7.99 8.24 6.53
N GLY A 32 7.89 9.45 5.98
CA GLY A 32 6.74 10.30 6.24
C GLY A 32 5.49 9.78 5.57
N ILE A 33 5.62 9.38 4.31
CA ILE A 33 4.48 8.88 3.56
C ILE A 33 3.98 7.55 4.14
N ASP A 34 4.91 6.73 4.61
CA ASP A 34 4.56 5.44 5.20
C ASP A 34 4.00 5.62 6.60
N ALA A 35 4.71 6.39 7.43
CA ALA A 35 4.28 6.63 8.80
C ALA A 35 2.93 7.33 8.83
N MET A 36 2.78 8.37 8.01
CA MET A 36 1.53 9.12 7.96
C MET A 36 0.39 8.24 7.46
N LEU A 37 0.59 7.62 6.31
CA LEU A 37 -0.43 6.75 5.73
C LEU A 37 -0.79 5.62 6.68
N ALA A 38 0.23 5.03 7.31
CA ALA A 38 0.03 3.94 8.25
C ALA A 38 -0.87 4.37 9.40
N VAL A 39 -0.54 5.51 10.01
CA VAL A 39 -1.33 6.03 11.12
C VAL A 39 -2.74 6.38 10.68
N TRP A 40 -2.90 6.68 9.40
CA TRP A 40 -4.21 7.03 8.85
C TRP A 40 -5.12 5.81 8.78
N ILE A 41 -4.56 4.69 8.32
CA ILE A 41 -5.33 3.45 8.20
C ILE A 41 -5.39 2.72 9.53
N LYS A 42 -4.22 2.35 10.06
CA LYS A 42 -4.14 1.65 11.33
C LYS A 42 -3.29 2.43 12.33
N LYS A 43 -2.97 1.79 13.46
CA LYS A 43 -2.17 2.42 14.49
C LYS A 43 -0.69 2.45 14.10
N GLY A 44 -0.13 1.27 13.89
CA GLY A 44 1.28 1.18 13.51
C GLY A 44 1.59 -0.12 12.77
N VAL A 45 0.86 -0.38 11.69
CA VAL A 45 1.07 -1.58 10.90
C VAL A 45 1.97 -1.31 9.71
N LEU A 46 2.10 -0.02 9.35
CA LEU A 46 2.94 0.37 8.23
C LEU A 46 2.40 -0.19 6.92
N SER A 47 1.10 -0.06 6.71
CA SER A 47 0.46 -0.56 5.50
C SER A 47 0.77 -2.05 5.31
N ARG A 48 0.34 -2.58 4.16
CA ARG A 48 0.57 -3.98 3.84
C ARG A 48 1.16 -4.13 2.45
N GLN A 49 2.28 -4.85 2.37
CA GLN A 49 2.95 -5.07 1.09
C GLN A 49 2.60 -6.44 0.51
N GLN A 50 2.52 -6.53 -0.81
CA GLN A 50 2.19 -7.77 -1.48
C GLN A 50 3.32 -8.20 -2.41
N TYR A 51 3.45 -9.50 -2.60
CA TYR A 51 4.49 -10.05 -3.47
C TYR A 51 3.88 -10.82 -4.65
N ILE A 52 4.44 -10.61 -5.84
CA ILE A 52 3.95 -11.28 -7.03
C ILE A 52 5.10 -11.64 -7.96
N ASN A 53 5.44 -12.93 -8.00
CA ASN A 53 6.52 -13.41 -8.85
C ASN A 53 7.85 -12.77 -8.46
N ALA A 54 8.08 -12.68 -7.16
CA ALA A 54 9.32 -12.08 -6.65
C ALA A 54 10.32 -13.16 -6.24
N GLU A 55 10.18 -14.35 -6.83
CA GLU A 55 11.07 -15.46 -6.52
C GLU A 55 11.09 -16.47 -7.66
N ASP A 56 10.97 -15.98 -8.89
CA ASP A 56 10.96 -16.84 -10.06
C ASP A 56 12.24 -16.63 -10.88
N GLU A 57 12.30 -15.51 -11.59
CA GLU A 57 13.47 -15.20 -12.42
C GLU A 57 13.80 -13.71 -12.35
N VAL A 58 12.99 -12.90 -13.01
CA VAL A 58 13.19 -11.46 -13.03
C VAL A 58 11.87 -10.72 -13.25
N VAL A 59 10.84 -11.14 -12.53
CA VAL A 59 9.53 -10.52 -12.65
C VAL A 59 8.95 -10.20 -11.28
N ARG A 60 9.79 -9.68 -10.39
CA ARG A 60 9.36 -9.35 -9.04
C ARG A 60 8.48 -8.10 -9.05
N VAL A 61 7.23 -8.25 -8.62
CA VAL A 61 6.30 -7.14 -8.57
C VAL A 61 5.60 -7.05 -7.22
N ARG A 62 5.90 -5.99 -6.47
CA ARG A 62 5.30 -5.79 -5.15
C ARG A 62 4.71 -4.39 -5.03
N TYR A 63 3.77 -4.24 -4.11
CA TYR A 63 3.12 -2.95 -3.90
C TYR A 63 2.48 -2.89 -2.51
N VAL A 64 2.40 -1.68 -1.96
CA VAL A 64 1.81 -1.47 -0.64
C VAL A 64 0.44 -0.82 -0.74
N MET A 65 -0.51 -1.32 0.02
CA MET A 65 -1.87 -0.78 0.03
C MET A 65 -2.23 -0.21 1.39
N ASN A 66 -3.28 0.61 1.43
CA ASN A 66 -3.72 1.22 2.67
C ASN A 66 -3.92 0.17 3.75
N GLN A 67 -4.76 -0.83 3.45
CA GLN A 67 -5.04 -1.90 4.40
C GLN A 67 -4.94 -3.26 3.73
N VAL A 68 -4.65 -4.28 4.52
CA VAL A 68 -4.54 -5.64 3.99
C VAL A 68 -5.91 -6.26 3.76
N GLY A 69 -6.01 -7.06 2.70
CA GLY A 69 -7.28 -7.70 2.39
C GLY A 69 -7.48 -7.88 0.90
N SER A 70 -8.36 -8.80 0.53
CA SER A 70 -8.64 -9.07 -0.88
C SER A 70 -9.71 -10.15 -1.03
N LEU A 71 -10.65 -10.18 -0.09
CA LEU A 71 -11.72 -11.17 -0.12
C LEU A 71 -11.16 -12.58 -0.06
N ALA A 72 -10.97 -13.10 1.16
CA ALA A 72 -10.45 -14.44 1.35
C ALA A 72 -10.54 -14.86 2.81
N VAL A 73 -11.48 -15.75 3.11
CA VAL A 73 -11.67 -16.23 4.48
C VAL A 73 -11.42 -17.74 4.56
N ASN A 74 -10.29 -18.10 5.16
CA ASN A 74 -9.94 -19.51 5.31
C ASN A 74 -10.99 -20.26 6.11
N VAL A 75 -10.77 -21.56 6.31
CA VAL A 75 -11.70 -22.38 7.07
C VAL A 75 -11.13 -22.76 8.43
N THR A 76 -11.55 -22.06 9.47
CA THR A 76 -11.08 -22.32 10.82
C THR A 76 -12.18 -22.07 11.84
N MET A 77 -12.91 -20.97 11.67
CA MET A 77 -14.00 -20.63 12.58
C MET A 77 -15.21 -21.53 12.35
N GLY A 1 -2.75 13.84 1.93
CA GLY A 1 -4.11 14.20 1.60
C GLY A 1 -4.66 13.41 0.43
N MET A 2 -4.94 14.10 -0.67
CA MET A 2 -5.48 13.46 -1.86
C MET A 2 -4.56 12.33 -2.33
N ILE A 3 -3.25 12.51 -2.13
CA ILE A 3 -2.28 11.52 -2.52
C ILE A 3 -2.61 10.16 -1.92
N LEU A 4 -3.27 10.16 -0.76
CA LEU A 4 -3.65 8.92 -0.10
C LEU A 4 -4.86 8.29 -0.78
N ASN A 5 -5.88 9.10 -1.03
CA ASN A 5 -7.09 8.61 -1.68
C ASN A 5 -6.80 8.17 -3.11
N GLU A 6 -5.91 8.88 -3.78
CA GLU A 6 -5.54 8.56 -5.15
C GLU A 6 -4.80 7.23 -5.22
N LEU A 7 -3.66 7.16 -4.52
CA LEU A 7 -2.86 5.94 -4.49
C LEU A 7 -3.67 4.76 -3.97
N LYS A 8 -4.55 5.02 -3.02
CA LYS A 8 -5.40 3.98 -2.45
C LYS A 8 -6.30 3.36 -3.51
N ALA A 9 -6.97 4.22 -4.28
CA ALA A 9 -7.87 3.76 -5.33
C ALA A 9 -7.09 3.09 -6.45
N ALA A 10 -5.83 3.47 -6.61
CA ALA A 10 -4.98 2.91 -7.65
C ALA A 10 -4.47 1.53 -7.26
N ILE A 11 -3.95 1.41 -6.05
CA ILE A 11 -3.43 0.15 -5.55
C ILE A 11 -4.55 -0.88 -5.37
N GLU A 12 -5.76 -0.38 -5.08
CA GLU A 12 -6.90 -1.26 -4.88
C GLU A 12 -7.49 -1.68 -6.23
N SER A 13 -7.74 -0.70 -7.10
CA SER A 13 -8.31 -0.98 -8.41
C SER A 13 -7.43 -1.95 -9.19
N LYS A 14 -6.17 -1.58 -9.38
CA LYS A 14 -5.23 -2.43 -10.11
C LYS A 14 -3.87 -2.46 -9.40
N ASN A 15 -2.89 -3.05 -10.06
CA ASN A 15 -1.54 -3.15 -9.51
C ASN A 15 -1.03 -1.77 -9.10
N GLY A 16 -0.78 -1.60 -7.81
CA GLY A 16 -0.29 -0.33 -7.31
C GLY A 16 1.22 -0.20 -7.44
N ALA A 17 1.74 0.98 -7.13
CA ALA A 17 3.17 1.23 -7.22
C ALA A 17 3.87 0.86 -5.91
N THR A 18 5.19 1.05 -5.87
CA THR A 18 5.98 0.73 -4.69
C THR A 18 6.19 1.98 -3.82
N ARG A 19 7.03 1.85 -2.80
CA ARG A 19 7.32 2.96 -1.91
C ARG A 19 8.01 4.10 -2.66
N GLN A 20 8.61 3.76 -3.79
CA GLN A 20 9.31 4.75 -4.60
C GLN A 20 8.32 5.71 -5.27
N GLU A 21 7.43 5.14 -6.08
CA GLU A 21 6.43 5.95 -6.77
C GLU A 21 5.53 6.69 -5.78
N LEU A 22 5.29 6.06 -4.63
CA LEU A 22 4.46 6.66 -3.60
C LEU A 22 5.09 7.93 -3.05
N ALA A 23 6.31 7.81 -2.56
CA ALA A 23 7.03 8.95 -2.00
C ALA A 23 7.33 9.98 -3.08
N ARG A 24 7.46 9.52 -4.31
CA ARG A 24 7.75 10.41 -5.43
C ARG A 24 6.55 11.29 -5.76
N ARG A 25 5.38 10.67 -5.88
CA ARG A 25 4.15 11.39 -6.19
C ARG A 25 3.85 12.43 -5.11
N PHE A 26 3.98 12.04 -3.85
CA PHE A 26 3.72 12.93 -2.73
C PHE A 26 4.89 13.89 -2.51
N ALA A 27 6.04 13.54 -3.09
CA ALA A 27 7.23 14.36 -2.96
C ALA A 27 7.69 14.46 -1.51
N LEU A 28 7.78 13.31 -0.85
CA LEU A 28 8.21 13.26 0.54
C LEU A 28 9.00 11.98 0.82
N SER A 29 9.56 11.90 2.03
CA SER A 29 10.34 10.74 2.42
C SER A 29 9.49 9.47 2.38
N GLU A 30 10.11 8.37 1.96
CA GLU A 30 9.41 7.09 1.87
C GLU A 30 8.87 6.67 3.25
N ASP A 31 9.56 7.08 4.30
CA ASP A 31 9.15 6.76 5.66
C ASP A 31 7.88 7.53 6.04
N GLY A 32 7.75 8.75 5.53
CA GLY A 32 6.58 9.55 5.83
C GLY A 32 5.35 9.10 5.07
N ILE A 33 5.50 8.92 3.76
CA ILE A 33 4.40 8.49 2.91
C ILE A 33 3.89 7.11 3.33
N ASP A 34 4.82 6.25 3.73
CA ASP A 34 4.46 4.89 4.16
C ASP A 34 3.76 4.92 5.51
N ALA A 35 4.33 5.67 6.45
CA ALA A 35 3.75 5.78 7.79
C ALA A 35 2.39 6.45 7.75
N MET A 36 2.29 7.54 6.97
CA MET A 36 1.05 8.28 6.85
C MET A 36 -0.06 7.40 6.29
N LEU A 37 0.24 6.68 5.22
CA LEU A 37 -0.73 5.79 4.59
C LEU A 37 -1.24 4.75 5.59
N ALA A 38 -0.32 4.12 6.30
CA ALA A 38 -0.68 3.11 7.29
C ALA A 38 -1.61 3.69 8.34
N VAL A 39 -1.26 4.85 8.88
CA VAL A 39 -2.07 5.51 9.89
C VAL A 39 -3.50 5.74 9.40
N TRP A 40 -3.63 6.03 8.11
CA TRP A 40 -4.93 6.28 7.51
C TRP A 40 -5.75 5.00 7.45
N ILE A 41 -5.08 3.89 7.17
CA ILE A 41 -5.75 2.59 7.07
C ILE A 41 -6.04 2.03 8.46
N LYS A 42 -4.99 1.75 9.22
CA LYS A 42 -5.14 1.22 10.57
C LYS A 42 -4.49 2.13 11.59
N LYS A 43 -4.44 1.69 12.85
CA LYS A 43 -3.85 2.47 13.92
C LYS A 43 -2.41 2.84 13.60
N GLY A 44 -1.77 2.01 12.76
CA GLY A 44 -0.39 2.27 12.38
C GLY A 44 0.45 1.00 12.34
N VAL A 45 0.19 0.17 11.34
CA VAL A 45 0.92 -1.09 11.20
C VAL A 45 1.69 -1.13 9.87
N LEU A 46 2.00 0.05 9.34
CA LEU A 46 2.72 0.14 8.07
C LEU A 46 1.97 -0.59 6.97
N SER A 47 0.65 -0.71 7.12
CA SER A 47 -0.18 -1.39 6.13
C SER A 47 0.36 -2.79 5.85
N ARG A 48 -0.19 -3.43 4.82
CA ARG A 48 0.23 -4.77 4.46
C ARG A 48 1.11 -4.75 3.21
N GLN A 49 2.42 -4.94 3.40
CA GLN A 49 3.36 -4.94 2.30
C GLN A 49 3.73 -6.35 1.88
N GLN A 50 3.53 -6.66 0.61
CA GLN A 50 3.84 -7.99 0.08
C GLN A 50 4.29 -7.91 -1.37
N TYR A 51 5.05 -8.91 -1.80
CA TYR A 51 5.55 -8.96 -3.17
C TYR A 51 4.65 -9.83 -4.05
N ILE A 52 4.32 -9.32 -5.23
CA ILE A 52 3.48 -10.05 -6.17
C ILE A 52 4.25 -10.45 -7.43
N ASN A 53 4.44 -11.75 -7.61
CA ASN A 53 5.16 -12.27 -8.77
C ASN A 53 5.22 -13.79 -8.75
N ALA A 54 5.36 -14.35 -7.55
CA ALA A 54 5.42 -15.81 -7.40
C ALA A 54 6.65 -16.38 -8.10
N GLU A 55 7.67 -15.55 -8.27
CA GLU A 55 8.90 -15.97 -8.92
C GLU A 55 8.61 -16.54 -10.31
N ASP A 56 7.51 -16.08 -10.91
CA ASP A 56 7.12 -16.54 -12.24
C ASP A 56 7.25 -15.41 -13.26
N GLU A 57 6.48 -14.35 -13.07
CA GLU A 57 6.51 -13.21 -13.97
C GLU A 57 7.91 -12.59 -14.03
N VAL A 58 8.68 -12.78 -12.97
CA VAL A 58 10.03 -12.26 -12.89
C VAL A 58 10.03 -10.74 -12.89
N VAL A 59 9.22 -10.15 -12.02
CA VAL A 59 9.14 -8.69 -11.92
C VAL A 59 9.33 -8.23 -10.49
N ARG A 60 8.79 -8.99 -9.54
CA ARG A 60 8.92 -8.66 -8.13
C ARG A 60 8.39 -7.25 -7.86
N VAL A 61 7.07 -7.13 -7.75
CA VAL A 61 6.44 -5.85 -7.48
C VAL A 61 5.94 -5.76 -6.05
N ARG A 62 6.56 -4.89 -5.26
CA ARG A 62 6.18 -4.71 -3.86
C ARG A 62 5.28 -3.49 -3.70
N TYR A 63 4.23 -3.64 -2.90
CA TYR A 63 3.29 -2.55 -2.65
C TYR A 63 2.51 -2.77 -1.36
N VAL A 64 2.03 -1.69 -0.77
CA VAL A 64 1.26 -1.77 0.47
C VAL A 64 -0.21 -1.48 0.22
N MET A 65 -1.07 -2.38 0.69
CA MET A 65 -2.51 -2.21 0.52
C MET A 65 -3.20 -2.08 1.88
N ASN A 66 -4.44 -1.58 1.86
CA ASN A 66 -5.21 -1.40 3.09
C ASN A 66 -5.40 -2.72 3.81
N GLN A 67 -6.20 -2.70 4.88
CA GLN A 67 -6.47 -3.90 5.66
C GLN A 67 -7.16 -4.95 4.80
N VAL A 68 -6.90 -6.22 5.10
CA VAL A 68 -7.50 -7.32 4.37
C VAL A 68 -8.92 -7.59 4.84
N GLY A 69 -9.61 -8.51 4.16
CA GLY A 69 -10.97 -8.84 4.53
C GLY A 69 -11.99 -8.01 3.78
N SER A 70 -13.25 -8.42 3.82
CA SER A 70 -14.32 -7.70 3.15
C SER A 70 -15.43 -7.33 4.12
N LEU A 71 -16.47 -6.69 3.60
CA LEU A 71 -17.61 -6.29 4.43
C LEU A 71 -18.93 -6.68 3.78
N ALA A 72 -19.13 -6.21 2.54
CA ALA A 72 -20.34 -6.51 1.80
C ALA A 72 -20.04 -6.80 0.33
N VAL A 73 -19.61 -5.77 -0.39
CA VAL A 73 -19.29 -5.91 -1.80
C VAL A 73 -20.49 -6.42 -2.59
N ASN A 74 -21.37 -5.51 -2.98
CA ASN A 74 -22.56 -5.87 -3.75
C ASN A 74 -23.40 -6.89 -2.99
N VAL A 75 -24.35 -6.40 -2.21
CA VAL A 75 -25.22 -7.27 -1.42
C VAL A 75 -26.68 -6.83 -1.53
N THR A 76 -27.59 -7.79 -1.62
CA THR A 76 -29.01 -7.49 -1.73
C THR A 76 -29.83 -8.38 -0.78
N MET A 77 -31.13 -8.12 -0.72
CA MET A 77 -32.02 -8.89 0.14
C MET A 77 -32.66 -10.04 -0.63
N GLY A 1 -3.28 17.01 0.06
CA GLY A 1 -2.61 16.06 0.91
C GLY A 1 -3.41 14.80 1.12
N MET A 2 -4.28 14.48 0.17
CA MET A 2 -5.11 13.29 0.25
C MET A 2 -4.77 12.31 -0.87
N ILE A 3 -3.51 11.90 -0.93
CA ILE A 3 -3.06 10.97 -1.95
C ILE A 3 -3.41 9.54 -1.57
N LEU A 4 -3.42 9.25 -0.28
CA LEU A 4 -3.74 7.91 0.21
C LEU A 4 -5.08 7.44 -0.34
N ASN A 5 -5.99 8.40 -0.57
CA ASN A 5 -7.31 8.07 -1.10
C ASN A 5 -7.22 7.60 -2.55
N GLU A 6 -6.71 8.46 -3.42
CA GLU A 6 -6.58 8.12 -4.83
C GLU A 6 -5.76 6.84 -5.00
N LEU A 7 -4.67 6.73 -4.25
CA LEU A 7 -3.81 5.55 -4.33
C LEU A 7 -4.54 4.31 -3.81
N LYS A 8 -5.34 4.50 -2.77
CA LYS A 8 -6.10 3.39 -2.18
C LYS A 8 -7.01 2.75 -3.23
N ALA A 9 -7.68 3.58 -4.02
CA ALA A 9 -8.58 3.07 -5.05
C ALA A 9 -7.80 2.43 -6.19
N ALA A 10 -6.65 3.00 -6.52
CA ALA A 10 -5.81 2.48 -7.59
C ALA A 10 -5.23 1.12 -7.22
N ILE A 11 -4.52 1.07 -6.10
CA ILE A 11 -3.92 -0.17 -5.63
C ILE A 11 -4.98 -1.25 -5.39
N GLU A 12 -6.15 -0.81 -4.93
CA GLU A 12 -7.25 -1.74 -4.67
C GLU A 12 -7.80 -2.33 -5.96
N SER A 13 -7.79 -1.53 -7.02
CA SER A 13 -8.28 -1.97 -8.31
C SER A 13 -7.37 -3.04 -8.92
N LYS A 14 -6.14 -2.66 -9.19
CA LYS A 14 -5.15 -3.57 -9.77
C LYS A 14 -3.80 -2.89 -9.95
N ASN A 15 -2.73 -3.63 -9.69
CA ASN A 15 -1.38 -3.10 -9.84
C ASN A 15 -1.22 -1.80 -9.06
N GLY A 16 -0.88 -1.92 -7.78
CA GLY A 16 -0.71 -0.74 -6.95
C GLY A 16 0.71 -0.20 -7.00
N ALA A 17 0.90 0.99 -6.43
CA ALA A 17 2.21 1.62 -6.42
C ALA A 17 2.98 1.25 -5.15
N THR A 18 4.30 1.14 -5.28
CA THR A 18 5.15 0.78 -4.15
C THR A 18 5.45 2.01 -3.29
N ARG A 19 6.34 1.85 -2.33
CA ARG A 19 6.71 2.93 -1.43
C ARG A 19 7.37 4.07 -2.20
N GLN A 20 7.90 3.75 -3.38
CA GLN A 20 8.56 4.74 -4.21
C GLN A 20 7.55 5.68 -4.85
N GLU A 21 6.59 5.10 -5.57
CA GLU A 21 5.56 5.89 -6.24
C GLU A 21 4.76 6.69 -5.23
N LEU A 22 4.56 6.13 -4.04
CA LEU A 22 3.81 6.78 -2.99
C LEU A 22 4.52 8.04 -2.51
N ALA A 23 5.76 7.88 -2.05
CA ALA A 23 6.55 9.02 -1.57
C ALA A 23 6.79 10.03 -2.69
N ARG A 24 6.83 9.55 -3.92
CA ARG A 24 7.05 10.41 -5.08
C ARG A 24 5.85 11.32 -5.31
N ARG A 25 4.67 10.73 -5.39
CA ARG A 25 3.45 11.48 -5.62
C ARG A 25 3.26 12.55 -4.55
N PHE A 26 3.52 12.18 -3.30
CA PHE A 26 3.38 13.11 -2.19
C PHE A 26 4.58 14.04 -2.11
N ALA A 27 5.67 13.64 -2.76
CA ALA A 27 6.90 14.44 -2.76
C ALA A 27 7.48 14.55 -1.35
N LEU A 28 7.59 13.42 -0.67
CA LEU A 28 8.13 13.39 0.68
C LEU A 28 8.91 12.10 0.93
N SER A 29 9.56 12.02 2.09
CA SER A 29 10.35 10.84 2.45
C SER A 29 9.46 9.61 2.52
N GLU A 30 9.99 8.47 2.09
CA GLU A 30 9.25 7.22 2.11
C GLU A 30 8.83 6.87 3.53
N ASP A 31 9.63 7.28 4.51
CA ASP A 31 9.35 7.01 5.91
C ASP A 31 8.14 7.82 6.38
N GLY A 32 8.01 9.04 5.85
CA GLY A 32 6.89 9.89 6.24
C GLY A 32 5.58 9.46 5.61
N ILE A 33 5.61 9.19 4.31
CA ILE A 33 4.42 8.77 3.59
C ILE A 33 3.91 7.43 4.12
N ASP A 34 4.84 6.55 4.49
CA ASP A 34 4.49 5.24 5.01
C ASP A 34 3.96 5.34 6.43
N ALA A 35 4.62 6.16 7.24
CA ALA A 35 4.21 6.35 8.63
C ALA A 35 2.82 6.95 8.72
N MET A 36 2.60 8.02 7.96
CA MET A 36 1.30 8.70 7.95
C MET A 36 0.20 7.76 7.47
N LEU A 37 0.42 7.13 6.32
CA LEU A 37 -0.56 6.21 5.75
C LEU A 37 -0.84 5.06 6.71
N ALA A 38 0.15 4.74 7.54
CA ALA A 38 0.01 3.66 8.51
C ALA A 38 -0.97 4.04 9.62
N VAL A 39 -0.69 5.14 10.31
CA VAL A 39 -1.54 5.60 11.40
C VAL A 39 -2.95 5.88 10.89
N TRP A 40 -3.07 6.18 9.60
CA TRP A 40 -4.37 6.47 9.00
C TRP A 40 -5.21 5.21 8.88
N ILE A 41 -4.62 4.17 8.28
CA ILE A 41 -5.33 2.90 8.10
C ILE A 41 -5.46 2.17 9.43
N LYS A 42 -4.34 1.92 10.08
CA LYS A 42 -4.33 1.22 11.37
C LYS A 42 -3.54 2.00 12.41
N LYS A 43 -3.29 1.37 13.55
CA LYS A 43 -2.54 2.01 14.63
C LYS A 43 -1.05 2.01 14.33
N GLY A 44 -0.48 0.82 14.19
CA GLY A 44 0.94 0.70 13.90
C GLY A 44 1.26 -0.48 13.00
N VAL A 45 0.52 -0.60 11.90
CA VAL A 45 0.73 -1.70 10.96
C VAL A 45 1.84 -1.38 9.97
N LEU A 46 2.08 -0.09 9.75
CA LEU A 46 3.12 0.35 8.83
C LEU A 46 2.83 -0.11 7.41
N SER A 47 1.58 0.03 7.00
CA SER A 47 1.16 -0.38 5.66
C SER A 47 1.35 -1.87 5.46
N ARG A 48 0.70 -2.42 4.44
CA ARG A 48 0.80 -3.85 4.14
C ARG A 48 1.47 -4.07 2.79
N GLN A 49 2.70 -4.58 2.82
CA GLN A 49 3.45 -4.85 1.61
C GLN A 49 3.38 -6.32 1.22
N GLN A 50 3.10 -6.59 -0.04
CA GLN A 50 3.00 -7.96 -0.53
C GLN A 50 3.58 -8.07 -1.94
N TYR A 51 4.12 -9.25 -2.25
CA TYR A 51 4.71 -9.48 -3.56
C TYR A 51 3.84 -10.44 -4.38
N ILE A 52 4.17 -10.56 -5.66
CA ILE A 52 3.41 -11.44 -6.56
C ILE A 52 4.30 -11.95 -7.70
N ASN A 53 4.31 -13.27 -7.88
CA ASN A 53 5.11 -13.88 -8.93
C ASN A 53 4.88 -15.39 -8.98
N ALA A 54 4.75 -16.00 -7.81
CA ALA A 54 4.52 -17.44 -7.72
C ALA A 54 3.06 -17.75 -7.45
N GLU A 55 2.18 -16.82 -7.85
CA GLU A 55 0.75 -17.00 -7.65
C GLU A 55 -0.01 -16.80 -8.96
N ASP A 56 0.54 -17.32 -10.04
CA ASP A 56 -0.08 -17.19 -11.36
C ASP A 56 -0.16 -15.73 -11.78
N GLU A 57 0.93 -15.00 -11.59
CA GLU A 57 0.98 -13.59 -11.95
C GLU A 57 2.04 -13.33 -13.01
N VAL A 58 3.27 -13.76 -12.73
CA VAL A 58 4.38 -13.58 -13.67
C VAL A 58 4.69 -12.11 -13.88
N VAL A 59 4.85 -11.38 -12.78
CA VAL A 59 5.15 -9.95 -12.84
C VAL A 59 6.31 -9.60 -11.93
N ARG A 60 6.32 -10.20 -10.74
CA ARG A 60 7.39 -9.94 -9.77
C ARG A 60 7.37 -8.49 -9.32
N VAL A 61 6.36 -8.12 -8.54
CA VAL A 61 6.23 -6.76 -8.04
C VAL A 61 5.76 -6.74 -6.59
N ARG A 62 6.28 -5.80 -5.81
CA ARG A 62 5.90 -5.68 -4.41
C ARG A 62 5.50 -4.24 -4.07
N TYR A 63 4.22 -4.07 -3.74
CA TYR A 63 3.70 -2.75 -3.40
C TYR A 63 3.02 -2.76 -2.04
N VAL A 64 2.69 -1.58 -1.53
CA VAL A 64 2.04 -1.45 -0.24
C VAL A 64 0.63 -0.90 -0.38
N MET A 65 -0.34 -1.59 0.21
CA MET A 65 -1.73 -1.16 0.15
C MET A 65 -2.26 -0.83 1.54
N ASN A 66 -3.36 -0.08 1.58
CA ASN A 66 -3.97 0.31 2.85
C ASN A 66 -4.24 -0.92 3.73
N GLN A 67 -4.97 -1.88 3.17
CA GLN A 67 -5.29 -3.10 3.90
C GLN A 67 -5.38 -4.29 2.96
N VAL A 68 -5.77 -5.44 3.50
CA VAL A 68 -5.90 -6.65 2.71
C VAL A 68 -7.11 -6.59 1.80
N GLY A 69 -7.08 -7.37 0.71
CA GLY A 69 -8.18 -7.38 -0.23
C GLY A 69 -9.01 -8.65 -0.13
N SER A 70 -10.21 -8.53 0.41
CA SER A 70 -11.10 -9.68 0.56
C SER A 70 -12.54 -9.23 0.82
N LEU A 71 -13.43 -9.56 -0.11
CA LEU A 71 -14.84 -9.20 0.02
C LEU A 71 -15.74 -10.41 -0.17
N ALA A 72 -16.18 -11.00 0.95
CA ALA A 72 -17.05 -12.16 0.92
C ALA A 72 -18.36 -11.85 0.19
N VAL A 73 -18.56 -12.48 -0.97
CA VAL A 73 -19.76 -12.27 -1.75
C VAL A 73 -20.25 -13.58 -2.37
N ASN A 74 -20.00 -14.68 -1.68
CA ASN A 74 -20.41 -15.99 -2.16
C ASN A 74 -21.74 -16.40 -1.55
N VAL A 75 -22.78 -16.45 -2.39
CA VAL A 75 -24.11 -16.84 -1.93
C VAL A 75 -24.74 -17.87 -2.85
N THR A 76 -24.95 -17.47 -4.11
CA THR A 76 -25.54 -18.36 -5.11
C THR A 76 -24.47 -19.02 -5.97
N MET A 77 -23.71 -18.19 -6.69
CA MET A 77 -22.65 -18.69 -7.55
C MET A 77 -21.38 -18.98 -6.75
N GLY A 1 -5.19 15.24 5.09
CA GLY A 1 -4.73 15.03 3.73
C GLY A 1 -5.44 13.87 3.06
N MET A 2 -5.32 13.79 1.74
CA MET A 2 -5.95 12.71 0.97
C MET A 2 -5.02 12.20 -0.12
N ILE A 3 -3.93 11.56 0.30
CA ILE A 3 -2.95 11.03 -0.64
C ILE A 3 -3.05 9.51 -0.71
N LEU A 4 -3.09 8.87 0.45
CA LEU A 4 -3.19 7.41 0.52
C LEU A 4 -4.51 6.92 -0.09
N ASN A 5 -5.53 7.78 -0.04
CA ASN A 5 -6.83 7.44 -0.58
C ASN A 5 -6.77 7.23 -2.09
N GLU A 6 -6.27 8.24 -2.80
CA GLU A 6 -6.16 8.16 -4.25
C GLU A 6 -5.25 7.01 -4.67
N LEU A 7 -4.11 6.89 -3.99
CA LEU A 7 -3.15 5.83 -4.30
C LEU A 7 -3.77 4.46 -4.04
N LYS A 8 -4.29 4.26 -2.83
CA LYS A 8 -4.92 2.99 -2.47
C LYS A 8 -5.96 2.59 -3.50
N ALA A 9 -6.64 3.58 -4.08
CA ALA A 9 -7.67 3.32 -5.07
C ALA A 9 -7.06 2.75 -6.35
N ALA A 10 -6.03 3.43 -6.86
CA ALA A 10 -5.35 2.99 -8.08
C ALA A 10 -4.63 1.67 -7.86
N ILE A 11 -4.08 1.49 -6.67
CA ILE A 11 -3.36 0.27 -6.33
C ILE A 11 -4.32 -0.89 -6.10
N GLU A 12 -5.54 -0.57 -5.71
CA GLU A 12 -6.56 -1.59 -5.45
C GLU A 12 -7.12 -2.13 -6.76
N SER A 13 -7.41 -1.24 -7.69
CA SER A 13 -7.97 -1.62 -8.98
C SER A 13 -6.85 -1.92 -9.98
N LYS A 14 -6.06 -0.90 -10.30
CA LYS A 14 -4.96 -1.05 -11.24
C LYS A 14 -3.69 -1.53 -10.53
N ASN A 15 -2.59 -1.54 -11.26
CA ASN A 15 -1.31 -1.98 -10.69
C ASN A 15 -0.99 -1.24 -9.41
N GLY A 16 -0.10 -1.80 -8.60
CA GLY A 16 0.26 -1.16 -7.35
C GLY A 16 1.54 -0.35 -7.46
N ALA A 17 1.83 0.44 -6.44
CA ALA A 17 3.04 1.27 -6.42
C ALA A 17 3.84 1.04 -5.16
N THR A 18 5.16 0.91 -5.31
CA THR A 18 6.05 0.68 -4.18
C THR A 18 6.25 1.97 -3.38
N ARG A 19 7.17 1.93 -2.42
CA ARG A 19 7.45 3.09 -1.58
C ARG A 19 8.01 4.24 -2.42
N GLN A 20 8.55 3.90 -3.58
CA GLN A 20 9.13 4.91 -4.47
C GLN A 20 8.02 5.71 -5.17
N GLU A 21 7.12 5.00 -5.84
CA GLU A 21 6.02 5.65 -6.55
C GLU A 21 5.15 6.46 -5.59
N LEU A 22 5.00 5.94 -4.38
CA LEU A 22 4.19 6.61 -3.37
C LEU A 22 4.84 7.94 -2.95
N ALA A 23 6.07 7.86 -2.48
CA ALA A 23 6.79 9.06 -2.05
C ALA A 23 7.04 10.00 -3.22
N ARG A 24 7.07 9.45 -4.43
CA ARG A 24 7.29 10.24 -5.63
C ARG A 24 6.07 11.11 -5.94
N ARG A 25 4.90 10.50 -5.93
CA ARG A 25 3.67 11.23 -6.21
C ARG A 25 3.42 12.32 -5.18
N PHE A 26 3.65 11.98 -3.91
CA PHE A 26 3.46 12.93 -2.81
C PHE A 26 4.63 13.89 -2.72
N ALA A 27 5.75 13.53 -3.35
CA ALA A 27 6.94 14.36 -3.33
C ALA A 27 7.48 14.52 -1.91
N LEU A 28 7.62 13.40 -1.21
CA LEU A 28 8.13 13.43 0.15
C LEU A 28 8.96 12.17 0.45
N SER A 29 9.59 12.14 1.62
CA SER A 29 10.41 11.01 2.02
C SER A 29 9.58 9.73 2.08
N GLU A 30 10.18 8.62 1.67
CA GLU A 30 9.50 7.33 1.67
C GLU A 30 9.09 6.94 3.09
N ASP A 31 9.86 7.40 4.07
CA ASP A 31 9.57 7.10 5.47
C ASP A 31 8.33 7.85 5.95
N GLY A 32 8.13 9.05 5.42
CA GLY A 32 6.98 9.85 5.81
C GLY A 32 5.69 9.37 5.16
N ILE A 33 5.74 9.14 3.85
CA ILE A 33 4.57 8.68 3.13
C ILE A 33 4.16 7.28 3.57
N ASP A 34 5.15 6.45 3.89
CA ASP A 34 4.88 5.09 4.34
C ASP A 34 4.25 5.09 5.73
N ALA A 35 4.90 5.78 6.66
CA ALA A 35 4.40 5.86 8.03
C ALA A 35 3.04 6.56 8.08
N MET A 36 2.95 7.70 7.41
CA MET A 36 1.71 8.46 7.39
C MET A 36 0.55 7.60 6.88
N LEU A 37 0.80 6.84 5.84
CA LEU A 37 -0.22 5.96 5.26
C LEU A 37 -0.72 4.95 6.29
N ALA A 38 0.22 4.27 6.94
CA ALA A 38 -0.12 3.28 7.96
C ALA A 38 -0.85 3.93 9.12
N VAL A 39 -0.38 5.10 9.53
CA VAL A 39 -0.98 5.82 10.65
C VAL A 39 -2.40 6.30 10.30
N TRP A 40 -2.64 6.49 9.01
CA TRP A 40 -3.95 6.94 8.54
C TRP A 40 -4.96 5.81 8.58
N ILE A 41 -4.54 4.62 8.17
CA ILE A 41 -5.40 3.45 8.16
C ILE A 41 -5.47 2.81 9.54
N LYS A 42 -4.33 2.33 10.02
CA LYS A 42 -4.26 1.69 11.33
C LYS A 42 -3.41 2.52 12.29
N LYS A 43 -3.12 1.95 13.45
CA LYS A 43 -2.31 2.63 14.46
C LYS A 43 -0.93 2.00 14.58
N GLY A 44 -0.90 0.69 14.80
CA GLY A 44 0.35 -0.02 14.92
C GLY A 44 0.44 -1.25 14.04
N VAL A 45 -0.09 -1.13 12.82
CA VAL A 45 -0.08 -2.23 11.87
C VAL A 45 0.97 -2.03 10.79
N LEU A 46 1.32 -0.77 10.54
CA LEU A 46 2.33 -0.45 9.54
C LEU A 46 1.86 -0.87 8.15
N SER A 47 0.60 -0.57 7.83
CA SER A 47 0.04 -0.92 6.54
C SER A 47 0.20 -2.41 6.26
N ARG A 48 -0.13 -2.82 5.04
CA ARG A 48 -0.02 -4.21 4.64
C ARG A 48 0.79 -4.35 3.34
N GLN A 49 1.99 -4.90 3.47
CA GLN A 49 2.87 -5.08 2.32
C GLN A 49 2.81 -6.52 1.81
N GLN A 50 2.71 -6.68 0.49
CA GLN A 50 2.66 -8.01 -0.11
C GLN A 50 3.46 -8.05 -1.39
N TYR A 51 3.91 -9.25 -1.76
CA TYR A 51 4.71 -9.43 -2.98
C TYR A 51 3.96 -10.30 -3.99
N ILE A 52 4.33 -10.16 -5.26
CA ILE A 52 3.70 -10.93 -6.31
C ILE A 52 4.73 -11.40 -7.34
N ASN A 53 4.65 -12.68 -7.70
CA ASN A 53 5.58 -13.26 -8.67
C ASN A 53 7.02 -13.09 -8.21
N ALA A 54 7.22 -13.04 -6.89
CA ALA A 54 8.55 -12.89 -6.32
C ALA A 54 8.78 -13.89 -5.19
N GLU A 55 8.16 -13.64 -4.05
CA GLU A 55 8.30 -14.52 -2.89
C GLU A 55 9.77 -14.59 -2.44
N ASP A 56 10.45 -13.45 -2.47
CA ASP A 56 11.85 -13.38 -2.08
C ASP A 56 12.15 -12.05 -1.39
N GLU A 57 12.18 -10.98 -2.18
CA GLU A 57 12.46 -9.65 -1.67
C GLU A 57 12.20 -8.58 -2.72
N VAL A 58 10.96 -8.51 -3.19
CA VAL A 58 10.58 -7.53 -4.21
C VAL A 58 11.31 -7.80 -5.51
N VAL A 59 11.25 -9.05 -5.98
CA VAL A 59 11.89 -9.44 -7.22
C VAL A 59 11.03 -9.07 -8.43
N ARG A 60 9.72 -8.99 -8.21
CA ARG A 60 8.79 -8.64 -9.27
C ARG A 60 7.96 -7.42 -8.89
N VAL A 61 7.01 -7.62 -7.99
CA VAL A 61 6.14 -6.54 -7.53
C VAL A 61 5.96 -6.58 -6.02
N ARG A 62 6.00 -5.41 -5.39
CA ARG A 62 5.85 -5.31 -3.95
C ARG A 62 5.42 -3.90 -3.55
N TYR A 63 4.25 -3.81 -2.90
CA TYR A 63 3.73 -2.53 -2.47
C TYR A 63 2.90 -2.68 -1.19
N VAL A 64 2.47 -1.55 -0.64
CA VAL A 64 1.66 -1.57 0.59
C VAL A 64 0.28 -0.98 0.33
N MET A 65 -0.75 -1.72 0.73
CA MET A 65 -2.13 -1.28 0.54
C MET A 65 -2.82 -1.09 1.89
N ASN A 66 -3.94 -0.37 1.88
CA ASN A 66 -4.69 -0.11 3.10
C ASN A 66 -5.56 -1.31 3.47
N GLN A 67 -6.43 -1.13 4.46
CA GLN A 67 -7.32 -2.20 4.90
C GLN A 67 -8.32 -2.57 3.80
N VAL A 68 -8.55 -3.86 3.63
CA VAL A 68 -9.47 -4.34 2.61
C VAL A 68 -10.29 -5.53 3.12
N GLY A 69 -11.61 -5.45 2.96
CA GLY A 69 -12.47 -6.53 3.41
C GLY A 69 -12.21 -7.83 2.68
N SER A 70 -12.06 -8.91 3.43
CA SER A 70 -11.80 -10.22 2.85
C SER A 70 -12.51 -11.31 3.64
N LEU A 71 -12.61 -12.50 3.03
CA LEU A 71 -13.28 -13.62 3.67
C LEU A 71 -12.27 -14.67 4.11
N ALA A 72 -11.42 -14.30 5.08
CA ALA A 72 -10.41 -15.20 5.60
C ALA A 72 -10.99 -16.15 6.64
N VAL A 73 -11.15 -17.42 6.26
CA VAL A 73 -11.70 -18.42 7.17
C VAL A 73 -11.12 -19.80 6.88
N ASN A 74 -10.78 -20.53 7.94
CA ASN A 74 -10.21 -21.86 7.80
C ASN A 74 -11.30 -22.89 7.50
N VAL A 75 -10.96 -23.88 6.66
CA VAL A 75 -11.91 -24.92 6.30
C VAL A 75 -11.51 -26.26 6.92
N THR A 76 -11.88 -26.47 8.16
CA THR A 76 -11.56 -27.71 8.87
C THR A 76 -12.76 -28.64 8.91
N MET A 77 -12.53 -29.87 9.35
CA MET A 77 -13.60 -30.87 9.44
C MET A 77 -13.28 -31.91 10.51
N GLY A 1 -9.10 14.24 -4.70
CA GLY A 1 -8.83 13.16 -3.77
C GLY A 1 -7.40 13.18 -3.27
N MET A 2 -7.24 13.25 -1.95
CA MET A 2 -5.92 13.27 -1.33
C MET A 2 -5.08 12.08 -1.80
N ILE A 3 -3.78 12.14 -1.54
CA ILE A 3 -2.88 11.07 -1.93
C ILE A 3 -3.28 9.74 -1.28
N LEU A 4 -3.97 9.83 -0.15
CA LEU A 4 -4.41 8.64 0.57
C LEU A 4 -5.55 7.95 -0.19
N ASN A 5 -6.61 8.70 -0.47
CA ASN A 5 -7.75 8.16 -1.19
C ASN A 5 -7.39 7.84 -2.64
N GLU A 6 -6.47 8.62 -3.19
CA GLU A 6 -6.03 8.41 -4.57
C GLU A 6 -5.33 7.07 -4.73
N LEU A 7 -4.31 6.84 -3.92
CA LEU A 7 -3.56 5.59 -3.97
C LEU A 7 -4.40 4.43 -3.47
N LYS A 8 -5.36 4.72 -2.60
CA LYS A 8 -6.24 3.70 -2.05
C LYS A 8 -7.05 3.03 -3.16
N ALA A 9 -7.72 3.85 -3.97
CA ALA A 9 -8.53 3.33 -5.08
C ALA A 9 -7.65 2.88 -6.23
N ALA A 10 -6.51 3.55 -6.41
CA ALA A 10 -5.58 3.21 -7.48
C ALA A 10 -4.98 1.83 -7.26
N ILE A 11 -4.48 1.59 -6.06
CA ILE A 11 -3.87 0.30 -5.73
C ILE A 11 -4.92 -0.79 -5.62
N GLU A 12 -6.09 -0.43 -5.10
CA GLU A 12 -7.19 -1.38 -4.94
C GLU A 12 -7.79 -1.75 -6.29
N SER A 13 -7.69 -0.83 -7.24
CA SER A 13 -8.23 -1.04 -8.58
C SER A 13 -7.31 -1.95 -9.39
N LYS A 14 -6.09 -1.48 -9.64
CA LYS A 14 -5.12 -2.25 -10.41
C LYS A 14 -3.81 -2.39 -9.64
N ASN A 15 -2.79 -2.91 -10.31
CA ASN A 15 -1.48 -3.10 -9.68
C ASN A 15 -1.00 -1.80 -9.04
N GLY A 16 -0.95 -1.79 -7.71
CA GLY A 16 -0.50 -0.62 -6.99
C GLY A 16 0.97 -0.32 -7.23
N ALA A 17 1.51 0.64 -6.47
CA ALA A 17 2.90 1.02 -6.61
C ALA A 17 3.69 0.66 -5.35
N THR A 18 4.99 0.94 -5.38
CA THR A 18 5.85 0.65 -4.24
C THR A 18 6.07 1.89 -3.38
N ARG A 19 6.98 1.78 -2.42
CA ARG A 19 7.28 2.89 -1.52
C ARG A 19 7.88 4.06 -2.30
N GLN A 20 8.44 3.76 -3.47
CA GLN A 20 9.05 4.79 -4.30
C GLN A 20 7.99 5.66 -4.96
N GLU A 21 7.13 5.04 -5.76
CA GLU A 21 6.07 5.76 -6.46
C GLU A 21 5.18 6.50 -5.46
N LEU A 22 5.01 5.92 -4.28
CA LEU A 22 4.18 6.52 -3.25
C LEU A 22 4.79 7.82 -2.74
N ALA A 23 6.02 7.75 -2.25
CA ALA A 23 6.73 8.92 -1.75
C ALA A 23 6.95 9.94 -2.86
N ARG A 24 7.04 9.46 -4.09
CA ARG A 24 7.26 10.33 -5.24
C ARG A 24 6.02 11.18 -5.52
N ARG A 25 4.87 10.53 -5.61
CA ARG A 25 3.61 11.23 -5.87
C ARG A 25 3.34 12.28 -4.79
N PHE A 26 3.56 11.90 -3.54
CA PHE A 26 3.33 12.80 -2.41
C PHE A 26 4.48 13.79 -2.28
N ALA A 27 5.60 13.47 -2.91
CA ALA A 27 6.78 14.34 -2.86
C ALA A 27 7.30 14.47 -1.44
N LEU A 28 7.47 13.33 -0.77
CA LEU A 28 7.97 13.31 0.60
C LEU A 28 8.82 12.07 0.85
N SER A 29 9.44 12.01 2.03
CA SER A 29 10.28 10.87 2.39
C SER A 29 9.46 9.59 2.45
N GLU A 30 10.07 8.49 2.02
CA GLU A 30 9.39 7.19 2.01
C GLU A 30 8.95 6.81 3.42
N ASP A 31 9.71 7.27 4.42
CA ASP A 31 9.39 6.98 5.82
C ASP A 31 8.14 7.73 6.26
N GLY A 32 7.95 8.92 5.71
CA GLY A 32 6.78 9.72 6.06
C GLY A 32 5.51 9.23 5.39
N ILE A 33 5.59 9.01 4.09
CA ILE A 33 4.44 8.54 3.33
C ILE A 33 4.00 7.16 3.80
N ASP A 34 4.96 6.34 4.18
CA ASP A 34 4.66 4.99 4.67
C ASP A 34 4.08 5.04 6.08
N ALA A 35 4.68 5.85 6.93
CA ALA A 35 4.22 6.00 8.31
C ALA A 35 2.83 6.62 8.37
N MET A 36 2.63 7.67 7.57
CA MET A 36 1.36 8.36 7.52
C MET A 36 0.23 7.43 7.05
N LEU A 37 0.44 6.80 5.90
CA LEU A 37 -0.54 5.88 5.35
C LEU A 37 -0.82 4.73 6.31
N ALA A 38 0.20 4.36 7.09
CA ALA A 38 0.06 3.27 8.06
C ALA A 38 -0.79 3.70 9.23
N VAL A 39 -0.71 4.98 9.59
CA VAL A 39 -1.48 5.52 10.71
C VAL A 39 -2.94 5.75 10.31
N TRP A 40 -3.16 5.97 9.02
CA TRP A 40 -4.52 6.20 8.52
C TRP A 40 -5.24 4.89 8.28
N ILE A 41 -4.49 3.85 7.93
CA ILE A 41 -5.07 2.53 7.67
C ILE A 41 -5.29 1.78 8.97
N LYS A 42 -4.42 2.00 9.94
CA LYS A 42 -4.53 1.34 11.23
C LYS A 42 -3.93 2.20 12.34
N LYS A 43 -2.60 2.27 12.38
CA LYS A 43 -1.90 3.06 13.39
C LYS A 43 -0.41 3.15 13.08
N GLY A 44 0.15 2.04 12.60
CA GLY A 44 1.56 2.01 12.27
C GLY A 44 2.07 0.61 12.01
N VAL A 45 1.63 0.02 10.89
CA VAL A 45 2.04 -1.33 10.54
C VAL A 45 2.65 -1.36 9.13
N LEU A 46 3.18 -0.23 8.70
CA LEU A 46 3.79 -0.13 7.38
C LEU A 46 2.80 -0.52 6.29
N SER A 47 1.52 -0.29 6.55
CA SER A 47 0.48 -0.62 5.59
C SER A 47 0.52 -2.10 5.24
N ARG A 48 -0.26 -2.49 4.23
CA ARG A 48 -0.31 -3.87 3.79
C ARG A 48 0.55 -4.08 2.54
N GLN A 49 1.70 -4.71 2.72
CA GLN A 49 2.61 -4.96 1.61
C GLN A 49 2.47 -6.41 1.11
N GLN A 50 2.70 -6.61 -0.18
CA GLN A 50 2.60 -7.94 -0.78
C GLN A 50 3.59 -8.09 -1.93
N TYR A 51 4.34 -9.18 -1.91
CA TYR A 51 5.33 -9.45 -2.96
C TYR A 51 4.66 -10.09 -4.17
N ILE A 52 5.17 -9.74 -5.36
CA ILE A 52 4.64 -10.28 -6.60
C ILE A 52 5.73 -10.92 -7.44
N ASN A 53 5.74 -12.25 -7.48
CA ASN A 53 6.75 -12.98 -8.26
C ASN A 53 6.53 -14.48 -8.14
N ALA A 54 6.07 -14.93 -6.97
CA ALA A 54 5.81 -16.34 -6.74
C ALA A 54 7.09 -17.17 -6.91
N GLU A 55 8.24 -16.53 -6.72
CA GLU A 55 9.52 -17.20 -6.87
C GLU A 55 9.64 -17.84 -8.25
N ASP A 56 8.94 -17.27 -9.22
CA ASP A 56 8.98 -17.77 -10.59
C ASP A 56 8.77 -16.64 -11.59
N GLU A 57 9.15 -15.43 -11.20
CA GLU A 57 9.00 -14.28 -12.07
C GLU A 57 10.35 -13.62 -12.35
N VAL A 58 11.24 -13.67 -11.37
CA VAL A 58 12.57 -13.09 -11.51
C VAL A 58 12.49 -11.58 -11.66
N VAL A 59 11.76 -10.93 -10.76
CA VAL A 59 11.61 -9.48 -10.79
C VAL A 59 11.52 -8.91 -9.39
N ARG A 60 10.73 -9.54 -8.54
CA ARG A 60 10.56 -9.09 -7.16
C ARG A 60 9.96 -7.69 -7.11
N VAL A 61 8.64 -7.62 -7.18
CA VAL A 61 7.94 -6.34 -7.14
C VAL A 61 6.82 -6.36 -6.11
N ARG A 62 6.99 -5.56 -5.05
CA ARG A 62 6.00 -5.48 -3.98
C ARG A 62 5.23 -4.16 -4.05
N TYR A 63 4.18 -4.05 -3.25
CA TYR A 63 3.36 -2.85 -3.22
C TYR A 63 2.59 -2.74 -1.92
N VAL A 64 2.52 -1.54 -1.37
CA VAL A 64 1.81 -1.30 -0.12
C VAL A 64 0.50 -0.55 -0.37
N MET A 65 -0.59 -1.10 0.17
CA MET A 65 -1.91 -0.49 0.01
C MET A 65 -2.48 -0.07 1.36
N ASN A 66 -3.49 0.81 1.32
CA ASN A 66 -4.12 1.29 2.55
C ASN A 66 -5.55 0.78 2.65
N GLN A 67 -5.73 -0.53 2.50
CA GLN A 67 -7.05 -1.13 2.58
C GLN A 67 -7.06 -2.30 3.55
N VAL A 68 -8.25 -2.74 3.94
CA VAL A 68 -8.39 -3.86 4.86
C VAL A 68 -7.70 -5.10 4.33
N GLY A 69 -7.22 -5.94 5.24
CA GLY A 69 -6.54 -7.16 4.84
C GLY A 69 -6.90 -8.35 5.71
N SER A 70 -6.14 -8.54 6.79
CA SER A 70 -6.39 -9.65 7.71
C SER A 70 -7.17 -9.17 8.92
N LEU A 71 -6.89 -7.95 9.36
CA LEU A 71 -7.57 -7.37 10.52
C LEU A 71 -9.05 -7.15 10.23
N ALA A 72 -9.88 -7.33 11.25
CA ALA A 72 -11.32 -7.15 11.12
C ALA A 72 -12.02 -7.21 12.47
N VAL A 73 -11.80 -8.30 13.20
CA VAL A 73 -12.41 -8.48 14.51
C VAL A 73 -11.80 -7.52 15.53
N ASN A 74 -12.48 -7.36 16.66
CA ASN A 74 -12.01 -6.46 17.71
C ASN A 74 -11.83 -5.05 17.19
N VAL A 75 -12.91 -4.27 17.22
CA VAL A 75 -12.87 -2.89 16.75
C VAL A 75 -13.60 -1.96 17.72
N THR A 76 -13.35 -0.66 17.58
CA THR A 76 -13.99 0.34 18.43
C THR A 76 -14.98 1.17 17.65
N MET A 77 -15.63 2.12 18.34
CA MET A 77 -16.60 3.00 17.71
C MET A 77 -15.96 4.31 17.27
N GLY A 1 -5.33 14.29 3.15
CA GLY A 1 -4.92 14.85 1.87
C GLY A 1 -5.67 14.25 0.70
N MET A 2 -5.05 14.28 -0.47
CA MET A 2 -5.66 13.73 -1.68
C MET A 2 -4.74 12.71 -2.34
N ILE A 3 -3.87 12.10 -1.56
CA ILE A 3 -2.93 11.11 -2.07
C ILE A 3 -3.22 9.72 -1.52
N LEU A 4 -3.75 9.67 -0.30
CA LEU A 4 -4.08 8.41 0.34
C LEU A 4 -5.29 7.77 -0.32
N ASN A 5 -6.27 8.60 -0.68
CA ASN A 5 -7.49 8.10 -1.32
C ASN A 5 -7.22 7.73 -2.77
N GLU A 6 -6.51 8.59 -3.48
CA GLU A 6 -6.18 8.34 -4.88
C GLU A 6 -5.42 7.03 -5.04
N LEU A 7 -4.41 6.83 -4.19
CA LEU A 7 -3.59 5.63 -4.25
C LEU A 7 -4.40 4.41 -3.78
N LYS A 8 -5.06 4.56 -2.64
CA LYS A 8 -5.87 3.48 -2.09
C LYS A 8 -6.84 2.94 -3.13
N ALA A 9 -7.29 3.80 -4.03
CA ALA A 9 -8.22 3.41 -5.08
C ALA A 9 -7.49 2.71 -6.22
N ALA A 10 -6.34 3.25 -6.60
CA ALA A 10 -5.54 2.68 -7.68
C ALA A 10 -5.00 1.31 -7.30
N ILE A 11 -4.69 1.14 -6.01
CA ILE A 11 -4.17 -0.13 -5.51
C ILE A 11 -5.28 -1.17 -5.36
N GLU A 12 -6.30 -0.83 -4.56
CA GLU A 12 -7.42 -1.73 -4.34
C GLU A 12 -8.06 -2.15 -5.66
N SER A 13 -8.00 -1.26 -6.65
CA SER A 13 -8.57 -1.55 -7.95
C SER A 13 -7.68 -2.50 -8.74
N LYS A 14 -6.47 -2.07 -9.05
CA LYS A 14 -5.51 -2.88 -9.80
C LYS A 14 -4.11 -2.71 -9.25
N ASN A 15 -3.14 -3.35 -9.91
CA ASN A 15 -1.75 -3.27 -9.49
C ASN A 15 -1.31 -1.82 -9.33
N GLY A 16 -1.22 -1.36 -8.09
CA GLY A 16 -0.81 0.01 -7.83
C GLY A 16 0.69 0.17 -7.80
N ALA A 17 1.15 1.36 -7.41
CA ALA A 17 2.59 1.63 -7.34
C ALA A 17 3.16 1.17 -6.01
N THR A 18 4.48 1.30 -5.86
CA THR A 18 5.16 0.90 -4.63
C THR A 18 5.45 2.10 -3.74
N ARG A 19 6.21 1.88 -2.68
CA ARG A 19 6.56 2.95 -1.75
C ARG A 19 7.41 4.01 -2.44
N GLN A 20 8.04 3.63 -3.54
CA GLN A 20 8.89 4.55 -4.30
C GLN A 20 8.04 5.59 -5.02
N GLU A 21 7.11 5.12 -5.84
CA GLU A 21 6.23 6.00 -6.61
C GLU A 21 5.42 6.88 -5.67
N LEU A 22 4.97 6.31 -4.56
CA LEU A 22 4.17 7.05 -3.59
C LEU A 22 4.97 8.20 -3.00
N ALA A 23 6.15 7.89 -2.47
CA ALA A 23 7.02 8.90 -1.88
C ALA A 23 7.44 9.95 -2.91
N ARG A 24 7.44 9.55 -4.18
CA ARG A 24 7.82 10.44 -5.27
C ARG A 24 6.76 11.50 -5.49
N ARG A 25 5.50 11.07 -5.55
CA ARG A 25 4.39 12.00 -5.77
C ARG A 25 4.26 12.97 -4.60
N PHE A 26 4.38 12.44 -3.39
CA PHE A 26 4.26 13.27 -2.18
C PHE A 26 5.55 14.05 -1.94
N ALA A 27 6.63 13.61 -2.58
CA ALA A 27 7.92 14.26 -2.43
C ALA A 27 8.43 14.17 -1.00
N LEU A 28 8.39 12.97 -0.44
CA LEU A 28 8.85 12.74 0.93
C LEU A 28 9.49 11.37 1.06
N SER A 29 10.06 11.11 2.24
CA SER A 29 10.71 9.83 2.50
C SER A 29 9.72 8.68 2.41
N GLU A 30 10.17 7.55 1.88
CA GLU A 30 9.32 6.37 1.74
C GLU A 30 8.79 5.92 3.10
N ASP A 31 9.58 6.16 4.14
CA ASP A 31 9.19 5.77 5.49
C ASP A 31 8.06 6.65 6.00
N GLY A 32 8.08 7.92 5.64
CA GLY A 32 7.04 8.84 6.07
C GLY A 32 5.74 8.63 5.34
N ILE A 33 5.80 8.54 4.02
CA ILE A 33 4.61 8.33 3.21
C ILE A 33 3.97 6.98 3.51
N ASP A 34 4.81 5.99 3.78
CA ASP A 34 4.33 4.64 4.09
C ASP A 34 3.66 4.60 5.47
N ALA A 35 4.40 5.04 6.49
CA ALA A 35 3.89 5.05 7.85
C ALA A 35 2.65 5.93 7.96
N MET A 36 2.69 7.08 7.29
CA MET A 36 1.56 8.01 7.31
C MET A 36 0.30 7.36 6.75
N LEU A 37 0.43 6.77 5.57
CA LEU A 37 -0.70 6.11 4.93
C LEU A 37 -1.29 5.02 5.83
N ALA A 38 -0.41 4.32 6.55
CA ALA A 38 -0.85 3.26 7.45
C ALA A 38 -1.57 3.84 8.67
N VAL A 39 -1.19 5.05 9.06
CA VAL A 39 -1.80 5.71 10.20
C VAL A 39 -3.14 6.34 9.83
N TRP A 40 -3.29 6.67 8.55
CA TRP A 40 -4.53 7.27 8.07
C TRP A 40 -5.60 6.22 7.86
N ILE A 41 -5.26 5.16 7.13
CA ILE A 41 -6.20 4.08 6.86
C ILE A 41 -6.29 3.12 8.05
N LYS A 42 -5.17 2.95 8.74
CA LYS A 42 -5.11 2.06 9.90
C LYS A 42 -4.53 2.78 11.11
N LYS A 43 -4.42 2.06 12.22
CA LYS A 43 -3.87 2.62 13.45
C LYS A 43 -2.38 2.88 13.30
N GLY A 44 -1.72 2.11 12.44
CA GLY A 44 -0.29 2.27 12.23
C GLY A 44 0.44 0.95 12.16
N VAL A 45 0.28 0.25 11.04
CA VAL A 45 0.93 -1.04 10.86
C VAL A 45 1.65 -1.11 9.51
N LEU A 46 2.04 0.06 9.00
CA LEU A 46 2.74 0.14 7.73
C LEU A 46 1.92 -0.52 6.61
N SER A 47 0.61 -0.54 6.79
CA SER A 47 -0.29 -1.15 5.80
C SER A 47 0.12 -2.59 5.51
N ARG A 48 -0.50 -3.17 4.49
CA ARG A 48 -0.19 -4.55 4.11
C ARG A 48 0.63 -4.58 2.82
N GLN A 49 1.91 -4.93 2.96
CA GLN A 49 2.81 -5.00 1.81
C GLN A 49 2.99 -6.45 1.35
N GLN A 50 2.99 -6.65 0.04
CA GLN A 50 3.15 -7.98 -0.54
C GLN A 50 4.06 -7.94 -1.76
N TYR A 51 4.86 -8.99 -1.93
CA TYR A 51 5.78 -9.08 -3.05
C TYR A 51 5.18 -9.91 -4.19
N ILE A 52 5.55 -9.58 -5.41
CA ILE A 52 5.05 -10.30 -6.59
C ILE A 52 6.14 -10.47 -7.63
N ASN A 53 6.30 -11.70 -8.12
CA ASN A 53 7.31 -12.00 -9.13
C ASN A 53 7.13 -13.41 -9.68
N ALA A 54 7.42 -14.41 -8.86
CA ALA A 54 7.27 -15.80 -9.27
C ALA A 54 7.21 -16.73 -8.06
N GLU A 55 6.77 -16.18 -6.93
CA GLU A 55 6.66 -16.97 -5.70
C GLU A 55 8.00 -17.60 -5.33
N ASP A 56 9.08 -16.96 -5.78
CA ASP A 56 10.43 -17.46 -5.50
C ASP A 56 11.18 -16.51 -4.56
N GLU A 57 10.42 -15.77 -3.75
CA GLU A 57 11.02 -14.83 -2.81
C GLU A 57 11.90 -13.83 -3.54
N VAL A 58 11.59 -13.57 -4.81
CA VAL A 58 12.36 -12.63 -5.61
C VAL A 58 12.27 -11.22 -5.04
N VAL A 59 11.07 -10.83 -4.66
CA VAL A 59 10.85 -9.50 -4.09
C VAL A 59 11.12 -8.41 -5.12
N ARG A 60 10.54 -8.55 -6.30
CA ARG A 60 10.71 -7.58 -7.38
C ARG A 60 9.80 -6.38 -7.18
N VAL A 61 8.50 -6.59 -7.35
CA VAL A 61 7.53 -5.52 -7.19
C VAL A 61 6.72 -5.70 -5.91
N ARG A 62 6.87 -4.74 -4.99
CA ARG A 62 6.16 -4.80 -3.72
C ARG A 62 5.34 -3.53 -3.50
N TYR A 63 4.05 -3.70 -3.23
CA TYR A 63 3.16 -2.57 -3.00
C TYR A 63 2.37 -2.75 -1.71
N VAL A 64 1.88 -1.64 -1.17
CA VAL A 64 1.11 -1.66 0.07
C VAL A 64 -0.35 -1.32 -0.19
N MET A 65 -1.25 -2.06 0.45
CA MET A 65 -2.69 -1.83 0.28
C MET A 65 -3.32 -1.40 1.60
N ASN A 66 -4.50 -0.80 1.51
CA ASN A 66 -5.21 -0.34 2.70
C ASN A 66 -6.59 -1.00 2.80
N GLN A 67 -6.62 -2.23 3.30
CA GLN A 67 -7.87 -2.96 3.44
C GLN A 67 -8.54 -2.66 4.78
N VAL A 68 -9.70 -2.02 4.73
CA VAL A 68 -10.43 -1.67 5.94
C VAL A 68 -11.74 -2.46 6.04
N GLY A 69 -12.41 -2.34 7.18
CA GLY A 69 -13.66 -3.04 7.38
C GLY A 69 -13.84 -3.51 8.80
N SER A 70 -12.93 -4.37 9.26
CA SER A 70 -12.99 -4.89 10.62
C SER A 70 -11.95 -4.23 11.51
N LEU A 71 -12.07 -4.43 12.82
CA LEU A 71 -11.16 -3.85 13.78
C LEU A 71 -10.38 -4.94 14.52
N ALA A 72 -9.09 -5.07 14.20
CA ALA A 72 -8.24 -6.07 14.83
C ALA A 72 -6.93 -5.44 15.31
N VAL A 73 -7.03 -4.34 16.05
CA VAL A 73 -5.86 -3.65 16.57
C VAL A 73 -5.85 -3.65 18.09
N ASN A 74 -7.04 -3.66 18.68
CA ASN A 74 -7.17 -3.66 20.14
C ASN A 74 -6.76 -5.01 20.72
N VAL A 75 -6.73 -5.08 22.04
CA VAL A 75 -6.36 -6.32 22.73
C VAL A 75 -7.59 -7.10 23.16
N THR A 76 -7.62 -8.38 22.83
CA THR A 76 -8.74 -9.25 23.18
C THR A 76 -8.44 -10.71 22.86
N MET A 77 -7.17 -11.07 22.96
CA MET A 77 -6.74 -12.44 22.68
C MET A 77 -7.10 -13.37 23.84
N GLY A 1 -2.49 16.39 0.38
CA GLY A 1 -3.89 16.56 0.72
C GLY A 1 -4.75 15.42 0.21
N MET A 2 -4.59 15.07 -1.06
CA MET A 2 -5.36 13.99 -1.66
C MET A 2 -4.45 13.01 -2.38
N ILE A 3 -3.51 12.43 -1.65
CA ILE A 3 -2.57 11.48 -2.21
C ILE A 3 -2.86 10.06 -1.72
N LEU A 4 -3.37 9.96 -0.50
CA LEU A 4 -3.69 8.67 0.09
C LEU A 4 -4.97 8.10 -0.52
N ASN A 5 -5.94 8.97 -0.78
CA ASN A 5 -7.21 8.56 -1.36
C ASN A 5 -7.02 8.08 -2.79
N GLU A 6 -6.23 8.82 -3.56
CA GLU A 6 -5.98 8.46 -4.95
C GLU A 6 -5.20 7.16 -5.04
N LEU A 7 -4.09 7.07 -4.33
CA LEU A 7 -3.26 5.87 -4.32
C LEU A 7 -4.04 4.67 -3.80
N LYS A 8 -4.92 4.91 -2.83
CA LYS A 8 -5.73 3.84 -2.26
C LYS A 8 -6.65 3.23 -3.32
N ALA A 9 -7.30 4.07 -4.09
CA ALA A 9 -8.20 3.61 -5.15
C ALA A 9 -7.42 2.97 -6.29
N ALA A 10 -6.16 3.37 -6.45
CA ALA A 10 -5.31 2.84 -7.50
C ALA A 10 -4.78 1.47 -7.13
N ILE A 11 -4.28 1.35 -5.89
CA ILE A 11 -3.73 0.09 -5.41
C ILE A 11 -4.83 -0.96 -5.24
N GLU A 12 -6.04 -0.51 -4.96
CA GLU A 12 -7.17 -1.41 -4.79
C GLU A 12 -7.77 -1.80 -6.13
N SER A 13 -7.92 -0.83 -7.02
CA SER A 13 -8.49 -1.07 -8.34
C SER A 13 -7.64 -2.08 -9.11
N LYS A 14 -6.36 -1.75 -9.29
CA LYS A 14 -5.44 -2.62 -10.01
C LYS A 14 -4.03 -2.55 -9.41
N ASN A 15 -3.08 -3.18 -10.08
CA ASN A 15 -1.69 -3.17 -9.62
C ASN A 15 -1.21 -1.75 -9.35
N GLY A 16 -1.14 -1.39 -8.07
CA GLY A 16 -0.69 -0.06 -7.70
C GLY A 16 0.82 0.05 -7.65
N ALA A 17 1.32 1.24 -7.35
CA ALA A 17 2.76 1.48 -7.27
C ALA A 17 3.31 1.07 -5.91
N THR A 18 4.62 1.16 -5.75
CA THR A 18 5.27 0.78 -4.50
C THR A 18 5.55 2.02 -3.65
N ARG A 19 6.30 1.82 -2.56
CA ARG A 19 6.64 2.91 -1.66
C ARG A 19 7.51 3.95 -2.37
N GLN A 20 8.16 3.53 -3.45
CA GLN A 20 9.03 4.42 -4.21
C GLN A 20 8.20 5.43 -5.00
N GLU A 21 7.30 4.93 -5.84
CA GLU A 21 6.46 5.80 -6.65
C GLU A 21 5.58 6.68 -5.77
N LEU A 22 5.18 6.15 -4.63
CA LEU A 22 4.34 6.89 -3.69
C LEU A 22 5.07 8.11 -3.14
N ALA A 23 6.24 7.88 -2.57
CA ALA A 23 7.05 8.97 -2.02
C ALA A 23 7.47 9.95 -3.11
N ARG A 24 7.53 9.46 -4.35
CA ARG A 24 7.92 10.30 -5.47
C ARG A 24 6.83 11.31 -5.81
N ARG A 25 5.60 10.82 -5.92
CA ARG A 25 4.45 11.67 -6.23
C ARG A 25 4.24 12.72 -5.14
N PHE A 26 4.37 12.29 -3.89
CA PHE A 26 4.19 13.19 -2.75
C PHE A 26 5.44 14.03 -2.52
N ALA A 27 6.56 13.59 -3.09
CA ALA A 27 7.82 14.31 -2.95
C ALA A 27 8.27 14.33 -1.49
N LEU A 28 8.26 13.17 -0.84
CA LEU A 28 8.67 13.07 0.55
C LEU A 28 9.37 11.74 0.81
N SER A 29 9.90 11.57 2.02
CA SER A 29 10.60 10.35 2.40
C SER A 29 9.65 9.15 2.33
N GLU A 30 10.19 8.01 1.88
CA GLU A 30 9.39 6.79 1.77
C GLU A 30 8.85 6.37 3.14
N ASP A 31 9.57 6.72 4.19
CA ASP A 31 9.17 6.38 5.55
C ASP A 31 7.98 7.23 6.00
N GLY A 32 7.94 8.47 5.51
CA GLY A 32 6.87 9.38 5.87
C GLY A 32 5.58 9.06 5.14
N ILE A 33 5.69 8.78 3.84
CA ILE A 33 4.52 8.46 3.02
C ILE A 33 3.94 7.10 3.40
N ASP A 34 4.81 6.17 3.78
CA ASP A 34 4.38 4.84 4.17
C ASP A 34 3.74 4.86 5.55
N ALA A 35 4.43 5.47 6.51
CA ALA A 35 3.93 5.56 7.87
C ALA A 35 2.60 6.32 7.92
N MET A 36 2.53 7.41 7.15
CA MET A 36 1.33 8.23 7.11
C MET A 36 0.14 7.44 6.55
N LEU A 37 0.35 6.81 5.40
CA LEU A 37 -0.69 6.02 4.76
C LEU A 37 -1.19 4.92 5.70
N ALA A 38 -0.29 4.39 6.52
CA ALA A 38 -0.63 3.34 7.46
C ALA A 38 -1.48 3.88 8.61
N VAL A 39 -1.20 5.13 9.00
CA VAL A 39 -1.93 5.76 10.08
C VAL A 39 -3.33 6.17 9.64
N TRP A 40 -3.48 6.40 8.34
CA TRP A 40 -4.77 6.81 7.79
C TRP A 40 -5.68 5.60 7.58
N ILE A 41 -5.09 4.50 7.09
CA ILE A 41 -5.85 3.28 6.86
C ILE A 41 -6.04 2.48 8.14
N LYS A 42 -5.04 2.56 9.03
CA LYS A 42 -5.09 1.85 10.29
C LYS A 42 -4.39 2.65 11.40
N LYS A 43 -4.33 2.08 12.59
CA LYS A 43 -3.69 2.73 13.72
C LYS A 43 -2.24 3.08 13.39
N GLY A 44 -1.64 2.32 12.50
CA GLY A 44 -0.26 2.57 12.10
C GLY A 44 0.57 1.30 12.06
N VAL A 45 0.14 0.35 11.23
CA VAL A 45 0.84 -0.92 11.10
C VAL A 45 1.65 -0.96 9.79
N LEU A 46 2.02 0.21 9.29
CA LEU A 46 2.78 0.30 8.06
C LEU A 46 2.06 -0.39 6.91
N SER A 47 0.73 -0.46 7.01
CA SER A 47 -0.07 -1.09 5.98
C SER A 47 0.36 -2.53 5.74
N ARG A 48 -0.18 -3.14 4.70
CA ARG A 48 0.15 -4.53 4.37
C ARG A 48 0.99 -4.59 3.11
N GLN A 49 2.28 -4.87 3.26
CA GLN A 49 3.19 -4.96 2.12
C GLN A 49 3.42 -6.41 1.73
N GLN A 50 3.35 -6.69 0.43
CA GLN A 50 3.55 -8.04 -0.07
C GLN A 50 4.17 -8.02 -1.46
N TYR A 51 4.80 -9.12 -1.85
CA TYR A 51 5.45 -9.23 -3.16
C TYR A 51 4.50 -9.83 -4.18
N ILE A 52 4.86 -9.69 -5.46
CA ILE A 52 4.04 -10.23 -6.54
C ILE A 52 4.88 -10.49 -7.78
N ASN A 53 4.47 -11.48 -8.58
CA ASN A 53 5.18 -11.84 -9.80
C ASN A 53 6.60 -12.31 -9.48
N ALA A 54 6.73 -13.16 -8.46
CA ALA A 54 8.02 -13.69 -8.06
C ALA A 54 7.93 -15.18 -7.76
N GLU A 55 7.36 -15.51 -6.61
CA GLU A 55 7.22 -16.90 -6.19
C GLU A 55 8.58 -17.59 -6.09
N ASP A 56 9.59 -16.82 -5.70
CA ASP A 56 10.94 -17.35 -5.56
C ASP A 56 11.83 -16.38 -4.78
N GLU A 57 11.20 -15.61 -3.88
CA GLU A 57 11.93 -14.65 -3.07
C GLU A 57 12.67 -13.65 -3.94
N VAL A 58 12.16 -13.42 -5.14
CA VAL A 58 12.77 -12.48 -6.07
C VAL A 58 12.41 -11.04 -5.72
N VAL A 59 11.19 -10.85 -5.22
CA VAL A 59 10.74 -9.52 -4.84
C VAL A 59 10.63 -8.60 -6.05
N ARG A 60 9.96 -9.08 -7.09
CA ARG A 60 9.79 -8.30 -8.31
C ARG A 60 9.11 -6.97 -8.01
N VAL A 61 7.84 -7.03 -7.64
CA VAL A 61 7.07 -5.83 -7.32
C VAL A 61 6.39 -5.95 -5.96
N ARG A 62 6.78 -5.08 -5.03
CA ARG A 62 6.21 -5.09 -3.70
C ARG A 62 5.52 -3.76 -3.39
N TYR A 63 4.22 -3.84 -3.10
CA TYR A 63 3.44 -2.64 -2.79
C TYR A 63 2.66 -2.83 -1.49
N VAL A 64 2.10 -1.73 -1.00
CA VAL A 64 1.32 -1.76 0.24
C VAL A 64 -0.15 -1.48 -0.03
N MET A 65 -1.03 -2.35 0.47
CA MET A 65 -2.46 -2.18 0.29
C MET A 65 -3.16 -2.00 1.63
N ASN A 66 -4.37 -1.46 1.58
CA ASN A 66 -5.15 -1.22 2.78
C ASN A 66 -5.47 -2.53 3.51
N GLN A 67 -6.19 -2.43 4.61
CA GLN A 67 -6.56 -3.61 5.38
C GLN A 67 -7.45 -4.55 4.56
N VAL A 68 -7.15 -5.84 4.63
CA VAL A 68 -7.92 -6.84 3.89
C VAL A 68 -8.15 -8.09 4.74
N GLY A 69 -9.32 -8.71 4.56
CA GLY A 69 -9.64 -9.90 5.31
C GLY A 69 -8.94 -11.13 4.76
N SER A 70 -9.64 -11.88 3.91
CA SER A 70 -9.09 -13.09 3.32
C SER A 70 -8.77 -14.12 4.40
N LEU A 71 -8.40 -15.33 3.97
CA LEU A 71 -8.07 -16.40 4.89
C LEU A 71 -6.59 -16.33 5.29
N ALA A 72 -6.33 -16.35 6.60
CA ALA A 72 -4.97 -16.29 7.10
C ALA A 72 -4.78 -17.27 8.27
N VAL A 73 -3.80 -18.15 8.14
CA VAL A 73 -3.52 -19.14 9.18
C VAL A 73 -2.04 -19.53 9.18
N ASN A 74 -1.45 -19.59 10.36
CA ASN A 74 -0.05 -19.95 10.50
C ASN A 74 0.33 -20.11 11.97
N VAL A 75 0.20 -19.03 12.74
CA VAL A 75 0.52 -19.07 14.16
C VAL A 75 -0.73 -19.19 15.01
N THR A 76 -1.84 -18.66 14.50
CA THR A 76 -3.11 -18.71 15.21
C THR A 76 -4.19 -19.40 14.38
N MET A 77 -4.72 -20.51 14.91
CA MET A 77 -5.76 -21.26 14.22
C MET A 77 -7.15 -20.86 14.71
N GLY A 1 -2.27 17.93 -0.55
CA GLY A 1 -3.59 18.06 0.04
C GLY A 1 -4.26 16.71 0.24
N MET A 2 -4.43 15.97 -0.86
CA MET A 2 -5.07 14.67 -0.80
C MET A 2 -4.32 13.65 -1.67
N ILE A 3 -3.61 12.74 -1.03
CA ILE A 3 -2.84 11.72 -1.75
C ILE A 3 -3.39 10.32 -1.46
N LEU A 4 -3.83 10.12 -0.22
CA LEU A 4 -4.37 8.82 0.18
C LEU A 4 -5.62 8.47 -0.63
N ASN A 5 -6.30 9.50 -1.12
CA ASN A 5 -7.51 9.30 -1.92
C ASN A 5 -7.18 8.64 -3.25
N GLU A 6 -6.33 9.29 -4.03
CA GLU A 6 -5.94 8.75 -5.34
C GLU A 6 -5.15 7.45 -5.18
N LEU A 7 -4.49 7.31 -4.03
CA LEU A 7 -3.70 6.12 -3.76
C LEU A 7 -4.59 4.93 -3.40
N LYS A 8 -5.51 5.15 -2.46
CA LYS A 8 -6.43 4.10 -2.03
C LYS A 8 -7.22 3.56 -3.22
N ALA A 9 -7.67 4.46 -4.10
CA ALA A 9 -8.43 4.07 -5.27
C ALA A 9 -7.52 3.43 -6.32
N ALA A 10 -6.28 3.90 -6.40
CA ALA A 10 -5.32 3.37 -7.36
C ALA A 10 -4.92 1.93 -7.00
N ILE A 11 -4.41 1.75 -5.79
CA ILE A 11 -4.00 0.44 -5.33
C ILE A 11 -5.16 -0.55 -5.34
N GLU A 12 -6.28 -0.15 -4.74
CA GLU A 12 -7.46 -1.00 -4.68
C GLU A 12 -7.94 -1.36 -6.09
N SER A 13 -7.76 -0.43 -7.03
CA SER A 13 -8.17 -0.65 -8.41
C SER A 13 -7.42 -1.82 -9.02
N LYS A 14 -6.09 -1.73 -9.00
CA LYS A 14 -5.24 -2.79 -9.56
C LYS A 14 -3.83 -2.70 -8.98
N ASN A 15 -2.95 -3.56 -9.47
CA ASN A 15 -1.56 -3.59 -9.02
C ASN A 15 -0.94 -2.20 -9.10
N GLY A 16 -0.69 -1.60 -7.93
CA GLY A 16 -0.09 -0.28 -7.90
C GLY A 16 1.40 -0.33 -7.61
N ALA A 17 1.98 0.83 -7.33
CA ALA A 17 3.40 0.92 -7.04
C ALA A 17 3.68 0.67 -5.56
N THR A 18 4.96 0.71 -5.19
CA THR A 18 5.35 0.49 -3.80
C THR A 18 5.51 1.80 -3.05
N ARG A 19 6.03 1.72 -1.83
CA ARG A 19 6.24 2.90 -1.00
C ARG A 19 7.25 3.85 -1.64
N GLN A 20 8.08 3.30 -2.52
CA GLN A 20 9.10 4.10 -3.21
C GLN A 20 8.48 5.01 -4.24
N GLU A 21 7.79 4.43 -5.22
CA GLU A 21 7.15 5.19 -6.27
C GLU A 21 6.13 6.19 -5.68
N LEU A 22 5.51 5.79 -4.58
CA LEU A 22 4.52 6.62 -3.92
C LEU A 22 5.17 7.89 -3.35
N ALA A 23 6.16 7.70 -2.49
CA ALA A 23 6.86 8.83 -1.88
C ALA A 23 7.43 9.75 -2.95
N ARG A 24 7.78 9.19 -4.10
CA ARG A 24 8.34 9.96 -5.20
C ARG A 24 7.31 10.95 -5.75
N ARG A 25 6.17 10.43 -6.18
CA ARG A 25 5.11 11.27 -6.74
C ARG A 25 4.70 12.34 -5.73
N PHE A 26 4.71 12.00 -4.45
CA PHE A 26 4.33 12.93 -3.40
C PHE A 26 5.49 13.86 -3.06
N ALA A 27 6.70 13.47 -3.47
CA ALA A 27 7.89 14.27 -3.21
C ALA A 27 8.16 14.39 -1.71
N LEU A 28 8.13 13.26 -1.02
CA LEU A 28 8.37 13.23 0.42
C LEU A 28 9.08 11.94 0.83
N SER A 29 9.47 11.87 2.10
CA SER A 29 10.16 10.70 2.62
C SER A 29 9.25 9.48 2.59
N GLU A 30 9.83 8.32 2.28
CA GLU A 30 9.08 7.08 2.21
C GLU A 30 8.49 6.72 3.57
N ASP A 31 9.17 7.16 4.63
CA ASP A 31 8.72 6.89 5.99
C ASP A 31 7.48 7.72 6.33
N GLY A 32 7.39 8.90 5.74
CA GLY A 32 6.25 9.76 5.99
C GLY A 32 5.02 9.33 5.23
N ILE A 33 5.18 9.00 3.96
CA ILE A 33 4.06 8.57 3.13
C ILE A 33 3.52 7.23 3.60
N ASP A 34 4.42 6.36 4.05
CA ASP A 34 4.03 5.04 4.53
C ASP A 34 3.37 5.13 5.90
N ALA A 35 4.01 5.87 6.81
CA ALA A 35 3.48 6.03 8.15
C ALA A 35 2.10 6.68 8.13
N MET A 36 1.95 7.72 7.33
CA MET A 36 0.68 8.42 7.21
C MET A 36 -0.41 7.50 6.65
N LEU A 37 -0.12 6.90 5.50
CA LEU A 37 -1.08 6.00 4.87
C LEU A 37 -1.43 4.84 5.79
N ALA A 38 -0.48 4.45 6.64
CA ALA A 38 -0.69 3.36 7.58
C ALA A 38 -1.61 3.78 8.72
N VAL A 39 -1.49 5.04 9.13
CA VAL A 39 -2.32 5.58 10.21
C VAL A 39 -3.76 5.82 9.74
N TRP A 40 -3.91 6.02 8.44
CA TRP A 40 -5.24 6.26 7.87
C TRP A 40 -5.99 4.95 7.66
N ILE A 41 -5.27 3.94 7.20
CA ILE A 41 -5.88 2.62 6.96
C ILE A 41 -5.95 1.81 8.25
N LYS A 42 -4.99 2.03 9.13
CA LYS A 42 -4.94 1.33 10.41
C LYS A 42 -4.31 2.20 11.50
N LYS A 43 -4.03 1.59 12.64
CA LYS A 43 -3.42 2.31 13.76
C LYS A 43 -2.11 2.96 13.33
N GLY A 44 -1.47 2.40 12.31
CA GLY A 44 -0.23 2.94 11.82
C GLY A 44 0.94 1.99 12.02
N VAL A 45 1.00 0.96 11.19
CA VAL A 45 2.08 -0.03 11.28
C VAL A 45 3.08 0.13 10.14
N LEU A 46 2.63 -0.20 8.93
CA LEU A 46 3.48 -0.09 7.75
C LEU A 46 2.73 -0.51 6.49
N SER A 47 1.42 -0.21 6.46
CA SER A 47 0.59 -0.56 5.33
C SER A 47 0.73 -2.04 4.98
N ARG A 48 0.17 -2.43 3.83
CA ARG A 48 0.24 -3.82 3.39
C ARG A 48 1.02 -3.93 2.09
N GLN A 49 2.24 -4.44 2.17
CA GLN A 49 3.10 -4.61 1.00
C GLN A 49 3.22 -6.08 0.63
N GLN A 50 2.65 -6.44 -0.52
CA GLN A 50 2.70 -7.82 -0.99
C GLN A 50 3.64 -7.95 -2.18
N TYR A 51 4.28 -9.11 -2.31
CA TYR A 51 5.20 -9.35 -3.40
C TYR A 51 4.68 -10.47 -4.31
N ILE A 52 5.37 -10.69 -5.42
CA ILE A 52 4.99 -11.71 -6.38
C ILE A 52 6.19 -12.19 -7.19
N ASN A 53 6.14 -13.45 -7.63
CA ASN A 53 7.22 -14.03 -8.42
C ASN A 53 8.50 -14.09 -7.60
N ALA A 54 8.40 -14.55 -6.37
CA ALA A 54 9.56 -14.66 -5.48
C ALA A 54 9.43 -15.86 -4.56
N GLU A 55 8.59 -15.74 -3.54
CA GLU A 55 8.39 -16.82 -2.57
C GLU A 55 9.71 -17.24 -1.94
N ASP A 56 10.65 -16.31 -1.86
CA ASP A 56 11.95 -16.58 -1.27
C ASP A 56 12.59 -15.30 -0.73
N GLU A 57 13.08 -14.46 -1.63
CA GLU A 57 13.71 -13.21 -1.25
C GLU A 57 14.18 -12.43 -2.47
N VAL A 58 13.41 -12.53 -3.55
CA VAL A 58 13.74 -11.83 -4.79
C VAL A 58 13.02 -10.49 -4.86
N VAL A 59 11.73 -10.48 -4.53
CA VAL A 59 10.94 -9.26 -4.56
C VAL A 59 10.81 -8.73 -5.99
N ARG A 60 10.41 -9.60 -6.91
CA ARG A 60 10.25 -9.21 -8.30
C ARG A 60 9.35 -8.00 -8.44
N VAL A 61 8.07 -8.17 -8.12
CA VAL A 61 7.10 -7.08 -8.19
C VAL A 61 6.22 -7.05 -6.95
N ARG A 62 6.19 -5.90 -6.29
CA ARG A 62 5.38 -5.73 -5.09
C ARG A 62 4.61 -4.41 -5.12
N TYR A 63 3.66 -4.25 -4.21
CA TYR A 63 2.86 -3.04 -4.13
C TYR A 63 2.30 -2.84 -2.73
N VAL A 64 2.15 -1.58 -2.33
CA VAL A 64 1.62 -1.25 -1.01
C VAL A 64 0.19 -0.72 -1.11
N MET A 65 -0.68 -1.22 -0.23
CA MET A 65 -2.07 -0.80 -0.22
C MET A 65 -2.42 -0.12 1.10
N ASN A 66 -3.52 0.62 1.11
CA ASN A 66 -3.97 1.32 2.30
C ASN A 66 -5.49 1.29 2.43
N GLN A 67 -6.08 0.18 2.00
CA GLN A 67 -7.53 0.01 2.07
C GLN A 67 -7.91 -1.40 2.51
N VAL A 68 -9.01 -1.51 3.24
CA VAL A 68 -9.47 -2.81 3.72
C VAL A 68 -9.55 -3.82 2.58
N GLY A 69 -9.38 -5.10 2.91
CA GLY A 69 -9.44 -6.14 1.91
C GLY A 69 -8.73 -7.41 2.34
N SER A 70 -9.49 -8.35 2.89
CA SER A 70 -8.92 -9.61 3.35
C SER A 70 -7.89 -9.37 4.45
N LEU A 71 -7.46 -10.46 5.09
CA LEU A 71 -6.47 -10.37 6.16
C LEU A 71 -5.81 -11.72 6.41
N ALA A 72 -6.60 -12.67 6.90
CA ALA A 72 -6.09 -14.02 7.18
C ALA A 72 -4.96 -13.96 8.20
N VAL A 73 -5.19 -13.27 9.31
CA VAL A 73 -4.20 -13.15 10.36
C VAL A 73 -4.86 -13.16 11.73
N ASN A 74 -4.20 -13.79 12.71
CA ASN A 74 -4.71 -13.86 14.07
C ASN A 74 -4.61 -12.52 14.76
N VAL A 75 -5.70 -12.09 15.38
CA VAL A 75 -5.75 -10.82 16.09
C VAL A 75 -6.03 -11.03 17.57
N THR A 76 -6.82 -12.05 17.89
CA THR A 76 -7.16 -12.35 19.27
C THR A 76 -5.93 -12.76 20.07
N MET A 77 -5.58 -11.96 21.07
CA MET A 77 -4.43 -12.24 21.91
C MET A 77 -4.52 -13.63 22.53
N GLY A 1 -7.64 13.43 1.36
CA GLY A 1 -8.14 12.62 0.26
C GLY A 1 -7.57 13.05 -1.07
N MET A 2 -6.24 13.16 -1.14
CA MET A 2 -5.57 13.57 -2.37
C MET A 2 -4.62 12.48 -2.85
N ILE A 3 -3.86 11.90 -1.92
CA ILE A 3 -2.91 10.85 -2.25
C ILE A 3 -3.28 9.54 -1.55
N LEU A 4 -3.93 9.65 -0.40
CA LEU A 4 -4.34 8.47 0.36
C LEU A 4 -5.47 7.74 -0.33
N ASN A 5 -6.61 8.42 -0.48
CA ASN A 5 -7.78 7.84 -1.13
C ASN A 5 -7.51 7.59 -2.61
N GLU A 6 -6.70 8.46 -3.22
CA GLU A 6 -6.36 8.33 -4.63
C GLU A 6 -5.63 7.02 -4.89
N LEU A 7 -4.56 6.77 -4.15
CA LEU A 7 -3.78 5.55 -4.30
C LEU A 7 -4.53 4.34 -3.74
N LYS A 8 -5.20 4.55 -2.60
CA LYS A 8 -5.95 3.48 -1.97
C LYS A 8 -6.98 2.89 -2.92
N ALA A 9 -7.58 3.76 -3.74
CA ALA A 9 -8.59 3.32 -4.70
C ALA A 9 -7.94 2.71 -5.94
N ALA A 10 -6.83 3.32 -6.37
CA ALA A 10 -6.11 2.82 -7.55
C ALA A 10 -5.53 1.43 -7.29
N ILE A 11 -5.05 1.21 -6.08
CA ILE A 11 -4.46 -0.07 -5.71
C ILE A 11 -5.54 -1.12 -5.48
N GLU A 12 -6.44 -0.83 -4.54
CA GLU A 12 -7.52 -1.75 -4.22
C GLU A 12 -8.29 -2.16 -5.47
N SER A 13 -8.33 -1.26 -6.45
CA SER A 13 -9.02 -1.52 -7.71
C SER A 13 -8.22 -2.50 -8.57
N LYS A 14 -6.98 -2.14 -8.87
CA LYS A 14 -6.11 -2.98 -9.68
C LYS A 14 -4.72 -2.36 -9.81
N ASN A 15 -3.70 -3.22 -9.83
CA ASN A 15 -2.32 -2.76 -9.95
C ASN A 15 -1.92 -1.91 -8.74
N GLY A 16 -1.12 -2.50 -7.86
CA GLY A 16 -0.69 -1.79 -6.66
C GLY A 16 0.36 -0.74 -6.98
N ALA A 17 0.67 0.10 -5.98
CA ALA A 17 1.66 1.15 -6.16
C ALA A 17 2.97 0.80 -5.44
N THR A 18 3.94 1.69 -5.53
CA THR A 18 5.23 1.48 -4.89
C THR A 18 5.54 2.58 -3.89
N ARG A 19 6.31 2.24 -2.86
CA ARG A 19 6.67 3.20 -1.82
C ARG A 19 7.54 4.31 -2.40
N GLN A 20 8.22 4.01 -3.50
CA GLN A 20 9.10 4.99 -4.15
C GLN A 20 8.28 6.06 -4.87
N GLU A 21 7.31 5.62 -5.67
CA GLU A 21 6.46 6.54 -6.41
C GLU A 21 5.67 7.44 -5.46
N LEU A 22 5.16 6.85 -4.38
CA LEU A 22 4.39 7.60 -3.39
C LEU A 22 5.24 8.68 -2.74
N ALA A 23 6.38 8.27 -2.19
CA ALA A 23 7.29 9.21 -1.53
C ALA A 23 7.77 10.28 -2.50
N ARG A 24 7.76 9.95 -3.79
CA ARG A 24 8.19 10.89 -4.82
C ARG A 24 7.21 12.05 -4.94
N ARG A 25 5.94 11.72 -5.15
CA ARG A 25 4.91 12.74 -5.28
C ARG A 25 4.83 13.61 -4.05
N PHE A 26 4.93 13.00 -2.88
CA PHE A 26 4.87 13.73 -1.62
C PHE A 26 6.20 14.42 -1.32
N ALA A 27 7.26 13.98 -2.02
CA ALA A 27 8.58 14.56 -1.84
C ALA A 27 9.10 14.32 -0.42
N LEU A 28 8.99 13.09 0.04
CA LEU A 28 9.45 12.72 1.38
C LEU A 28 10.01 11.30 1.41
N SER A 29 10.56 10.91 2.55
CA SER A 29 11.14 9.57 2.70
C SER A 29 10.05 8.51 2.61
N GLU A 30 10.39 7.38 1.99
CA GLU A 30 9.44 6.29 1.84
C GLU A 30 8.88 5.85 3.20
N ASP A 31 9.71 5.98 4.23
CA ASP A 31 9.30 5.60 5.58
C ASP A 31 8.27 6.59 6.13
N GLY A 32 8.45 7.87 5.80
CA GLY A 32 7.53 8.88 6.28
C GLY A 32 6.18 8.80 5.59
N ILE A 33 6.19 8.77 4.27
CA ILE A 33 4.96 8.70 3.49
C ILE A 33 4.18 7.43 3.82
N ASP A 34 4.91 6.33 4.02
CA ASP A 34 4.29 5.05 4.34
C ASP A 34 3.74 5.04 5.76
N ALA A 35 4.40 5.77 6.65
CA ALA A 35 3.98 5.86 8.04
C ALA A 35 2.69 6.68 8.17
N MET A 36 2.76 7.93 7.74
CA MET A 36 1.60 8.83 7.82
C MET A 36 0.41 8.23 7.06
N LEU A 37 0.69 7.61 5.93
CA LEU A 37 -0.35 6.99 5.12
C LEU A 37 -1.09 5.90 5.91
N ALA A 38 -0.33 4.98 6.47
CA ALA A 38 -0.89 3.89 7.26
C ALA A 38 -1.65 4.42 8.46
N VAL A 39 -1.25 5.60 8.93
CA VAL A 39 -1.91 6.21 10.09
C VAL A 39 -3.22 6.87 9.69
N TRP A 40 -3.31 7.29 8.43
CA TRP A 40 -4.52 7.93 7.93
C TRP A 40 -5.54 6.90 7.49
N ILE A 41 -5.08 5.88 6.77
CA ILE A 41 -5.95 4.82 6.29
C ILE A 41 -6.21 3.78 7.37
N LYS A 42 -5.23 3.58 8.24
CA LYS A 42 -5.35 2.61 9.33
C LYS A 42 -4.83 3.21 10.63
N LYS A 43 -4.86 2.40 11.69
CA LYS A 43 -4.40 2.85 13.01
C LYS A 43 -2.91 2.52 13.20
N GLY A 44 -2.61 1.23 13.33
CA GLY A 44 -1.24 0.82 13.51
C GLY A 44 -0.89 -0.44 12.73
N VAL A 45 -1.30 -0.46 11.46
CA VAL A 45 -1.04 -1.61 10.60
C VAL A 45 0.22 -1.39 9.76
N LEU A 46 0.59 -0.13 9.57
CA LEU A 46 1.77 0.21 8.79
C LEU A 46 1.61 -0.23 7.34
N SER A 47 0.39 -0.12 6.82
CA SER A 47 0.10 -0.51 5.44
C SER A 47 0.42 -1.99 5.23
N ARG A 48 0.10 -2.48 4.04
CA ARG A 48 0.35 -3.88 3.69
C ARG A 48 1.08 -4.00 2.36
N GLN A 49 2.37 -4.30 2.42
CA GLN A 49 3.17 -4.43 1.20
C GLN A 49 3.68 -5.86 1.04
N GLN A 50 3.90 -6.27 -0.20
CA GLN A 50 4.38 -7.62 -0.49
C GLN A 50 5.24 -7.63 -1.74
N TYR A 51 6.09 -8.65 -1.86
CA TYR A 51 6.97 -8.78 -3.01
C TYR A 51 6.81 -10.14 -3.68
N ILE A 52 7.25 -10.23 -4.93
CA ILE A 52 7.16 -11.48 -5.68
C ILE A 52 8.36 -11.66 -6.60
N ASN A 53 9.09 -12.76 -6.40
CA ASN A 53 10.26 -13.05 -7.22
C ASN A 53 10.90 -14.37 -6.79
N ALA A 54 10.08 -15.31 -6.38
CA ALA A 54 10.55 -16.62 -5.95
C ALA A 54 11.48 -16.50 -4.75
N GLU A 55 11.40 -15.36 -4.06
CA GLU A 55 12.23 -15.11 -2.89
C GLU A 55 13.71 -15.21 -3.24
N ASP A 56 14.07 -14.75 -4.44
CA ASP A 56 15.46 -14.79 -4.89
C ASP A 56 16.24 -13.59 -4.36
N GLU A 57 15.87 -12.40 -4.82
CA GLU A 57 16.54 -11.17 -4.40
C GLU A 57 15.57 -10.27 -3.64
N VAL A 58 14.29 -10.45 -3.88
CA VAL A 58 13.26 -9.64 -3.22
C VAL A 58 13.37 -8.18 -3.62
N VAL A 59 13.47 -7.94 -4.93
CA VAL A 59 13.57 -6.58 -5.44
C VAL A 59 13.03 -6.50 -6.87
N ARG A 60 12.13 -7.41 -7.21
CA ARG A 60 11.53 -7.44 -8.54
C ARG A 60 10.11 -6.91 -8.51
N VAL A 61 9.21 -7.64 -7.85
CA VAL A 61 7.82 -7.24 -7.75
C VAL A 61 7.53 -6.61 -6.39
N ARG A 62 6.72 -5.56 -6.39
CA ARG A 62 6.37 -4.86 -5.15
C ARG A 62 4.88 -4.55 -5.11
N TYR A 63 4.36 -4.29 -3.92
CA TYR A 63 2.94 -3.98 -3.75
C TYR A 63 2.71 -3.23 -2.44
N VAL A 64 1.56 -2.56 -2.35
CA VAL A 64 1.22 -1.80 -1.15
C VAL A 64 -0.25 -1.39 -1.17
N MET A 65 -0.96 -1.68 -0.10
CA MET A 65 -2.37 -1.34 0.01
C MET A 65 -2.61 -0.35 1.15
N ASN A 66 -3.58 0.53 0.98
CA ASN A 66 -3.91 1.52 1.99
C ASN A 66 -5.40 1.50 2.30
N GLN A 67 -6.01 0.32 2.22
CA GLN A 67 -7.43 0.18 2.50
C GLN A 67 -7.74 0.47 3.96
N VAL A 68 -9.01 0.35 4.34
CA VAL A 68 -9.43 0.59 5.70
C VAL A 68 -9.65 -0.71 6.47
N GLY A 69 -9.68 -0.62 7.79
CA GLY A 69 -9.89 -1.80 8.61
C GLY A 69 -9.06 -1.78 9.87
N SER A 70 -9.33 -2.71 10.77
CA SER A 70 -8.60 -2.80 12.04
C SER A 70 -8.91 -4.11 12.75
N LEU A 71 -7.94 -4.58 13.54
CA LEU A 71 -8.11 -5.83 14.28
C LEU A 71 -8.93 -5.60 15.54
N ALA A 72 -10.13 -6.18 15.57
CA ALA A 72 -11.03 -6.04 16.72
C ALA A 72 -11.56 -7.40 17.15
N VAL A 73 -11.37 -7.73 18.43
CA VAL A 73 -11.85 -8.99 18.96
C VAL A 73 -13.06 -8.78 19.87
N ASN A 74 -14.08 -9.62 19.70
CA ASN A 74 -15.29 -9.54 20.50
C ASN A 74 -16.10 -10.83 20.42
N VAL A 75 -16.34 -11.30 19.21
CA VAL A 75 -17.08 -12.54 19.00
C VAL A 75 -18.48 -12.44 19.61
N THR A 76 -19.43 -11.91 18.84
CA THR A 76 -20.80 -11.76 19.31
C THR A 76 -21.56 -13.07 19.20
N MET A 77 -21.78 -13.72 20.34
CA MET A 77 -22.49 -14.99 20.38
C MET A 77 -24.00 -14.76 20.49
N GLY A 1 -6.84 18.05 -3.51
CA GLY A 1 -5.58 17.37 -3.70
C GLY A 1 -5.33 16.30 -2.65
N MET A 2 -5.57 15.05 -3.02
CA MET A 2 -5.37 13.94 -2.10
C MET A 2 -4.40 12.91 -2.68
N ILE A 3 -3.67 12.23 -1.81
CA ILE A 3 -2.71 11.22 -2.24
C ILE A 3 -3.06 9.85 -1.68
N LEU A 4 -3.66 9.83 -0.50
CA LEU A 4 -4.05 8.59 0.14
C LEU A 4 -5.30 8.01 -0.50
N ASN A 5 -6.31 8.86 -0.69
CA ASN A 5 -7.56 8.43 -1.30
C ASN A 5 -7.33 7.94 -2.74
N GLU A 6 -6.48 8.65 -3.47
CA GLU A 6 -6.17 8.30 -4.85
C GLU A 6 -5.45 6.95 -4.91
N LEU A 7 -4.32 6.87 -4.21
CA LEU A 7 -3.54 5.63 -4.20
C LEU A 7 -4.33 4.48 -3.60
N LYS A 8 -5.30 4.82 -2.75
CA LYS A 8 -6.15 3.82 -2.11
C LYS A 8 -7.00 3.09 -3.14
N ALA A 9 -7.80 3.85 -3.88
CA ALA A 9 -8.67 3.27 -4.91
C ALA A 9 -7.87 2.82 -6.11
N ALA A 10 -6.70 3.43 -6.31
CA ALA A 10 -5.83 3.07 -7.43
C ALA A 10 -5.15 1.74 -7.19
N ILE A 11 -4.41 1.64 -6.09
CA ILE A 11 -3.70 0.40 -5.75
C ILE A 11 -4.68 -0.74 -5.49
N GLU A 12 -5.86 -0.40 -4.97
CA GLU A 12 -6.88 -1.40 -4.67
C GLU A 12 -7.55 -1.87 -5.96
N SER A 13 -8.22 -0.96 -6.64
CA SER A 13 -8.90 -1.28 -7.89
C SER A 13 -7.92 -1.73 -8.96
N LYS A 14 -7.04 -0.81 -9.36
CA LYS A 14 -6.04 -1.11 -10.38
C LYS A 14 -4.76 -1.63 -9.75
N ASN A 15 -3.74 -1.82 -10.57
CA ASN A 15 -2.44 -2.31 -10.09
C ASN A 15 -1.94 -1.47 -8.92
N GLY A 16 -1.02 -2.03 -8.14
CA GLY A 16 -0.48 -1.32 -7.00
C GLY A 16 0.74 -0.49 -7.36
N ALA A 17 1.26 0.25 -6.39
CA ALA A 17 2.43 1.08 -6.61
C ALA A 17 3.43 0.95 -5.45
N THR A 18 4.69 0.72 -5.80
CA THR A 18 5.73 0.56 -4.79
C THR A 18 5.81 1.79 -3.89
N ARG A 19 6.25 1.57 -2.65
CA ARG A 19 6.37 2.65 -1.68
C ARG A 19 7.32 3.74 -2.17
N GLN A 20 8.21 3.35 -3.09
CA GLN A 20 9.19 4.28 -3.65
C GLN A 20 8.52 5.27 -4.60
N GLU A 21 7.71 4.73 -5.51
CA GLU A 21 7.00 5.55 -6.49
C GLU A 21 6.02 6.49 -5.79
N LEU A 22 5.40 6.01 -4.71
CA LEU A 22 4.43 6.81 -3.97
C LEU A 22 5.11 8.02 -3.33
N ALA A 23 6.12 7.76 -2.50
CA ALA A 23 6.85 8.82 -1.83
C ALA A 23 7.38 9.84 -2.83
N ARG A 24 7.79 9.36 -4.00
CA ARG A 24 8.32 10.23 -5.05
C ARG A 24 7.27 11.25 -5.49
N ARG A 25 6.09 10.77 -5.86
CA ARG A 25 5.01 11.63 -6.30
C ARG A 25 4.71 12.70 -5.25
N PHE A 26 4.70 12.28 -3.99
CA PHE A 26 4.41 13.20 -2.89
C PHE A 26 5.63 14.06 -2.57
N ALA A 27 6.78 13.66 -3.09
CA ALA A 27 8.02 14.39 -2.86
C ALA A 27 8.40 14.38 -1.39
N LEU A 28 8.37 13.20 -0.77
CA LEU A 28 8.71 13.06 0.64
C LEU A 28 9.38 11.72 0.90
N SER A 29 9.86 11.53 2.12
CA SER A 29 10.53 10.29 2.50
C SER A 29 9.55 9.12 2.50
N GLU A 30 10.03 7.96 2.07
CA GLU A 30 9.20 6.76 2.02
C GLU A 30 8.65 6.42 3.39
N ASP A 31 9.42 6.76 4.43
CA ASP A 31 9.01 6.48 5.79
C ASP A 31 7.83 7.36 6.20
N GLY A 32 7.80 8.58 5.67
CA GLY A 32 6.72 9.49 5.99
C GLY A 32 5.43 9.14 5.28
N ILE A 33 5.52 8.86 3.99
CA ILE A 33 4.35 8.51 3.20
C ILE A 33 3.71 7.23 3.71
N ASP A 34 4.55 6.27 4.12
CA ASP A 34 4.07 5.00 4.63
C ASP A 34 3.51 5.15 6.04
N ALA A 35 4.30 5.76 6.92
CA ALA A 35 3.87 5.98 8.30
C ALA A 35 2.57 6.76 8.36
N MET A 36 2.49 7.82 7.57
CA MET A 36 1.29 8.65 7.53
C MET A 36 0.08 7.85 7.05
N LEU A 37 0.21 7.23 5.89
CA LEU A 37 -0.87 6.43 5.31
C LEU A 37 -1.31 5.34 6.29
N ALA A 38 -0.33 4.63 6.85
CA ALA A 38 -0.62 3.57 7.80
C ALA A 38 -1.50 4.07 8.95
N VAL A 39 -1.15 5.25 9.47
CA VAL A 39 -1.90 5.85 10.57
C VAL A 39 -3.31 6.23 10.13
N TRP A 40 -3.46 6.55 8.85
CA TRP A 40 -4.75 6.94 8.30
C TRP A 40 -5.63 5.72 8.04
N ILE A 41 -4.99 4.63 7.63
CA ILE A 41 -5.70 3.38 7.34
C ILE A 41 -5.96 2.59 8.61
N LYS A 42 -4.88 2.15 9.25
CA LYS A 42 -4.99 1.38 10.49
C LYS A 42 -4.47 2.18 11.68
N LYS A 43 -3.15 2.28 11.78
CA LYS A 43 -2.51 3.02 12.86
C LYS A 43 -0.99 2.99 12.73
N GLY A 44 -0.43 1.79 12.78
CA GLY A 44 1.01 1.65 12.66
C GLY A 44 1.41 0.38 11.94
N VAL A 45 0.48 -0.22 11.22
CA VAL A 45 0.73 -1.45 10.49
C VAL A 45 1.70 -1.22 9.34
N LEU A 46 1.93 0.06 9.01
CA LEU A 46 2.84 0.42 7.93
C LEU A 46 2.33 -0.10 6.60
N SER A 47 1.04 0.08 6.35
CA SER A 47 0.42 -0.37 5.10
C SER A 47 0.64 -1.86 4.91
N ARG A 48 0.29 -2.36 3.72
CA ARG A 48 0.44 -3.77 3.41
C ARG A 48 1.16 -3.96 2.07
N GLN A 49 2.43 -4.35 2.14
CA GLN A 49 3.23 -4.58 0.95
C GLN A 49 3.29 -6.05 0.60
N GLN A 50 2.73 -6.41 -0.56
CA GLN A 50 2.71 -7.79 -1.00
C GLN A 50 3.90 -8.07 -1.92
N TYR A 51 4.42 -9.30 -1.84
CA TYR A 51 5.56 -9.69 -2.66
C TYR A 51 5.23 -10.91 -3.51
N ILE A 52 5.60 -10.86 -4.79
CA ILE A 52 5.34 -11.96 -5.70
C ILE A 52 6.50 -12.15 -6.68
N ASN A 53 7.27 -13.21 -6.47
CA ASN A 53 8.41 -13.49 -7.33
C ASN A 53 9.12 -14.78 -6.88
N ALA A 54 9.26 -14.94 -5.57
CA ALA A 54 9.91 -16.11 -5.01
C ALA A 54 11.34 -16.25 -5.54
N GLU A 55 11.96 -15.11 -5.84
CA GLU A 55 13.33 -15.11 -6.36
C GLU A 55 14.10 -13.91 -5.83
N ASP A 56 13.62 -12.71 -6.16
CA ASP A 56 14.26 -11.48 -5.73
C ASP A 56 15.66 -11.35 -6.32
N GLU A 57 15.79 -11.64 -7.61
CA GLU A 57 17.07 -11.58 -8.29
C GLU A 57 16.88 -11.60 -9.80
N VAL A 58 15.93 -10.82 -10.30
CA VAL A 58 15.65 -10.76 -11.73
C VAL A 58 14.55 -9.75 -12.03
N VAL A 59 13.56 -9.69 -11.16
CA VAL A 59 12.44 -8.76 -11.33
C VAL A 59 11.88 -8.31 -9.98
N ARG A 60 11.34 -9.27 -9.23
CA ARG A 60 10.77 -8.96 -7.92
C ARG A 60 9.62 -7.97 -8.04
N VAL A 61 8.39 -8.49 -8.00
CA VAL A 61 7.21 -7.65 -8.10
C VAL A 61 6.59 -7.40 -6.73
N ARG A 62 6.65 -6.15 -6.28
CA ARG A 62 6.10 -5.77 -4.98
C ARG A 62 5.25 -4.51 -5.09
N TYR A 63 4.28 -4.37 -4.19
CA TYR A 63 3.41 -3.21 -4.19
C TYR A 63 2.75 -3.02 -2.82
N VAL A 64 2.56 -1.77 -2.43
CA VAL A 64 1.94 -1.46 -1.15
C VAL A 64 0.52 -0.94 -1.34
N MET A 65 -0.40 -1.42 -0.50
CA MET A 65 -1.79 -1.01 -0.58
C MET A 65 -2.21 -0.30 0.71
N ASN A 66 -3.22 0.55 0.60
CA ASN A 66 -3.72 1.29 1.75
C ASN A 66 -5.17 0.91 2.06
N GLN A 67 -5.89 0.46 1.04
CA GLN A 67 -7.28 0.05 1.20
C GLN A 67 -7.43 -0.94 2.34
N VAL A 68 -8.37 -0.66 3.24
CA VAL A 68 -8.63 -1.53 4.39
C VAL A 68 -8.94 -2.95 3.93
N GLY A 69 -8.53 -3.93 4.74
CA GLY A 69 -8.78 -5.32 4.41
C GLY A 69 -8.12 -6.27 5.39
N SER A 70 -8.93 -7.13 6.02
CA SER A 70 -8.42 -8.09 6.98
C SER A 70 -9.31 -9.32 7.03
N LEU A 71 -10.53 -9.16 7.51
CA LEU A 71 -11.48 -10.26 7.60
C LEU A 71 -11.85 -10.79 6.23
N ALA A 72 -11.46 -12.03 5.95
CA ALA A 72 -11.76 -12.65 4.66
C ALA A 72 -11.97 -14.16 4.82
N VAL A 73 -13.22 -14.59 4.69
CA VAL A 73 -13.55 -16.00 4.81
C VAL A 73 -14.73 -16.37 3.91
N ASN A 74 -15.16 -17.62 4.00
CA ASN A 74 -16.27 -18.10 3.19
C ASN A 74 -17.59 -17.54 3.70
N VAL A 75 -18.68 -17.85 2.99
CA VAL A 75 -20.00 -17.38 3.36
C VAL A 75 -20.79 -18.46 4.10
N THR A 76 -22.04 -18.15 4.45
CA THR A 76 -22.89 -19.09 5.14
C THR A 76 -23.27 -20.27 4.25
N MET A 77 -23.73 -21.35 4.85
CA MET A 77 -24.12 -22.55 4.11
C MET A 77 -25.63 -22.74 4.15
N GLY A 1 -4.72 18.02 -0.78
CA GLY A 1 -3.95 17.10 -1.59
C GLY A 1 -3.88 15.71 -0.98
N MET A 2 -5.01 15.01 -0.96
CA MET A 2 -5.06 13.67 -0.39
C MET A 2 -4.70 12.62 -1.44
N ILE A 3 -3.53 12.03 -1.29
CA ILE A 3 -3.06 11.00 -2.23
C ILE A 3 -3.53 9.62 -1.81
N LEU A 4 -3.76 9.45 -0.51
CA LEU A 4 -4.22 8.16 0.03
C LEU A 4 -5.48 7.70 -0.69
N ASN A 5 -6.26 8.65 -1.18
CA ASN A 5 -7.50 8.34 -1.89
C ASN A 5 -7.20 7.80 -3.28
N GLU A 6 -6.57 8.63 -4.10
CA GLU A 6 -6.23 8.24 -5.47
C GLU A 6 -5.48 6.92 -5.48
N LEU A 7 -4.63 6.71 -4.48
CA LEU A 7 -3.85 5.49 -4.37
C LEU A 7 -4.72 4.32 -3.94
N LYS A 8 -5.50 4.53 -2.89
CA LYS A 8 -6.39 3.49 -2.37
C LYS A 8 -7.26 2.91 -3.48
N ALA A 9 -7.56 3.74 -4.48
CA ALA A 9 -8.38 3.29 -5.61
C ALA A 9 -7.54 2.51 -6.62
N ALA A 10 -6.51 3.15 -7.15
CA ALA A 10 -5.63 2.51 -8.12
C ALA A 10 -5.11 1.18 -7.60
N ILE A 11 -4.78 1.13 -6.31
CA ILE A 11 -4.27 -0.08 -5.69
C ILE A 11 -5.38 -1.12 -5.54
N GLU A 12 -6.45 -0.75 -4.86
CA GLU A 12 -7.58 -1.64 -4.64
C GLU A 12 -8.11 -2.19 -5.97
N SER A 13 -7.91 -1.41 -7.03
CA SER A 13 -8.36 -1.82 -8.36
C SER A 13 -7.43 -2.84 -8.97
N LYS A 14 -6.18 -2.44 -9.21
CA LYS A 14 -5.19 -3.33 -9.79
C LYS A 14 -3.84 -3.14 -9.12
N ASN A 15 -2.80 -3.77 -9.69
CA ASN A 15 -1.45 -3.67 -9.14
C ASN A 15 -1.06 -2.21 -8.95
N GLY A 16 -0.88 -1.81 -7.69
CA GLY A 16 -0.51 -0.44 -7.40
C GLY A 16 1.00 -0.26 -7.31
N ALA A 17 1.43 0.90 -6.83
CA ALA A 17 2.85 1.19 -6.70
C ALA A 17 3.36 0.83 -5.29
N THR A 18 4.65 1.04 -5.06
CA THR A 18 5.26 0.74 -3.78
C THR A 18 5.50 2.01 -2.97
N ARG A 19 6.20 1.86 -1.85
CA ARG A 19 6.51 3.00 -0.99
C ARG A 19 7.39 4.01 -1.71
N GLN A 20 8.09 3.55 -2.74
CA GLN A 20 8.98 4.40 -3.52
C GLN A 20 8.18 5.36 -4.39
N GLU A 21 7.27 4.81 -5.18
CA GLU A 21 6.43 5.62 -6.06
C GLU A 21 5.55 6.57 -5.27
N LEU A 22 5.11 6.12 -4.09
CA LEU A 22 4.26 6.93 -3.23
C LEU A 22 5.00 8.17 -2.73
N ALA A 23 6.13 7.95 -2.06
CA ALA A 23 6.94 9.04 -1.54
C ALA A 23 7.42 9.95 -2.66
N ARG A 24 7.54 9.40 -3.86
CA ARG A 24 7.99 10.17 -5.02
C ARG A 24 6.93 11.18 -5.44
N ARG A 25 5.71 10.70 -5.63
CA ARG A 25 4.60 11.57 -6.04
C ARG A 25 4.37 12.68 -5.01
N PHE A 26 4.41 12.31 -3.73
CA PHE A 26 4.20 13.29 -2.66
C PHE A 26 5.46 14.12 -2.43
N ALA A 27 6.59 13.62 -2.93
CA ALA A 27 7.86 14.32 -2.79
C ALA A 27 8.26 14.42 -1.32
N LEU A 28 8.19 13.29 -0.61
CA LEU A 28 8.55 13.26 0.80
C LEU A 28 9.24 11.94 1.15
N SER A 29 9.77 11.87 2.37
CA SER A 29 10.45 10.66 2.84
C SER A 29 9.52 9.47 2.82
N GLU A 30 10.06 8.30 2.46
CA GLU A 30 9.26 7.08 2.40
C GLU A 30 8.74 6.72 3.79
N ASP A 31 9.47 7.12 4.82
CA ASP A 31 9.08 6.83 6.20
C ASP A 31 7.89 7.70 6.61
N GLY A 32 7.86 8.93 6.12
CA GLY A 32 6.78 9.84 6.45
C GLY A 32 5.50 9.50 5.73
N ILE A 33 5.61 9.23 4.44
CA ILE A 33 4.44 8.88 3.63
C ILE A 33 3.85 7.54 4.05
N ASP A 34 4.72 6.61 4.43
CA ASP A 34 4.28 5.29 4.86
C ASP A 34 3.69 5.34 6.26
N ALA A 35 4.40 6.00 7.17
CA ALA A 35 3.94 6.13 8.55
C ALA A 35 2.64 6.91 8.63
N MET A 36 2.61 8.08 7.99
CA MET A 36 1.43 8.92 7.99
C MET A 36 0.23 8.18 7.37
N LEU A 37 0.45 7.63 6.19
CA LEU A 37 -0.61 6.89 5.49
C LEU A 37 -1.05 5.68 6.30
N ALA A 38 -0.09 5.00 6.91
CA ALA A 38 -0.39 3.82 7.72
C ALA A 38 -1.27 4.18 8.91
N VAL A 39 -1.10 5.39 9.43
CA VAL A 39 -1.88 5.86 10.56
C VAL A 39 -3.28 6.27 10.13
N TRP A 40 -3.39 6.78 8.92
CA TRP A 40 -4.68 7.21 8.38
C TRP A 40 -5.52 6.03 7.93
N ILE A 41 -4.86 5.01 7.36
CA ILE A 41 -5.54 3.82 6.89
C ILE A 41 -5.80 2.85 8.04
N LYS A 42 -4.88 2.80 8.98
CA LYS A 42 -5.00 1.91 10.14
C LYS A 42 -4.26 2.49 11.35
N LYS A 43 -4.18 1.70 12.41
CA LYS A 43 -3.50 2.11 13.63
C LYS A 43 -2.06 2.52 13.34
N GLY A 44 -1.49 1.93 12.29
CA GLY A 44 -0.12 2.23 11.92
C GLY A 44 0.72 0.98 11.74
N VAL A 45 0.49 0.27 10.65
CA VAL A 45 1.23 -0.95 10.36
C VAL A 45 2.06 -0.81 9.09
N LEU A 46 2.39 0.43 8.75
CA LEU A 46 3.18 0.71 7.55
C LEU A 46 2.52 0.14 6.30
N SER A 47 1.19 0.02 6.35
CA SER A 47 0.42 -0.52 5.23
C SER A 47 0.81 -1.97 4.97
N ARG A 48 0.32 -2.51 3.86
CA ARG A 48 0.61 -3.89 3.48
C ARG A 48 1.37 -3.96 2.17
N GLN A 49 2.67 -4.24 2.25
CA GLN A 49 3.52 -4.34 1.06
C GLN A 49 3.72 -5.79 0.66
N GLN A 50 3.15 -6.18 -0.48
CA GLN A 50 3.29 -7.54 -0.98
C GLN A 50 4.47 -7.66 -1.93
N TYR A 51 4.94 -8.89 -2.13
CA TYR A 51 6.07 -9.15 -3.01
C TYR A 51 6.12 -10.61 -3.41
N ILE A 52 6.49 -10.86 -4.67
CA ILE A 52 6.58 -12.22 -5.18
C ILE A 52 7.62 -12.31 -6.31
N ASN A 53 8.77 -12.90 -5.99
CA ASN A 53 9.84 -13.05 -6.98
C ASN A 53 10.05 -14.51 -7.34
N ALA A 54 10.65 -15.26 -6.41
CA ALA A 54 10.92 -16.68 -6.63
C ALA A 54 9.62 -17.49 -6.55
N GLU A 55 8.63 -16.94 -5.87
CA GLU A 55 7.34 -17.61 -5.72
C GLU A 55 6.75 -17.96 -7.08
N ASP A 56 7.13 -17.19 -8.10
CA ASP A 56 6.63 -17.41 -9.45
C ASP A 56 7.74 -17.95 -10.35
N GLU A 57 8.64 -17.06 -10.75
CA GLU A 57 9.75 -17.44 -11.63
C GLU A 57 10.64 -16.24 -11.93
N VAL A 58 10.09 -15.27 -12.64
CA VAL A 58 10.83 -14.07 -13.00
C VAL A 58 9.89 -12.88 -13.20
N VAL A 59 9.08 -12.59 -12.19
CA VAL A 59 8.14 -11.48 -12.25
C VAL A 59 8.05 -10.76 -10.91
N ARG A 60 9.21 -10.41 -10.34
CA ARG A 60 9.26 -9.72 -9.06
C ARG A 60 8.35 -8.50 -9.07
N VAL A 61 7.20 -8.62 -8.42
CA VAL A 61 6.24 -7.51 -8.35
C VAL A 61 5.84 -7.23 -6.91
N ARG A 62 5.90 -5.96 -6.53
CA ARG A 62 5.54 -5.55 -5.17
C ARG A 62 4.74 -4.24 -5.19
N TYR A 63 3.84 -4.09 -4.23
CA TYR A 63 3.02 -2.90 -4.13
C TYR A 63 2.46 -2.73 -2.72
N VAL A 64 2.05 -1.50 -2.40
CA VAL A 64 1.50 -1.21 -1.09
C VAL A 64 -0.01 -0.97 -1.16
N MET A 65 -0.75 -1.68 -0.32
CA MET A 65 -2.21 -1.55 -0.29
C MET A 65 -2.68 -1.02 1.05
N ASN A 66 -3.64 -0.10 1.02
CA ASN A 66 -4.18 0.50 2.24
C ASN A 66 -5.27 -0.39 2.83
N GLN A 67 -6.34 -0.58 2.07
CA GLN A 67 -7.46 -1.41 2.52
C GLN A 67 -7.31 -2.84 2.04
N VAL A 68 -7.41 -3.78 2.97
CA VAL A 68 -7.28 -5.20 2.63
C VAL A 68 -8.59 -5.75 2.10
N GLY A 69 -9.65 -5.69 2.91
CA GLY A 69 -10.94 -6.18 2.49
C GLY A 69 -11.12 -7.66 2.79
N SER A 70 -12.33 -8.17 2.56
CA SER A 70 -12.63 -9.58 2.81
C SER A 70 -13.15 -10.26 1.55
N LEU A 71 -12.23 -10.76 0.74
CA LEU A 71 -12.59 -11.44 -0.49
C LEU A 71 -11.61 -12.56 -0.81
N ALA A 72 -12.07 -13.55 -1.57
CA ALA A 72 -11.24 -14.69 -1.94
C ALA A 72 -10.36 -14.35 -3.15
N VAL A 73 -9.44 -15.24 -3.47
CA VAL A 73 -8.54 -15.04 -4.60
C VAL A 73 -8.72 -16.12 -5.65
N ASN A 74 -8.06 -15.95 -6.80
CA ASN A 74 -8.16 -16.91 -7.89
C ASN A 74 -6.79 -17.47 -8.23
N VAL A 75 -6.77 -18.65 -8.85
CA VAL A 75 -5.52 -19.30 -9.24
C VAL A 75 -4.60 -19.47 -8.04
N THR A 76 -4.73 -20.60 -7.36
CA THR A 76 -3.90 -20.90 -6.20
C THR A 76 -2.46 -21.21 -6.61
N MET A 77 -2.31 -21.98 -7.68
CA MET A 77 -0.99 -22.34 -8.18
C MET A 77 -0.85 -21.99 -9.66
N GLY A 1 -4.27 13.30 3.77
CA GLY A 1 -5.35 14.23 3.51
C GLY A 1 -6.07 13.93 2.21
N MET A 2 -5.34 13.47 1.22
CA MET A 2 -5.91 13.14 -0.08
C MET A 2 -5.09 12.08 -0.79
N ILE A 3 -3.78 12.30 -0.86
CA ILE A 3 -2.88 11.35 -1.52
C ILE A 3 -3.07 9.95 -0.97
N LEU A 4 -3.43 9.86 0.30
CA LEU A 4 -3.64 8.58 0.95
C LEU A 4 -4.86 7.88 0.38
N ASN A 5 -6.02 8.53 0.47
CA ASN A 5 -7.26 7.97 -0.04
C ASN A 5 -7.13 7.61 -1.52
N GLU A 6 -6.55 8.53 -2.29
CA GLU A 6 -6.37 8.30 -3.72
C GLU A 6 -5.49 7.08 -3.97
N LEU A 7 -4.50 6.89 -3.10
CA LEU A 7 -3.58 5.75 -3.23
C LEU A 7 -4.31 4.44 -2.99
N LYS A 8 -4.87 4.29 -1.80
CA LYS A 8 -5.60 3.08 -1.43
C LYS A 8 -6.66 2.74 -2.49
N ALA A 9 -7.18 3.78 -3.13
CA ALA A 9 -8.20 3.60 -4.17
C ALA A 9 -7.60 2.98 -5.43
N ALA A 10 -6.44 3.48 -5.83
CA ALA A 10 -5.76 2.98 -7.03
C ALA A 10 -5.13 1.62 -6.76
N ILE A 11 -4.68 1.41 -5.53
CA ILE A 11 -4.05 0.15 -5.15
C ILE A 11 -5.08 -0.96 -5.01
N GLU A 12 -6.21 -0.64 -4.39
CA GLU A 12 -7.28 -1.61 -4.19
C GLU A 12 -7.96 -1.95 -5.51
N SER A 13 -8.09 -0.95 -6.38
CA SER A 13 -8.72 -1.14 -7.67
C SER A 13 -7.74 -1.75 -8.68
N LYS A 14 -6.68 -1.01 -8.99
CA LYS A 14 -5.67 -1.49 -9.93
C LYS A 14 -4.38 -1.82 -9.20
N ASN A 15 -3.35 -2.20 -9.97
CA ASN A 15 -2.06 -2.55 -9.40
C ASN A 15 -1.55 -1.45 -8.46
N GLY A 16 -1.10 -1.86 -7.28
CA GLY A 16 -0.59 -0.90 -6.31
C GLY A 16 0.66 -0.20 -6.79
N ALA A 17 1.31 0.54 -5.89
CA ALA A 17 2.52 1.26 -6.22
C ALA A 17 3.55 1.17 -5.09
N THR A 18 4.80 0.90 -5.45
CA THR A 18 5.87 0.79 -4.47
C THR A 18 5.99 2.07 -3.63
N ARG A 19 6.48 1.92 -2.41
CA ARG A 19 6.64 3.06 -1.51
C ARG A 19 7.70 4.01 -2.03
N GLN A 20 8.61 3.50 -2.86
CA GLN A 20 9.68 4.31 -3.43
C GLN A 20 9.13 5.29 -4.45
N GLU A 21 8.34 4.77 -5.40
CA GLU A 21 7.76 5.61 -6.44
C GLU A 21 6.74 6.59 -5.84
N LEU A 22 6.04 6.15 -4.81
CA LEU A 22 5.04 6.99 -4.15
C LEU A 22 5.69 8.23 -3.55
N ALA A 23 6.71 8.02 -2.72
CA ALA A 23 7.41 9.13 -2.08
C ALA A 23 8.12 10.00 -3.11
N ARG A 24 8.53 9.38 -4.22
CA ARG A 24 9.22 10.11 -5.28
C ARG A 24 8.30 11.14 -5.91
N ARG A 25 7.15 10.69 -6.42
CA ARG A 25 6.20 11.57 -7.06
C ARG A 25 5.71 12.64 -6.08
N PHE A 26 5.56 12.26 -4.82
CA PHE A 26 5.09 13.18 -3.79
C PHE A 26 6.22 14.10 -3.34
N ALA A 27 7.45 13.71 -3.66
CA ALA A 27 8.62 14.50 -3.28
C ALA A 27 8.77 14.60 -1.77
N LEU A 28 8.68 13.46 -1.10
CA LEU A 28 8.80 13.41 0.35
C LEU A 28 9.47 12.12 0.81
N SER A 29 9.75 12.02 2.10
CA SER A 29 10.39 10.84 2.66
C SER A 29 9.49 9.62 2.52
N GLU A 30 10.10 8.47 2.24
CA GLU A 30 9.35 7.22 2.09
C GLU A 30 8.68 6.83 3.40
N ASP A 31 9.27 7.25 4.51
CA ASP A 31 8.72 6.94 5.83
C ASP A 31 7.46 7.75 6.10
N GLY A 32 7.43 8.97 5.58
CA GLY A 32 6.27 9.82 5.78
C GLY A 32 5.08 9.40 4.94
N ILE A 33 5.34 9.07 3.68
CA ILE A 33 4.29 8.65 2.76
C ILE A 33 3.72 7.29 3.16
N ASP A 34 4.59 6.42 3.66
CA ASP A 34 4.18 5.09 4.09
C ASP A 34 3.44 5.14 5.41
N ALA A 35 4.02 5.83 6.39
CA ALA A 35 3.42 5.96 7.71
C ALA A 35 2.03 6.59 7.61
N MET A 36 1.94 7.67 6.85
CA MET A 36 0.66 8.37 6.68
C MET A 36 -0.36 7.47 6.01
N LEU A 37 0.01 6.91 4.86
CA LEU A 37 -0.89 6.02 4.12
C LEU A 37 -1.31 4.83 4.98
N ALA A 38 -0.43 4.42 5.89
CA ALA A 38 -0.73 3.31 6.78
C ALA A 38 -1.72 3.71 7.87
N VAL A 39 -1.68 4.98 8.25
CA VAL A 39 -2.57 5.50 9.29
C VAL A 39 -3.96 5.76 8.73
N TRP A 40 -4.04 6.00 7.42
CA TRP A 40 -5.31 6.26 6.76
C TRP A 40 -6.07 4.96 6.49
N ILE A 41 -5.35 3.98 5.94
CA ILE A 41 -5.96 2.69 5.63
C ILE A 41 -6.00 1.79 6.85
N LYS A 42 -4.97 1.90 7.70
CA LYS A 42 -4.89 1.10 8.91
C LYS A 42 -4.76 2.00 10.15
N LYS A 43 -4.67 1.38 11.32
CA LYS A 43 -4.52 2.11 12.56
C LYS A 43 -3.29 3.02 12.53
N GLY A 44 -2.27 2.60 11.80
CA GLY A 44 -1.05 3.38 11.70
C GLY A 44 0.20 2.55 11.95
N VAL A 45 0.26 1.38 11.32
CA VAL A 45 1.41 0.50 11.48
C VAL A 45 2.40 0.67 10.33
N LEU A 46 2.02 0.16 9.15
CA LEU A 46 2.88 0.26 7.98
C LEU A 46 2.20 -0.37 6.76
N SER A 47 0.87 -0.24 6.70
CA SER A 47 0.10 -0.80 5.60
C SER A 47 0.44 -2.28 5.40
N ARG A 48 -0.05 -2.85 4.29
CA ARG A 48 0.19 -4.25 3.99
C ARG A 48 0.92 -4.40 2.66
N GLN A 49 2.22 -4.71 2.73
CA GLN A 49 3.03 -4.88 1.54
C GLN A 49 3.19 -6.36 1.19
N GLN A 50 3.23 -6.66 -0.10
CA GLN A 50 3.38 -8.03 -0.56
C GLN A 50 4.14 -8.09 -1.88
N TYR A 51 4.74 -9.24 -2.17
CA TYR A 51 5.51 -9.42 -3.40
C TYR A 51 4.85 -10.46 -4.31
N ILE A 52 5.02 -10.28 -5.61
CA ILE A 52 4.44 -11.20 -6.58
C ILE A 52 5.48 -11.63 -7.61
N ASN A 53 5.58 -12.94 -7.85
CA ASN A 53 6.52 -13.47 -8.82
C ASN A 53 7.96 -13.17 -8.39
N ALA A 54 8.16 -13.02 -7.08
CA ALA A 54 9.49 -12.72 -6.55
C ALA A 54 10.38 -13.97 -6.58
N GLU A 55 9.88 -15.06 -6.01
CA GLU A 55 10.64 -16.31 -5.99
C GLU A 55 11.01 -16.75 -7.39
N ASP A 56 10.18 -16.39 -8.36
CA ASP A 56 10.42 -16.75 -9.75
C ASP A 56 11.58 -15.94 -10.34
N GLU A 57 11.80 -14.75 -9.77
CA GLU A 57 12.88 -13.88 -10.23
C GLU A 57 12.65 -13.45 -11.68
N VAL A 58 11.41 -13.10 -11.99
CA VAL A 58 11.04 -12.67 -13.34
C VAL A 58 10.81 -11.16 -13.38
N VAL A 59 9.98 -10.66 -12.47
CA VAL A 59 9.68 -9.24 -12.41
C VAL A 59 9.87 -8.69 -10.99
N ARG A 60 9.45 -9.49 -10.00
CA ARG A 60 9.57 -9.08 -8.61
C ARG A 60 8.97 -7.70 -8.39
N VAL A 61 7.67 -7.67 -8.09
CA VAL A 61 6.97 -6.40 -7.85
C VAL A 61 6.42 -6.35 -6.44
N ARG A 62 6.45 -5.15 -5.85
CA ARG A 62 5.95 -4.96 -4.49
C ARG A 62 5.02 -3.75 -4.42
N TYR A 63 4.00 -3.84 -3.57
CA TYR A 63 3.03 -2.76 -3.41
C TYR A 63 2.32 -2.86 -2.07
N VAL A 64 1.86 -1.72 -1.56
CA VAL A 64 1.15 -1.68 -0.28
C VAL A 64 -0.32 -1.37 -0.49
N MET A 65 -1.19 -2.19 0.09
CA MET A 65 -2.63 -1.99 -0.03
C MET A 65 -3.25 -1.74 1.35
N ASN A 66 -4.47 -1.21 1.34
CA ASN A 66 -5.18 -0.91 2.58
C ASN A 66 -5.32 -2.16 3.44
N GLN A 67 -5.95 -2.01 4.60
CA GLN A 67 -6.14 -3.13 5.52
C GLN A 67 -6.94 -4.24 4.85
N VAL A 68 -6.62 -5.48 5.17
CA VAL A 68 -7.31 -6.63 4.61
C VAL A 68 -8.82 -6.50 4.77
N GLY A 69 -9.55 -6.96 3.76
CA GLY A 69 -11.01 -6.88 3.81
C GLY A 69 -11.63 -8.15 4.35
N SER A 70 -12.96 -8.19 4.35
CA SER A 70 -13.69 -9.36 4.86
C SER A 70 -14.12 -10.26 3.71
N LEU A 71 -14.23 -11.56 4.01
CA LEU A 71 -14.64 -12.53 3.00
C LEU A 71 -15.77 -13.40 3.52
N ALA A 72 -16.56 -13.95 2.59
CA ALA A 72 -17.69 -14.80 2.96
C ALA A 72 -18.00 -15.80 1.84
N VAL A 73 -17.92 -17.09 2.17
CA VAL A 73 -18.19 -18.14 1.20
C VAL A 73 -19.64 -18.61 1.29
N ASN A 74 -20.40 -18.37 0.23
CA ASN A 74 -21.80 -18.76 0.18
C ASN A 74 -22.12 -19.47 -1.13
N VAL A 75 -21.66 -18.91 -2.24
CA VAL A 75 -21.89 -19.48 -3.55
C VAL A 75 -23.39 -19.55 -3.86
N THR A 76 -23.93 -18.48 -4.42
CA THR A 76 -25.34 -18.42 -4.76
C THR A 76 -25.54 -18.28 -6.27
N MET A 77 -24.57 -17.67 -6.94
CA MET A 77 -24.63 -17.48 -8.38
C MET A 77 -23.88 -18.59 -9.11
N GLY A 1 -2.82 18.47 -0.66
CA GLY A 1 -2.24 17.15 -0.56
C GLY A 1 -3.13 16.08 -1.13
N MET A 2 -3.69 15.24 -0.27
CA MET A 2 -4.58 14.16 -0.70
C MET A 2 -3.83 13.16 -1.57
N ILE A 3 -3.26 12.14 -0.93
CA ILE A 3 -2.52 11.12 -1.64
C ILE A 3 -3.06 9.72 -1.33
N LEU A 4 -3.36 9.48 -0.06
CA LEU A 4 -3.88 8.20 0.38
C LEU A 4 -5.21 7.89 -0.30
N ASN A 5 -5.92 8.94 -0.70
CA ASN A 5 -7.20 8.79 -1.36
C ASN A 5 -7.03 8.19 -2.76
N GLU A 6 -6.31 8.92 -3.61
CA GLU A 6 -6.07 8.46 -4.98
C GLU A 6 -5.36 7.11 -4.98
N LEU A 7 -4.34 6.99 -4.13
CA LEU A 7 -3.58 5.75 -4.04
C LEU A 7 -4.47 4.59 -3.59
N LYS A 8 -5.44 4.89 -2.75
CA LYS A 8 -6.37 3.88 -2.24
C LYS A 8 -7.22 3.31 -3.37
N ALA A 9 -7.78 4.19 -4.19
CA ALA A 9 -8.62 3.77 -5.31
C ALA A 9 -7.78 3.09 -6.38
N ALA A 10 -6.50 3.41 -6.43
CA ALA A 10 -5.59 2.82 -7.41
C ALA A 10 -5.14 1.43 -6.97
N ILE A 11 -4.51 1.37 -5.79
CA ILE A 11 -4.03 0.10 -5.26
C ILE A 11 -5.15 -0.92 -5.15
N GLU A 12 -6.37 -0.44 -4.88
CA GLU A 12 -7.53 -1.31 -4.76
C GLU A 12 -8.03 -1.75 -6.13
N SER A 13 -8.46 -0.78 -6.93
CA SER A 13 -8.98 -1.07 -8.27
C SER A 13 -7.93 -1.81 -9.10
N LYS A 14 -6.81 -1.15 -9.37
CA LYS A 14 -5.73 -1.74 -10.15
C LYS A 14 -4.56 -2.14 -9.25
N ASN A 15 -3.45 -2.52 -9.88
CA ASN A 15 -2.26 -2.92 -9.13
C ASN A 15 -1.62 -1.72 -8.44
N GLY A 16 -1.36 -1.85 -7.15
CA GLY A 16 -0.76 -0.76 -6.39
C GLY A 16 0.63 -0.43 -6.89
N ALA A 17 1.35 0.39 -6.12
CA ALA A 17 2.70 0.79 -6.47
C ALA A 17 3.63 0.74 -5.27
N THR A 18 4.91 0.49 -5.53
CA THR A 18 5.90 0.42 -4.45
C THR A 18 5.93 1.71 -3.64
N ARG A 19 6.34 1.60 -2.38
CA ARG A 19 6.41 2.76 -1.50
C ARG A 19 7.43 3.78 -2.03
N GLN A 20 8.36 3.30 -2.83
CA GLN A 20 9.39 4.17 -3.40
C GLN A 20 8.80 5.10 -4.44
N GLU A 21 8.10 4.52 -5.42
CA GLU A 21 7.48 5.31 -6.48
C GLU A 21 6.42 6.25 -5.92
N LEU A 22 5.74 5.81 -4.86
CA LEU A 22 4.71 6.61 -4.23
C LEU A 22 5.29 7.89 -3.65
N ALA A 23 6.28 7.74 -2.78
CA ALA A 23 6.92 8.89 -2.15
C ALA A 23 7.55 9.81 -3.19
N ARG A 24 7.99 9.22 -4.30
CA ARG A 24 8.62 9.99 -5.37
C ARG A 24 7.63 11.00 -5.96
N ARG A 25 6.47 10.51 -6.39
CA ARG A 25 5.45 11.36 -6.97
C ARG A 25 4.98 12.41 -5.96
N PHE A 26 4.91 12.02 -4.69
CA PHE A 26 4.47 12.92 -3.63
C PHE A 26 5.58 13.88 -3.25
N ALA A 27 6.81 13.56 -3.66
CA ALA A 27 7.96 14.39 -3.36
C ALA A 27 8.22 14.46 -1.85
N LEU A 28 8.24 13.29 -1.21
CA LEU A 28 8.46 13.21 0.22
C LEU A 28 9.22 11.93 0.57
N SER A 29 9.60 11.81 1.85
CA SER A 29 10.34 10.65 2.31
C SER A 29 9.46 9.40 2.28
N GLU A 30 10.05 8.27 1.93
CA GLU A 30 9.33 7.01 1.85
C GLU A 30 8.78 6.61 3.21
N ASP A 31 9.46 7.04 4.27
CA ASP A 31 9.05 6.73 5.63
C ASP A 31 7.78 7.50 6.00
N GLY A 32 7.68 8.73 5.51
CA GLY A 32 6.52 9.55 5.80
C GLY A 32 5.28 9.07 5.07
N ILE A 33 5.43 8.73 3.79
CA ILE A 33 4.32 8.27 2.98
C ILE A 33 3.81 6.91 3.48
N ASP A 34 4.73 6.07 3.93
CA ASP A 34 4.37 4.75 4.44
C ASP A 34 3.58 4.87 5.73
N ALA A 35 4.05 5.70 6.65
CA ALA A 35 3.39 5.90 7.93
C ALA A 35 2.00 6.51 7.74
N MET A 36 1.92 7.48 6.83
CA MET A 36 0.65 8.15 6.55
C MET A 36 -0.41 7.15 6.09
N LEU A 37 -0.04 6.30 5.14
CA LEU A 37 -0.95 5.31 4.62
C LEU A 37 -1.28 4.26 5.68
N ALA A 38 -0.35 4.05 6.60
CA ALA A 38 -0.55 3.08 7.68
C ALA A 38 -1.53 3.61 8.72
N VAL A 39 -1.37 4.87 9.08
CA VAL A 39 -2.24 5.51 10.06
C VAL A 39 -3.63 5.77 9.48
N TRP A 40 -3.71 5.85 8.17
CA TRP A 40 -4.97 6.10 7.49
C TRP A 40 -5.80 4.81 7.40
N ILE A 41 -5.13 3.72 7.09
CA ILE A 41 -5.80 2.42 6.96
C ILE A 41 -5.98 1.77 8.33
N LYS A 42 -5.00 1.97 9.21
CA LYS A 42 -5.05 1.40 10.55
C LYS A 42 -4.46 2.37 11.57
N LYS A 43 -4.26 1.89 12.80
CA LYS A 43 -3.70 2.70 13.86
C LYS A 43 -2.35 3.27 13.46
N GLY A 44 -1.62 2.53 12.62
CA GLY A 44 -0.32 2.97 12.17
C GLY A 44 0.75 1.92 12.36
N VAL A 45 0.63 0.82 11.61
CA VAL A 45 1.61 -0.27 11.70
C VAL A 45 2.64 -0.18 10.59
N LEU A 46 2.23 -0.48 9.37
CA LEU A 46 3.12 -0.43 8.21
C LEU A 46 2.39 -0.81 6.93
N SER A 47 1.11 -0.43 6.85
CA SER A 47 0.30 -0.75 5.69
C SER A 47 0.36 -2.23 5.34
N ARG A 48 -0.16 -2.59 4.18
CA ARG A 48 -0.16 -3.98 3.74
C ARG A 48 0.55 -4.12 2.40
N GLN A 49 1.76 -4.66 2.44
CA GLN A 49 2.55 -4.85 1.22
C GLN A 49 2.46 -6.30 0.73
N GLN A 50 2.42 -6.46 -0.59
CA GLN A 50 2.34 -7.79 -1.17
C GLN A 50 3.38 -7.97 -2.27
N TYR A 51 4.20 -9.00 -2.14
CA TYR A 51 5.25 -9.28 -3.12
C TYR A 51 4.69 -10.05 -4.31
N ILE A 52 5.27 -9.81 -5.48
CA ILE A 52 4.83 -10.48 -6.70
C ILE A 52 5.99 -10.70 -7.66
N ASN A 53 6.19 -11.94 -8.08
CA ASN A 53 7.27 -12.27 -9.01
C ASN A 53 7.23 -13.75 -9.36
N ALA A 54 7.54 -14.60 -8.38
CA ALA A 54 7.55 -16.04 -8.58
C ALA A 54 7.15 -16.78 -7.30
N GLU A 55 7.83 -16.46 -6.21
CA GLU A 55 7.55 -17.10 -4.93
C GLU A 55 7.54 -16.06 -3.79
N ASP A 56 8.73 -15.62 -3.40
CA ASP A 56 8.86 -14.63 -2.34
C ASP A 56 10.34 -14.28 -2.10
N GLU A 57 11.20 -15.28 -2.26
CA GLU A 57 12.63 -15.07 -2.06
C GLU A 57 13.19 -14.07 -3.06
N VAL A 58 12.47 -13.89 -4.17
CA VAL A 58 12.89 -12.95 -5.21
C VAL A 58 12.66 -11.51 -4.77
N VAL A 59 11.41 -11.18 -4.47
CA VAL A 59 11.07 -9.83 -4.03
C VAL A 59 11.30 -8.83 -5.14
N ARG A 60 10.77 -9.13 -6.33
CA ARG A 60 10.90 -8.24 -7.48
C ARG A 60 10.10 -6.98 -7.29
N VAL A 61 8.77 -7.11 -7.31
CA VAL A 61 7.88 -5.96 -7.14
C VAL A 61 6.97 -6.14 -5.92
N ARG A 62 6.56 -5.03 -5.34
CA ARG A 62 5.68 -5.08 -4.16
C ARG A 62 4.91 -3.76 -4.02
N TYR A 63 3.60 -3.87 -3.83
CA TYR A 63 2.75 -2.70 -3.68
C TYR A 63 2.06 -2.70 -2.31
N VAL A 64 1.85 -1.50 -1.78
CA VAL A 64 1.22 -1.35 -0.48
C VAL A 64 -0.21 -0.83 -0.62
N MET A 65 -1.11 -1.33 0.22
CA MET A 65 -2.50 -0.92 0.18
C MET A 65 -2.90 -0.23 1.49
N ASN A 66 -3.95 0.59 1.42
CA ASN A 66 -4.43 1.30 2.60
C ASN A 66 -5.95 1.36 2.62
N GLN A 67 -6.58 0.23 2.29
CA GLN A 67 -8.04 0.15 2.27
C GLN A 67 -8.51 -1.26 2.58
N VAL A 68 -9.40 -1.38 3.56
CA VAL A 68 -9.93 -2.68 3.96
C VAL A 68 -11.38 -2.84 3.51
N GLY A 69 -12.09 -1.72 3.42
CA GLY A 69 -13.48 -1.76 3.01
C GLY A 69 -13.77 -0.78 1.88
N SER A 70 -14.92 -0.12 1.97
CA SER A 70 -15.32 0.85 0.94
C SER A 70 -15.00 2.27 1.39
N LEU A 71 -15.61 2.69 2.48
CA LEU A 71 -15.39 4.04 3.01
C LEU A 71 -15.77 5.10 1.99
N ALA A 72 -15.71 6.36 2.40
CA ALA A 72 -16.05 7.47 1.51
C ALA A 72 -17.46 7.31 0.94
N VAL A 73 -17.85 8.24 0.08
CA VAL A 73 -19.18 8.20 -0.53
C VAL A 73 -20.27 8.06 0.52
N ASN A 74 -20.59 9.16 1.20
CA ASN A 74 -21.61 9.16 2.23
C ASN A 74 -22.70 10.18 1.91
N VAL A 75 -22.93 10.43 0.63
CA VAL A 75 -23.94 11.38 0.19
C VAL A 75 -25.02 10.69 -0.62
N THR A 76 -26.12 11.41 -0.86
CA THR A 76 -27.23 10.87 -1.63
C THR A 76 -27.22 11.39 -3.06
N MET A 77 -27.70 10.57 -4.00
CA MET A 77 -27.74 10.96 -5.39
C MET A 77 -29.17 11.25 -5.84
N GLY A 1 -4.75 18.28 -0.47
CA GLY A 1 -5.74 17.27 -0.16
C GLY A 1 -5.11 15.96 0.27
N MET A 2 -5.92 14.90 0.32
CA MET A 2 -5.43 13.59 0.73
C MET A 2 -5.01 12.77 -0.49
N ILE A 3 -3.86 12.11 -0.38
CA ILE A 3 -3.34 11.29 -1.47
C ILE A 3 -3.67 9.82 -1.24
N LEU A 4 -3.87 9.44 0.01
CA LEU A 4 -4.20 8.06 0.36
C LEU A 4 -5.50 7.63 -0.31
N ASN A 5 -6.35 8.60 -0.64
CA ASN A 5 -7.62 8.31 -1.29
C ASN A 5 -7.41 7.72 -2.68
N GLU A 6 -6.69 8.46 -3.53
CA GLU A 6 -6.42 8.01 -4.89
C GLU A 6 -5.41 6.86 -4.88
N LEU A 7 -4.59 6.81 -3.84
CA LEU A 7 -3.59 5.75 -3.71
C LEU A 7 -4.23 4.41 -3.40
N LYS A 8 -4.94 4.35 -2.28
CA LYS A 8 -5.61 3.12 -1.87
C LYS A 8 -6.66 2.70 -2.90
N ALA A 9 -7.27 3.69 -3.55
CA ALA A 9 -8.28 3.42 -4.56
C ALA A 9 -7.67 2.80 -5.81
N ALA A 10 -6.52 3.33 -6.22
CA ALA A 10 -5.83 2.83 -7.40
C ALA A 10 -5.21 1.46 -7.13
N ILE A 11 -4.78 1.25 -5.89
CA ILE A 11 -4.17 -0.02 -5.50
C ILE A 11 -5.20 -1.12 -5.37
N GLU A 12 -6.32 -0.79 -4.70
CA GLU A 12 -7.38 -1.76 -4.50
C GLU A 12 -8.12 -2.03 -5.81
N SER A 13 -8.08 -1.07 -6.72
CA SER A 13 -8.75 -1.21 -8.01
C SER A 13 -7.86 -1.95 -9.01
N LYS A 14 -6.72 -1.35 -9.34
CA LYS A 14 -5.78 -1.95 -10.27
C LYS A 14 -4.45 -2.23 -9.59
N ASN A 15 -3.45 -2.61 -10.39
CA ASN A 15 -2.12 -2.90 -9.86
C ASN A 15 -1.61 -1.76 -9.00
N GLY A 16 -1.45 -2.03 -7.70
CA GLY A 16 -0.97 -1.02 -6.79
C GLY A 16 0.49 -0.66 -7.03
N ALA A 17 0.95 0.42 -6.40
CA ALA A 17 2.33 0.86 -6.54
C ALA A 17 3.13 0.57 -5.28
N THR A 18 4.41 0.93 -5.31
CA THR A 18 5.29 0.72 -4.16
C THR A 18 5.50 2.00 -3.39
N ARG A 19 6.42 1.96 -2.42
CA ARG A 19 6.73 3.12 -1.59
C ARG A 19 7.32 4.24 -2.45
N GLN A 20 7.89 3.89 -3.59
CA GLN A 20 8.49 4.86 -4.49
C GLN A 20 7.42 5.75 -5.12
N GLU A 21 6.24 5.18 -5.36
CA GLU A 21 5.15 5.93 -5.96
C GLU A 21 4.41 6.75 -4.91
N LEU A 22 4.11 6.13 -3.77
CA LEU A 22 3.40 6.79 -2.69
C LEU A 22 4.17 8.04 -2.23
N ALA A 23 5.49 7.91 -2.12
CA ALA A 23 6.34 9.01 -1.70
C ALA A 23 6.50 10.04 -2.82
N ARG A 24 6.75 9.56 -4.03
CA ARG A 24 6.93 10.43 -5.18
C ARG A 24 5.65 11.20 -5.47
N ARG A 25 4.52 10.66 -5.04
CA ARG A 25 3.22 11.29 -5.26
C ARG A 25 2.98 12.39 -4.22
N PHE A 26 3.19 12.07 -2.96
CA PHE A 26 2.99 13.03 -1.88
C PHE A 26 4.16 14.00 -1.80
N ALA A 27 5.21 13.72 -2.56
CA ALA A 27 6.39 14.58 -2.58
C ALA A 27 7.08 14.61 -1.21
N LEU A 28 7.27 13.44 -0.62
CA LEU A 28 7.90 13.33 0.68
C LEU A 28 8.72 12.05 0.78
N SER A 29 9.45 11.90 1.89
CA SER A 29 10.28 10.72 2.11
C SER A 29 9.43 9.46 2.12
N GLU A 30 9.98 8.38 1.56
CA GLU A 30 9.27 7.11 1.50
C GLU A 30 8.88 6.64 2.90
N ASP A 31 9.70 7.00 3.89
CA ASP A 31 9.45 6.62 5.28
C ASP A 31 8.31 7.44 5.87
N GLY A 32 8.22 8.71 5.46
CA GLY A 32 7.18 9.58 5.95
C GLY A 32 5.81 9.26 5.37
N ILE A 33 5.80 8.82 4.12
CA ILE A 33 4.56 8.47 3.45
C ILE A 33 4.07 7.09 3.87
N ASP A 34 5.02 6.20 4.13
CA ASP A 34 4.69 4.84 4.54
C ASP A 34 4.13 4.81 5.96
N ALA A 35 4.73 5.62 6.84
CA ALA A 35 4.29 5.70 8.23
C ALA A 35 2.99 6.50 8.35
N MET A 36 2.92 7.59 7.60
CA MET A 36 1.74 8.45 7.62
C MET A 36 0.49 7.67 7.22
N LEU A 37 0.58 6.97 6.09
CA LEU A 37 -0.54 6.17 5.61
C LEU A 37 -0.84 5.00 6.53
N ALA A 38 0.21 4.35 7.00
CA ALA A 38 0.07 3.21 7.91
C ALA A 38 -0.64 3.62 9.19
N VAL A 39 -0.24 4.76 9.75
CA VAL A 39 -0.84 5.26 10.98
C VAL A 39 -2.24 5.80 10.72
N TRP A 40 -2.49 6.22 9.48
CA TRP A 40 -3.79 6.76 9.11
C TRP A 40 -4.80 5.64 8.88
N ILE A 41 -4.38 4.59 8.18
CA ILE A 41 -5.25 3.46 7.91
C ILE A 41 -5.33 2.52 9.11
N LYS A 42 -4.22 2.39 9.83
CA LYS A 42 -4.16 1.52 11.00
C LYS A 42 -3.34 2.16 12.11
N LYS A 43 -3.15 1.43 13.20
CA LYS A 43 -2.38 1.92 14.34
C LYS A 43 -0.93 1.47 14.24
N GLY A 44 -0.70 0.16 14.39
CA GLY A 44 0.64 -0.37 14.31
C GLY A 44 0.75 -1.55 13.36
N VAL A 45 0.07 -1.44 12.22
CA VAL A 45 0.09 -2.51 11.22
C VAL A 45 1.15 -2.24 10.16
N LEU A 46 1.50 -0.97 9.99
CA LEU A 46 2.51 -0.58 9.01
C LEU A 46 2.05 -0.92 7.59
N SER A 47 0.80 -0.57 7.29
CA SER A 47 0.24 -0.83 5.97
C SER A 47 0.37 -2.30 5.60
N ARG A 48 0.08 -2.62 4.35
CA ARG A 48 0.17 -4.00 3.86
C ARG A 48 0.96 -4.06 2.56
N GLN A 49 2.20 -4.54 2.64
CA GLN A 49 3.06 -4.65 1.47
C GLN A 49 3.13 -6.09 0.98
N GLN A 50 2.69 -6.33 -0.25
CA GLN A 50 2.70 -7.66 -0.82
C GLN A 50 3.46 -7.67 -2.15
N TYR A 51 4.17 -8.75 -2.42
CA TYR A 51 4.93 -8.89 -3.65
C TYR A 51 4.14 -9.64 -4.71
N ILE A 52 4.43 -9.36 -5.97
CA ILE A 52 3.74 -10.01 -7.08
C ILE A 52 4.40 -9.68 -8.42
N ASN A 53 4.76 -10.72 -9.16
CA ASN A 53 5.41 -10.53 -10.46
C ASN A 53 5.70 -11.88 -11.12
N ALA A 54 6.04 -12.87 -10.30
CA ALA A 54 6.34 -14.20 -10.81
C ALA A 54 6.68 -15.16 -9.66
N GLU A 55 7.33 -14.63 -8.63
CA GLU A 55 7.72 -15.44 -7.48
C GLU A 55 8.69 -16.54 -7.89
N ASP A 56 9.69 -16.17 -8.68
CA ASP A 56 10.70 -17.13 -9.13
C ASP A 56 12.03 -16.43 -9.39
N GLU A 57 12.06 -15.58 -10.40
CA GLU A 57 13.27 -14.85 -10.75
C GLU A 57 13.04 -13.93 -11.94
N VAL A 58 12.21 -12.91 -11.73
CA VAL A 58 11.90 -11.95 -12.79
C VAL A 58 12.17 -10.52 -12.32
N VAL A 59 11.32 -10.01 -11.45
CA VAL A 59 11.47 -8.66 -10.92
C VAL A 59 10.91 -8.55 -9.50
N ARG A 60 9.73 -9.11 -9.29
CA ARG A 60 9.09 -9.07 -7.98
C ARG A 60 8.81 -7.63 -7.55
N VAL A 61 7.54 -7.23 -7.64
CA VAL A 61 7.14 -5.88 -7.26
C VAL A 61 6.31 -5.90 -5.97
N ARG A 62 6.79 -5.18 -4.96
CA ARG A 62 6.10 -5.11 -3.68
C ARG A 62 5.29 -3.82 -3.57
N TYR A 63 3.97 -3.96 -3.63
CA TYR A 63 3.08 -2.81 -3.55
C TYR A 63 2.44 -2.72 -2.17
N VAL A 64 2.33 -1.50 -1.65
CA VAL A 64 1.74 -1.28 -0.33
C VAL A 64 0.36 -0.65 -0.46
N MET A 65 -0.62 -1.26 0.21
CA MET A 65 -1.99 -0.76 0.17
C MET A 65 -2.45 -0.33 1.56
N ASN A 66 -3.49 0.48 1.62
CA ASN A 66 -4.03 0.97 2.89
C ASN A 66 -5.56 0.93 2.88
N GLN A 67 -6.11 -0.28 2.74
CA GLN A 67 -7.56 -0.45 2.73
C GLN A 67 -7.93 -1.92 2.66
N VAL A 68 -7.52 -2.68 3.66
CA VAL A 68 -7.81 -4.11 3.72
C VAL A 68 -9.25 -4.36 4.18
N GLY A 69 -9.54 -3.99 5.41
CA GLY A 69 -10.88 -4.18 5.95
C GLY A 69 -10.87 -4.88 7.30
N SER A 70 -9.94 -5.82 7.47
CA SER A 70 -9.83 -6.56 8.72
C SER A 70 -9.49 -5.63 9.88
N LEU A 71 -10.22 -5.77 10.98
CA LEU A 71 -9.99 -4.95 12.16
C LEU A 71 -9.45 -5.79 13.32
N ALA A 72 -8.14 -5.82 13.45
CA ALA A 72 -7.49 -6.58 14.52
C ALA A 72 -7.66 -5.88 15.86
N VAL A 73 -7.48 -6.64 16.94
CA VAL A 73 -7.60 -6.09 18.29
C VAL A 73 -6.65 -6.79 19.25
N ASN A 74 -5.63 -6.05 19.69
CA ASN A 74 -4.65 -6.60 20.62
C ASN A 74 -3.88 -7.75 19.98
N VAL A 75 -2.70 -7.45 19.46
CA VAL A 75 -1.87 -8.47 18.82
C VAL A 75 -0.48 -8.51 19.44
N THR A 76 0.00 -9.73 19.71
CA THR A 76 1.32 -9.91 20.31
C THR A 76 1.99 -11.17 19.78
N MET A 77 1.82 -11.43 18.49
CA MET A 77 2.41 -12.60 17.86
C MET A 77 1.92 -13.88 18.52
#